data_3DDT
# 
_entry.id   3DDT 
# 
_audit_conform.dict_name       mmcif_pdbx.dic 
_audit_conform.dict_version    5.388 
_audit_conform.dict_location   http://mmcif.pdb.org/dictionaries/ascii/mmcif_pdbx.dic 
# 
loop_
_database_2.database_id 
_database_2.database_code 
_database_2.pdbx_database_accession 
_database_2.pdbx_DOI 
PDB   3DDT         pdb_00003ddt 10.2210/pdb3ddt/pdb 
RCSB  RCSB047913   ?            ?                   
WWPDB D_1000047913 ?            ?                   
# 
loop_
_pdbx_audit_revision_history.ordinal 
_pdbx_audit_revision_history.data_content_type 
_pdbx_audit_revision_history.major_revision 
_pdbx_audit_revision_history.minor_revision 
_pdbx_audit_revision_history.revision_date 
1 'Structure model' 1 0 2008-10-07 
2 'Structure model' 1 1 2011-07-13 
3 'Structure model' 1 2 2024-03-20 
# 
_pdbx_audit_revision_details.ordinal             1 
_pdbx_audit_revision_details.revision_ordinal    1 
_pdbx_audit_revision_details.data_content_type   'Structure model' 
_pdbx_audit_revision_details.provider            repository 
_pdbx_audit_revision_details.type                'Initial release' 
_pdbx_audit_revision_details.description         ? 
_pdbx_audit_revision_details.details             ? 
# 
loop_
_pdbx_audit_revision_group.ordinal 
_pdbx_audit_revision_group.revision_ordinal 
_pdbx_audit_revision_group.data_content_type 
_pdbx_audit_revision_group.group 
1 2 'Structure model' 'Version format compliance' 
2 3 'Structure model' 'Data collection'           
3 3 'Structure model' 'Database references'       
4 3 'Structure model' 'Derived calculations'      
# 
loop_
_pdbx_audit_revision_category.ordinal 
_pdbx_audit_revision_category.revision_ordinal 
_pdbx_audit_revision_category.data_content_type 
_pdbx_audit_revision_category.category 
1 3 'Structure model' chem_comp_atom     
2 3 'Structure model' chem_comp_bond     
3 3 'Structure model' database_2         
4 3 'Structure model' struct_ref_seq_dif 
5 3 'Structure model' struct_site        
# 
loop_
_pdbx_audit_revision_item.ordinal 
_pdbx_audit_revision_item.revision_ordinal 
_pdbx_audit_revision_item.data_content_type 
_pdbx_audit_revision_item.item 
1 3 'Structure model' '_database_2.pdbx_DOI'                
2 3 'Structure model' '_database_2.pdbx_database_accession' 
3 3 'Structure model' '_struct_ref_seq_dif.details'         
4 3 'Structure model' '_struct_site.pdbx_auth_asym_id'      
5 3 'Structure model' '_struct_site.pdbx_auth_comp_id'      
6 3 'Structure model' '_struct_site.pdbx_auth_seq_id'       
# 
_pdbx_database_status.status_code                     REL 
_pdbx_database_status.entry_id                        3DDT 
_pdbx_database_status.recvd_initial_deposition_date   2008-06-06 
_pdbx_database_status.deposit_site                    RCSB 
_pdbx_database_status.process_site                    PDBJ 
_pdbx_database_status.status_code_sf                  REL 
_pdbx_database_status.status_code_mr                  ? 
_pdbx_database_status.SG_entry                        ? 
_pdbx_database_status.pdb_format_compatible           Y 
_pdbx_database_status.status_code_cs                  ? 
_pdbx_database_status.status_code_nmr_data            ? 
_pdbx_database_status.methods_development_category    ? 
# 
loop_
_audit_author.name 
_audit_author.pdbx_ordinal 
'Mayans, O.' 1 
'Mrosek, M.' 2 
# 
_citation.id                        primary 
_citation.title                     
'Structural analysis of B-Box 2 from MuRF1: identification of a novel self-association pattern in a RING-like fold' 
_citation.journal_abbrev            Biochemistry 
_citation.journal_volume            47 
_citation.page_first                10722 
_citation.page_last                 10730 
_citation.year                      2008 
_citation.journal_id_ASTM           BICHAW 
_citation.country                   US 
_citation.journal_id_ISSN           0006-2960 
_citation.journal_id_CSD            0033 
_citation.book_publisher            ? 
_citation.pdbx_database_id_PubMed   18795805 
_citation.pdbx_database_id_DOI      10.1021/bi800733z 
# 
loop_
_citation_author.citation_id 
_citation_author.name 
_citation_author.ordinal 
_citation_author.identifier_ORCID 
primary 'Mrosek, M.'          1  ? 
primary 'Meier, S.'           2  ? 
primary 'Ucurum-Fotiadis, Z.' 3  ? 
primary 'von Castelmur, E.'   4  ? 
primary 'Hedbom, E.'          5  ? 
primary 'Lustig, A.'          6  ? 
primary 'Grzesiek, S.'        7  ? 
primary 'Labeit, D.'          8  ? 
primary 'Labeit, S.'          9  ? 
primary 'Mayans, O.'          10 ? 
# 
loop_
_entity.id 
_entity.type 
_entity.src_method 
_entity.pdbx_description 
_entity.formula_weight 
_entity.pdbx_number_of_molecules 
_entity.pdbx_ec 
_entity.pdbx_mutation 
_entity.pdbx_fragment 
_entity.details 
1 polymer     man 'E3 ubiquitin-protein ligase TRIM63' 5277.209 3   6.3.2.- ? B2-box ? 
2 non-polymer syn 'ZINC ION'                           65.409   6   ?       ? ?      ? 
3 water       nat water                                18.015   158 ?       ? ?      ? 
# 
_entity_name_com.entity_id   1 
_entity_name_com.name        
;Tripartite motif-containing protein 63, Muscle-specific RING finger protein 1, MuRF1, MURF-1, RING finger protein 28, Striated muscle RING zinc finger protein, Iris RING finger protein
;
# 
_entity_poly.entity_id                      1 
_entity_poly.type                           'polypeptide(L)' 
_entity_poly.nstd_linkage                   no 
_entity_poly.nstd_monomer                   no 
_entity_poly.pdbx_seq_one_letter_code       GAMGSHPMCKEHEDEKINIYCLTCEVPTCSMCKVFGIHKACEVAPLQS 
_entity_poly.pdbx_seq_one_letter_code_can   GAMGSHPMCKEHEDEKINIYCLTCEVPTCSMCKVFGIHKACEVAPLQS 
_entity_poly.pdbx_strand_id                 A,B,C 
_entity_poly.pdbx_target_identifier         ? 
# 
loop_
_pdbx_entity_nonpoly.entity_id 
_pdbx_entity_nonpoly.name 
_pdbx_entity_nonpoly.comp_id 
2 'ZINC ION' ZN  
3 water      HOH 
# 
loop_
_entity_poly_seq.entity_id 
_entity_poly_seq.num 
_entity_poly_seq.mon_id 
_entity_poly_seq.hetero 
1 1  GLY n 
1 2  ALA n 
1 3  MET n 
1 4  GLY n 
1 5  SER n 
1 6  HIS n 
1 7  PRO n 
1 8  MET n 
1 9  CYS n 
1 10 LYS n 
1 11 GLU n 
1 12 HIS n 
1 13 GLU n 
1 14 ASP n 
1 15 GLU n 
1 16 LYS n 
1 17 ILE n 
1 18 ASN n 
1 19 ILE n 
1 20 TYR n 
1 21 CYS n 
1 22 LEU n 
1 23 THR n 
1 24 CYS n 
1 25 GLU n 
1 26 VAL n 
1 27 PRO n 
1 28 THR n 
1 29 CYS n 
1 30 SER n 
1 31 MET n 
1 32 CYS n 
1 33 LYS n 
1 34 VAL n 
1 35 PHE n 
1 36 GLY n 
1 37 ILE n 
1 38 HIS n 
1 39 LYS n 
1 40 ALA n 
1 41 CYS n 
1 42 GLU n 
1 43 VAL n 
1 44 ALA n 
1 45 PRO n 
1 46 LEU n 
1 47 GLN n 
1 48 SER n 
# 
_entity_src_gen.entity_id                          1 
_entity_src_gen.pdbx_src_id                        1 
_entity_src_gen.pdbx_alt_source_flag               sample 
_entity_src_gen.pdbx_seq_type                      ? 
_entity_src_gen.pdbx_beg_seq_num                   ? 
_entity_src_gen.pdbx_end_seq_num                   ? 
_entity_src_gen.gene_src_common_name               human 
_entity_src_gen.gene_src_genus                     ? 
_entity_src_gen.pdbx_gene_src_gene                 ? 
_entity_src_gen.gene_src_species                   ? 
_entity_src_gen.gene_src_strain                    ? 
_entity_src_gen.gene_src_tissue                    ? 
_entity_src_gen.gene_src_tissue_fraction           ? 
_entity_src_gen.gene_src_details                   ? 
_entity_src_gen.pdbx_gene_src_fragment             ? 
_entity_src_gen.pdbx_gene_src_scientific_name      'Homo sapiens' 
_entity_src_gen.pdbx_gene_src_ncbi_taxonomy_id     9606 
_entity_src_gen.pdbx_gene_src_variant              ? 
_entity_src_gen.pdbx_gene_src_cell_line            ? 
_entity_src_gen.pdbx_gene_src_atcc                 ? 
_entity_src_gen.pdbx_gene_src_organ                ? 
_entity_src_gen.pdbx_gene_src_organelle            ? 
_entity_src_gen.pdbx_gene_src_cell                 ? 
_entity_src_gen.pdbx_gene_src_cellular_location    ? 
_entity_src_gen.host_org_common_name               ? 
_entity_src_gen.pdbx_host_org_scientific_name      'Escherichia coli' 
_entity_src_gen.pdbx_host_org_ncbi_taxonomy_id     562 
_entity_src_gen.host_org_genus                     ? 
_entity_src_gen.pdbx_host_org_gene                 ? 
_entity_src_gen.pdbx_host_org_organ                ? 
_entity_src_gen.host_org_species                   ? 
_entity_src_gen.pdbx_host_org_tissue               ? 
_entity_src_gen.pdbx_host_org_tissue_fraction      ? 
_entity_src_gen.pdbx_host_org_strain               ? 
_entity_src_gen.pdbx_host_org_variant              ? 
_entity_src_gen.pdbx_host_org_cell_line            ? 
_entity_src_gen.pdbx_host_org_atcc                 ? 
_entity_src_gen.pdbx_host_org_culture_collection   ? 
_entity_src_gen.pdbx_host_org_cell                 ? 
_entity_src_gen.pdbx_host_org_organelle            ? 
_entity_src_gen.pdbx_host_org_cellular_location    ? 
_entity_src_gen.pdbx_host_org_vector_type          plasmid 
_entity_src_gen.pdbx_host_org_vector               ? 
_entity_src_gen.host_org_details                   ? 
_entity_src_gen.expression_system_id               ? 
_entity_src_gen.plasmid_name                       pETM-11 
_entity_src_gen.plasmid_details                    ? 
_entity_src_gen.pdbx_description                   ? 
# 
loop_
_chem_comp.id 
_chem_comp.type 
_chem_comp.mon_nstd_flag 
_chem_comp.name 
_chem_comp.pdbx_synonyms 
_chem_comp.formula 
_chem_comp.formula_weight 
ALA 'L-peptide linking' y ALANINE         ? 'C3 H7 N O2'     89.093  
ASN 'L-peptide linking' y ASPARAGINE      ? 'C4 H8 N2 O3'    132.118 
ASP 'L-peptide linking' y 'ASPARTIC ACID' ? 'C4 H7 N O4'     133.103 
CYS 'L-peptide linking' y CYSTEINE        ? 'C3 H7 N O2 S'   121.158 
GLN 'L-peptide linking' y GLUTAMINE       ? 'C5 H10 N2 O3'   146.144 
GLU 'L-peptide linking' y 'GLUTAMIC ACID' ? 'C5 H9 N O4'     147.129 
GLY 'peptide linking'   y GLYCINE         ? 'C2 H5 N O2'     75.067  
HIS 'L-peptide linking' y HISTIDINE       ? 'C6 H10 N3 O2 1' 156.162 
HOH non-polymer         . WATER           ? 'H2 O'           18.015  
ILE 'L-peptide linking' y ISOLEUCINE      ? 'C6 H13 N O2'    131.173 
LEU 'L-peptide linking' y LEUCINE         ? 'C6 H13 N O2'    131.173 
LYS 'L-peptide linking' y LYSINE          ? 'C6 H15 N2 O2 1' 147.195 
MET 'L-peptide linking' y METHIONINE      ? 'C5 H11 N O2 S'  149.211 
PHE 'L-peptide linking' y PHENYLALANINE   ? 'C9 H11 N O2'    165.189 
PRO 'L-peptide linking' y PROLINE         ? 'C5 H9 N O2'     115.130 
SER 'L-peptide linking' y SERINE          ? 'C3 H7 N O3'     105.093 
THR 'L-peptide linking' y THREONINE       ? 'C4 H9 N O3'     119.119 
TYR 'L-peptide linking' y TYROSINE        ? 'C9 H11 N O3'    181.189 
VAL 'L-peptide linking' y VALINE          ? 'C5 H11 N O2'    117.146 
ZN  non-polymer         . 'ZINC ION'      ? 'Zn 2'           65.409  
# 
loop_
_pdbx_poly_seq_scheme.asym_id 
_pdbx_poly_seq_scheme.entity_id 
_pdbx_poly_seq_scheme.seq_id 
_pdbx_poly_seq_scheme.mon_id 
_pdbx_poly_seq_scheme.ndb_seq_num 
_pdbx_poly_seq_scheme.pdb_seq_num 
_pdbx_poly_seq_scheme.auth_seq_num 
_pdbx_poly_seq_scheme.pdb_mon_id 
_pdbx_poly_seq_scheme.auth_mon_id 
_pdbx_poly_seq_scheme.pdb_strand_id 
_pdbx_poly_seq_scheme.pdb_ins_code 
_pdbx_poly_seq_scheme.hetero 
A 1 1  GLY 1  -2 -2 GLY GLY A . n 
A 1 2  ALA 2  -1 -1 ALA ALA A . n 
A 1 3  MET 3  0  0  MET MET A . n 
A 1 4  GLY 4  1  1  GLY GLY A . n 
A 1 5  SER 5  2  2  SER SER A . n 
A 1 6  HIS 6  3  3  HIS HIS A . n 
A 1 7  PRO 7  4  4  PRO PRO A . n 
A 1 8  MET 8  5  5  MET MET A . n 
A 1 9  CYS 9  6  6  CYS CYS A . n 
A 1 10 LYS 10 7  7  LYS LYS A . n 
A 1 11 GLU 11 8  8  GLU GLU A . n 
A 1 12 HIS 12 9  9  HIS HIS A . n 
A 1 13 GLU 13 10 10 GLU GLU A . n 
A 1 14 ASP 14 11 11 ASP ASP A . n 
A 1 15 GLU 15 12 12 GLU GLU A . n 
A 1 16 LYS 16 13 13 LYS LYS A . n 
A 1 17 ILE 17 14 14 ILE ILE A . n 
A 1 18 ASN 18 15 15 ASN ASN A . n 
A 1 19 ILE 19 16 16 ILE ILE A . n 
A 1 20 TYR 20 17 17 TYR TYR A . n 
A 1 21 CYS 21 18 18 CYS CYS A . n 
A 1 22 LEU 22 19 19 LEU LEU A . n 
A 1 23 THR 23 20 20 THR THR A . n 
A 1 24 CYS 24 21 21 CYS CYS A . n 
A 1 25 GLU 25 22 22 GLU GLU A . n 
A 1 26 VAL 26 23 23 VAL VAL A . n 
A 1 27 PRO 27 24 24 PRO PRO A . n 
A 1 28 THR 28 25 25 THR THR A . n 
A 1 29 CYS 29 26 26 CYS CYS A . n 
A 1 30 SER 30 27 27 SER SER A . n 
A 1 31 MET 31 28 28 MET MET A . n 
A 1 32 CYS 32 29 29 CYS CYS A . n 
A 1 33 LYS 33 30 30 LYS LYS A . n 
A 1 34 VAL 34 31 31 VAL VAL A . n 
A 1 35 PHE 35 32 32 PHE PHE A . n 
A 1 36 GLY 36 33 33 GLY GLY A . n 
A 1 37 ILE 37 34 34 ILE ILE A . n 
A 1 38 HIS 38 35 35 HIS HIS A . n 
A 1 39 LYS 39 36 36 LYS LYS A . n 
A 1 40 ALA 40 37 37 ALA ALA A . n 
A 1 41 CYS 41 38 38 CYS CYS A . n 
A 1 42 GLU 42 39 39 GLU GLU A . n 
A 1 43 VAL 43 40 40 VAL VAL A . n 
A 1 44 ALA 44 41 41 ALA ALA A . n 
A 1 45 PRO 45 42 42 PRO PRO A . n 
A 1 46 LEU 46 43 43 LEU LEU A . n 
A 1 47 GLN 47 44 44 GLN GLN A . n 
A 1 48 SER 48 45 45 SER SER A . n 
B 1 1  GLY 1  -2 -2 GLY GLY B . n 
B 1 2  ALA 2  -1 -1 ALA ALA B . n 
B 1 3  MET 3  0  0  MET MET B . n 
B 1 4  GLY 4  1  1  GLY GLY B . n 
B 1 5  SER 5  2  2  SER SER B . n 
B 1 6  HIS 6  3  3  HIS HIS B . n 
B 1 7  PRO 7  4  4  PRO PRO B . n 
B 1 8  MET 8  5  5  MET MET B . n 
B 1 9  CYS 9  6  6  CYS CYS B . n 
B 1 10 LYS 10 7  7  LYS LYS B . n 
B 1 11 GLU 11 8  8  GLU GLU B . n 
B 1 12 HIS 12 9  9  HIS HIS B . n 
B 1 13 GLU 13 10 10 GLU GLU B . n 
B 1 14 ASP 14 11 11 ASP ASP B . n 
B 1 15 GLU 15 12 12 GLU GLU B . n 
B 1 16 LYS 16 13 13 LYS LYS B . n 
B 1 17 ILE 17 14 14 ILE ILE B . n 
B 1 18 ASN 18 15 15 ASN ASN B . n 
B 1 19 ILE 19 16 16 ILE ILE B . n 
B 1 20 TYR 20 17 17 TYR TYR B . n 
B 1 21 CYS 21 18 18 CYS CYS B . n 
B 1 22 LEU 22 19 19 LEU LEU B . n 
B 1 23 THR 23 20 20 THR THR B . n 
B 1 24 CYS 24 21 21 CYS CYS B . n 
B 1 25 GLU 25 22 22 GLU GLU B . n 
B 1 26 VAL 26 23 23 VAL VAL B . n 
B 1 27 PRO 27 24 24 PRO PRO B . n 
B 1 28 THR 28 25 25 THR THR B . n 
B 1 29 CYS 29 26 26 CYS CYS B . n 
B 1 30 SER 30 27 27 SER SER B . n 
B 1 31 MET 31 28 28 MET MET B . n 
B 1 32 CYS 32 29 29 CYS CYS B . n 
B 1 33 LYS 33 30 30 LYS LYS B . n 
B 1 34 VAL 34 31 31 VAL VAL B . n 
B 1 35 PHE 35 32 32 PHE PHE B . n 
B 1 36 GLY 36 33 33 GLY GLY B . n 
B 1 37 ILE 37 34 34 ILE ILE B . n 
B 1 38 HIS 38 35 35 HIS HIS B . n 
B 1 39 LYS 39 36 36 LYS LYS B . n 
B 1 40 ALA 40 37 37 ALA ALA B . n 
B 1 41 CYS 41 38 38 CYS CYS B . n 
B 1 42 GLU 42 39 39 GLU GLU B . n 
B 1 43 VAL 43 40 40 VAL VAL B . n 
B 1 44 ALA 44 41 41 ALA ALA B . n 
B 1 45 PRO 45 42 42 PRO PRO B . n 
B 1 46 LEU 46 43 43 LEU LEU B . n 
B 1 47 GLN 47 44 44 GLN GLN B . n 
B 1 48 SER 48 45 ?  ?   ?   B . n 
C 1 1  GLY 1  -2 ?  ?   ?   C . n 
C 1 2  ALA 2  -1 ?  ?   ?   C . n 
C 1 3  MET 3  0  ?  ?   ?   C . n 
C 1 4  GLY 4  1  1  GLY GLY C . n 
C 1 5  SER 5  2  2  SER SER C . n 
C 1 6  HIS 6  3  3  HIS HIS C . n 
C 1 7  PRO 7  4  4  PRO PRO C . n 
C 1 8  MET 8  5  5  MET MET C . n 
C 1 9  CYS 9  6  6  CYS CYS C . n 
C 1 10 LYS 10 7  7  LYS LYS C . n 
C 1 11 GLU 11 8  8  GLU GLU C . n 
C 1 12 HIS 12 9  9  HIS HIS C . n 
C 1 13 GLU 13 10 10 GLU GLU C . n 
C 1 14 ASP 14 11 11 ASP ASP C . n 
C 1 15 GLU 15 12 12 GLU GLU C . n 
C 1 16 LYS 16 13 13 LYS LYS C . n 
C 1 17 ILE 17 14 14 ILE ILE C . n 
C 1 18 ASN 18 15 15 ASN ASN C . n 
C 1 19 ILE 19 16 16 ILE ILE C . n 
C 1 20 TYR 20 17 17 TYR TYR C . n 
C 1 21 CYS 21 18 18 CYS CYS C . n 
C 1 22 LEU 22 19 19 LEU LEU C . n 
C 1 23 THR 23 20 20 THR THR C . n 
C 1 24 CYS 24 21 21 CYS CYS C . n 
C 1 25 GLU 25 22 22 GLU GLU C . n 
C 1 26 VAL 26 23 23 VAL VAL C . n 
C 1 27 PRO 27 24 24 PRO PRO C . n 
C 1 28 THR 28 25 25 THR THR C . n 
C 1 29 CYS 29 26 26 CYS CYS C . n 
C 1 30 SER 30 27 27 SER SER C . n 
C 1 31 MET 31 28 28 MET MET C . n 
C 1 32 CYS 32 29 29 CYS CYS C . n 
C 1 33 LYS 33 30 30 LYS LYS C . n 
C 1 34 VAL 34 31 31 VAL VAL C . n 
C 1 35 PHE 35 32 32 PHE PHE C . n 
C 1 36 GLY 36 33 33 GLY GLY C . n 
C 1 37 ILE 37 34 34 ILE ILE C . n 
C 1 38 HIS 38 35 35 HIS HIS C . n 
C 1 39 LYS 39 36 36 LYS LYS C . n 
C 1 40 ALA 40 37 37 ALA ALA C . n 
C 1 41 CYS 41 38 38 CYS CYS C . n 
C 1 42 GLU 42 39 39 GLU GLU C . n 
C 1 43 VAL 43 40 40 VAL VAL C . n 
C 1 44 ALA 44 41 41 ALA ALA C . n 
C 1 45 PRO 45 42 42 PRO PRO C . n 
C 1 46 LEU 46 43 43 LEU LEU C . n 
C 1 47 GLN 47 44 44 GLN GLN C . n 
C 1 48 SER 48 45 ?  ?   ?   C . n 
# 
loop_
_pdbx_nonpoly_scheme.asym_id 
_pdbx_nonpoly_scheme.entity_id 
_pdbx_nonpoly_scheme.mon_id 
_pdbx_nonpoly_scheme.ndb_seq_num 
_pdbx_nonpoly_scheme.pdb_seq_num 
_pdbx_nonpoly_scheme.auth_seq_num 
_pdbx_nonpoly_scheme.pdb_mon_id 
_pdbx_nonpoly_scheme.auth_mon_id 
_pdbx_nonpoly_scheme.pdb_strand_id 
_pdbx_nonpoly_scheme.pdb_ins_code 
D 2 ZN  1  46  1   ZN  ZN2 A . 
E 2 ZN  1  47  4   ZN  ZN2 A . 
F 2 ZN  1  46  2   ZN  ZN2 B . 
G 2 ZN  1  47  3   ZN  ZN2 B . 
H 2 ZN  1  46  5   ZN  ZN2 C . 
I 2 ZN  1  47  6   ZN  ZN2 C . 
J 3 HOH 1  48  6   HOH WAT A . 
J 3 HOH 2  49  7   HOH WAT A . 
J 3 HOH 3  50  12  HOH WAT A . 
J 3 HOH 4  51  18  HOH WAT A . 
J 3 HOH 5  52  20  HOH WAT A . 
J 3 HOH 6  53  21  HOH WAT A . 
J 3 HOH 7  54  24  HOH WAT A . 
J 3 HOH 8  55  25  HOH WAT A . 
J 3 HOH 9  56  28  HOH WAT A . 
J 3 HOH 10 57  29  HOH WAT A . 
J 3 HOH 11 58  30  HOH WAT A . 
J 3 HOH 12 59  33  HOH WAT A . 
J 3 HOH 13 60  34  HOH WAT A . 
J 3 HOH 14 61  39  HOH WAT A . 
J 3 HOH 15 62  42  HOH WAT A . 
J 3 HOH 16 63  43  HOH WAT A . 
J 3 HOH 17 64  46  HOH WAT A . 
J 3 HOH 18 65  48  HOH WAT A . 
J 3 HOH 19 66  51  HOH WAT A . 
J 3 HOH 20 67  52  HOH WAT A . 
J 3 HOH 21 68  53  HOH WAT A . 
J 3 HOH 22 69  57  HOH WAT A . 
J 3 HOH 23 70  59  HOH WAT A . 
J 3 HOH 24 71  61  HOH WAT A . 
J 3 HOH 25 72  62  HOH WAT A . 
J 3 HOH 26 73  63  HOH WAT A . 
J 3 HOH 27 74  64  HOH WAT A . 
J 3 HOH 28 75  65  HOH WAT A . 
J 3 HOH 29 76  67  HOH WAT A . 
J 3 HOH 30 77  68  HOH WAT A . 
J 3 HOH 31 78  71  HOH WAT A . 
J 3 HOH 32 79  72  HOH WAT A . 
J 3 HOH 33 80  75  HOH WAT A . 
J 3 HOH 34 81  77  HOH WAT A . 
J 3 HOH 35 82  78  HOH WAT A . 
J 3 HOH 36 83  80  HOH WAT A . 
J 3 HOH 37 84  81  HOH WAT A . 
J 3 HOH 38 85  82  HOH WAT A . 
J 3 HOH 39 86  83  HOH WAT A . 
J 3 HOH 40 87  92  HOH WAT A . 
J 3 HOH 41 88  93  HOH WAT A . 
J 3 HOH 42 89  94  HOH WAT A . 
J 3 HOH 43 90  95  HOH WAT A . 
J 3 HOH 44 91  97  HOH WAT A . 
J 3 HOH 45 92  98  HOH WAT A . 
J 3 HOH 46 93  100 HOH WAT A . 
J 3 HOH 47 94  101 HOH WAT A . 
J 3 HOH 48 95  103 HOH WAT A . 
J 3 HOH 49 96  111 HOH WAT A . 
J 3 HOH 50 97  112 HOH WAT A . 
J 3 HOH 51 98  117 HOH WAT A . 
J 3 HOH 52 99  120 HOH WAT A . 
J 3 HOH 53 100 123 HOH WAT A . 
J 3 HOH 54 101 124 HOH WAT A . 
J 3 HOH 55 102 125 HOH WAT A . 
J 3 HOH 56 103 126 HOH WAT A . 
J 3 HOH 57 104 127 HOH WAT A . 
J 3 HOH 58 105 132 HOH WAT A . 
J 3 HOH 59 106 133 HOH WAT A . 
J 3 HOH 60 107 139 HOH WAT A . 
J 3 HOH 61 108 143 HOH WAT A . 
J 3 HOH 62 109 144 HOH WAT A . 
J 3 HOH 63 110 145 HOH WAT A . 
J 3 HOH 64 111 148 HOH WAT A . 
J 3 HOH 65 112 158 HOH WAT A . 
J 3 HOH 66 113 152 HOH WAT A . 
K 3 HOH 1  48  2   HOH WAT B . 
K 3 HOH 2  49  5   HOH WAT B . 
K 3 HOH 3  50  10  HOH WAT B . 
K 3 HOH 4  51  13  HOH WAT B . 
K 3 HOH 5  52  17  HOH WAT B . 
K 3 HOH 6  53  23  HOH WAT B . 
K 3 HOH 7  54  26  HOH WAT B . 
K 3 HOH 8  55  27  HOH WAT B . 
K 3 HOH 9  56  32  HOH WAT B . 
K 3 HOH 10 57  35  HOH WAT B . 
K 3 HOH 11 58  37  HOH WAT B . 
K 3 HOH 12 59  40  HOH WAT B . 
K 3 HOH 13 60  41  HOH WAT B . 
K 3 HOH 14 61  44  HOH WAT B . 
K 3 HOH 15 62  47  HOH WAT B . 
K 3 HOH 16 63  50  HOH WAT B . 
K 3 HOH 17 64  54  HOH WAT B . 
K 3 HOH 18 65  56  HOH WAT B . 
K 3 HOH 19 66  58  HOH WAT B . 
K 3 HOH 20 67  60  HOH WAT B . 
K 3 HOH 21 68  69  HOH WAT B . 
K 3 HOH 22 69  73  HOH WAT B . 
K 3 HOH 23 70  76  HOH WAT B . 
K 3 HOH 24 71  84  HOH WAT B . 
K 3 HOH 25 72  89  HOH WAT B . 
K 3 HOH 26 73  91  HOH WAT B . 
K 3 HOH 27 74  96  HOH WAT B . 
K 3 HOH 28 75  99  HOH WAT B . 
K 3 HOH 29 76  104 HOH WAT B . 
K 3 HOH 30 77  105 HOH WAT B . 
K 3 HOH 31 78  107 HOH WAT B . 
K 3 HOH 32 79  110 HOH WAT B . 
K 3 HOH 33 80  114 HOH WAT B . 
K 3 HOH 34 81  115 HOH WAT B . 
K 3 HOH 35 82  116 HOH WAT B . 
K 3 HOH 36 83  118 HOH WAT B . 
K 3 HOH 37 84  121 HOH WAT B . 
K 3 HOH 38 85  128 HOH WAT B . 
K 3 HOH 39 86  141 HOH WAT B . 
K 3 HOH 40 87  151 HOH WAT B . 
K 3 HOH 41 88  155 HOH WAT B . 
K 3 HOH 42 89  157 HOH WAT B . 
L 3 HOH 1  48  154 HOH WAT C . 
L 3 HOH 2  49  1   HOH WAT C . 
L 3 HOH 3  50  3   HOH WAT C . 
L 3 HOH 4  51  4   HOH WAT C . 
L 3 HOH 5  52  8   HOH WAT C . 
L 3 HOH 6  53  9   HOH WAT C . 
L 3 HOH 7  54  11  HOH WAT C . 
L 3 HOH 8  55  14  HOH WAT C . 
L 3 HOH 9  56  15  HOH WAT C . 
L 3 HOH 10 57  16  HOH WAT C . 
L 3 HOH 11 58  19  HOH WAT C . 
L 3 HOH 12 59  22  HOH WAT C . 
L 3 HOH 13 60  31  HOH WAT C . 
L 3 HOH 14 61  36  HOH WAT C . 
L 3 HOH 15 62  38  HOH WAT C . 
L 3 HOH 16 63  45  HOH WAT C . 
L 3 HOH 17 64  49  HOH WAT C . 
L 3 HOH 18 65  55  HOH WAT C . 
L 3 HOH 19 66  66  HOH WAT C . 
L 3 HOH 20 67  70  HOH WAT C . 
L 3 HOH 21 68  74  HOH WAT C . 
L 3 HOH 22 69  79  HOH WAT C . 
L 3 HOH 23 70  85  HOH WAT C . 
L 3 HOH 24 71  86  HOH WAT C . 
L 3 HOH 25 72  87  HOH WAT C . 
L 3 HOH 26 73  88  HOH WAT C . 
L 3 HOH 27 74  90  HOH WAT C . 
L 3 HOH 28 75  102 HOH WAT C . 
L 3 HOH 29 76  106 HOH WAT C . 
L 3 HOH 30 77  108 HOH WAT C . 
L 3 HOH 31 78  109 HOH WAT C . 
L 3 HOH 32 79  113 HOH WAT C . 
L 3 HOH 33 80  119 HOH WAT C . 
L 3 HOH 34 81  122 HOH WAT C . 
L 3 HOH 35 82  129 HOH WAT C . 
L 3 HOH 36 83  130 HOH WAT C . 
L 3 HOH 37 84  131 HOH WAT C . 
L 3 HOH 38 85  134 HOH WAT C . 
L 3 HOH 39 86  135 HOH WAT C . 
L 3 HOH 40 87  136 HOH WAT C . 
L 3 HOH 41 88  137 HOH WAT C . 
L 3 HOH 42 89  138 HOH WAT C . 
L 3 HOH 43 90  140 HOH WAT C . 
L 3 HOH 44 91  142 HOH WAT C . 
L 3 HOH 45 92  146 HOH WAT C . 
L 3 HOH 46 93  147 HOH WAT C . 
L 3 HOH 47 94  149 HOH WAT C . 
L 3 HOH 48 95  150 HOH WAT C . 
L 3 HOH 49 96  153 HOH WAT C . 
L 3 HOH 50 97  156 HOH WAT C . 
# 
loop_
_software.name 
_software.classification 
_software.version 
_software.citation_id 
_software.pdbx_ordinal 
PHENIX refinement       '(phenix.refine)' ? 1 
XDS    'data reduction' .                 ? 2 
XSCALE 'data scaling'   .                 ? 3 
SOLVE  phasing          .                 ? 4 
# 
_cell.entry_id           3DDT 
_cell.length_a           76.220 
_cell.length_b           76.220 
_cell.length_c           146.930 
_cell.angle_alpha        90.00 
_cell.angle_beta         90.00 
_cell.angle_gamma        120.00 
_cell.Z_PDB              36 
_cell.pdbx_unique_axis   ? 
_cell.length_a_esd       ? 
_cell.length_b_esd       ? 
_cell.length_c_esd       ? 
_cell.angle_alpha_esd    ? 
_cell.angle_beta_esd     ? 
_cell.angle_gamma_esd    ? 
# 
_symmetry.entry_id                         3DDT 
_symmetry.space_group_name_H-M             'P 65 2 2' 
_symmetry.pdbx_full_space_group_name_H-M   ? 
_symmetry.cell_setting                     ? 
_symmetry.Int_Tables_number                179 
_symmetry.space_group_name_Hall            ? 
# 
_exptl.entry_id          3DDT 
_exptl.method            'X-RAY DIFFRACTION' 
_exptl.crystals_number   2 
# 
_exptl_crystal.id                    1 
_exptl_crystal.density_meas          ? 
_exptl_crystal.density_Matthews      3.89 
_exptl_crystal.density_percent_sol   68.39 
_exptl_crystal.description           ? 
_exptl_crystal.F_000                 ? 
_exptl_crystal.preparation           ? 
# 
_exptl_crystal_grow.crystal_id      1 
_exptl_crystal_grow.method          'VAPOR DIFFUSION, HANGING DROP' 
_exptl_crystal_grow.temp            277 
_exptl_crystal_grow.temp_details    ? 
_exptl_crystal_grow.pH              8.5 
_exptl_crystal_grow.pdbx_details    
'1.8M ammonium sulfate, 0.1M Tris pH 8.5, 15% glycerol, VAPOR DIFFUSION, HANGING DROP, temperature 277K' 
_exptl_crystal_grow.pdbx_pH_range   . 
# 
loop_
_diffrn.id 
_diffrn.ambient_temp 
_diffrn.ambient_temp_details 
_diffrn.crystal_id 
1 100 ? 1 
2 100 ? 1 
# 
loop_
_diffrn_detector.diffrn_id 
_diffrn_detector.detector 
_diffrn_detector.type 
_diffrn_detector.pdbx_collection_date 
_diffrn_detector.details 
1 CCD 'MARMOSAIC 225 mm CCD' ? ? 
2 CCD 'ADSC QUANTUM 210'     ? ? 
# 
loop_
_diffrn_radiation.diffrn_id 
_diffrn_radiation.wavelength_id 
_diffrn_radiation.pdbx_monochromatic_or_laue_m_l 
_diffrn_radiation.monochromator 
_diffrn_radiation.pdbx_diffrn_protocol 
_diffrn_radiation.pdbx_scattering_type 
1 1 M ? 'SINGLE WAVELENGTH' x-ray 
2 1 M ? MAD                 x-ray 
# 
loop_
_diffrn_radiation_wavelength.id 
_diffrn_radiation_wavelength.wavelength 
_diffrn_radiation_wavelength.wt 
1 0.992    1.0 
2 1.254743 1.0 
3 1.28332  1.0 
4 1.215686 1.0 
# 
loop_
_diffrn_source.diffrn_id 
_diffrn_source.source 
_diffrn_source.type 
_diffrn_source.pdbx_synchrotron_site 
_diffrn_source.pdbx_synchrotron_beamline 
_diffrn_source.pdbx_wavelength 
_diffrn_source.pdbx_wavelength_list 
1 SYNCHROTRON 'SLS BEAMLINE X06SA'   SLS  X06SA  ? 0.992                         
2 SYNCHROTRON 'ESRF BEAMLINE ID23-1' ESRF ID23-1 ? '1.254743, 1.28332, 1.215686' 
# 
_reflns.entry_id                     3DDT 
_reflns.observed_criterion_sigma_F   ? 
_reflns.observed_criterion_sigma_I   ? 
_reflns.d_resolution_high            1.9 
_reflns.d_resolution_low             18 
_reflns.number_all                   ? 
_reflns.number_obs                   20520 
_reflns.percent_possible_obs         99.7 
_reflns.pdbx_Rmerge_I_obs            ? 
_reflns.pdbx_Rsym_value              0.071 
_reflns.pdbx_netI_over_sigmaI        20.7 
_reflns.B_iso_Wilson_estimate        28.350 
_reflns.pdbx_redundancy              10.4 
_reflns.R_free_details               ? 
_reflns.limit_h_max                  ? 
_reflns.limit_h_min                  ? 
_reflns.limit_k_max                  ? 
_reflns.limit_k_min                  ? 
_reflns.limit_l_max                  ? 
_reflns.limit_l_min                  ? 
_reflns.observed_criterion_F_max     ? 
_reflns.observed_criterion_F_min     ? 
_reflns.pdbx_chi_squared             ? 
_reflns.pdbx_scaling_rejects         ? 
_reflns.pdbx_diffrn_id               1,2 
_reflns.pdbx_ordinal                 1 
# 
_reflns_shell.d_res_high             1.9 
_reflns_shell.d_res_low              2.0 
_reflns_shell.percent_possible_all   98.3 
_reflns_shell.Rmerge_I_obs           ? 
_reflns_shell.pdbx_Rsym_value        0.386 
_reflns_shell.meanI_over_sigI_obs    7.8 
_reflns_shell.pdbx_redundancy        10.7 
_reflns_shell.percent_possible_obs   ? 
_reflns_shell.number_unique_all      2802 
_reflns_shell.number_measured_all    ? 
_reflns_shell.number_measured_obs    ? 
_reflns_shell.number_unique_obs      ? 
_reflns_shell.pdbx_chi_squared       ? 
_reflns_shell.pdbx_diffrn_id         ? 
_reflns_shell.pdbx_ordinal           1 
# 
_refine.entry_id                                 3DDT 
_refine.ls_d_res_high                            1.900 
_refine.ls_d_res_low                             17.694 
_refine.pdbx_ls_sigma_F                          ? 
_refine.ls_percent_reflns_obs                    99.700 
_refine.ls_number_reflns_obs                     20520 
_refine.ls_R_factor_obs                          0.201 
_refine.ls_R_factor_R_work                       0.199 
_refine.ls_R_factor_R_free                       0.2519 
_refine.ls_percent_reflns_R_free                 4.160 
_refine.ls_number_reflns_R_free                  853 
_refine.ls_number_reflns_R_work                  19667 
_refine.B_iso_mean                               35.010 
_refine.aniso_B[1][1]                            0.959 
_refine.aniso_B[2][2]                            0.959 
_refine.aniso_B[3][3]                            -1.917 
_refine.aniso_B[1][2]                            0.000 
_refine.aniso_B[1][3]                            -0.000 
_refine.aniso_B[2][3]                            0.000 
_refine.solvent_model_details                    'FLAT BULK SOLVENT MODEL' 
_refine.pdbx_method_to_determine_struct          MAD 
_refine.pdbx_stereochemistry_target_values       ML 
_refine.B_iso_max                                15.590 
_refine.B_iso_min                                74.620 
_refine.pdbx_R_Free_selection_details            XDSCONV 
_refine.pdbx_ls_cross_valid_method               Rfree 
_refine.solvent_model_param_ksol                 0.370 
_refine.solvent_model_param_bsol                 57.298 
_refine.pdbx_solvent_vdw_probe_radii             1.11 
_refine.pdbx_solvent_ion_probe_radii             ? 
_refine.pdbx_solvent_shrinkage_radii             0.90 
_refine.overall_SU_ML                            0.25 
_refine.pdbx_overall_phase_error                 21.48 
_refine.ls_R_factor_all                          ? 
_refine.ls_number_reflns_all                     ? 
_refine.pdbx_ls_sigma_I                          ? 
_refine.ls_redundancy_reflns_obs                 ? 
_refine.pdbx_data_cutoff_high_absF               ? 
_refine.pdbx_data_cutoff_low_absF                ? 
_refine.ls_number_parameters                     ? 
_refine.ls_number_restraints                     ? 
_refine.ls_R_factor_R_free_error                 ? 
_refine.ls_R_factor_R_free_error_details         ? 
_refine.pdbx_starting_model                      ? 
_refine.pdbx_isotropic_thermal_model             ? 
_refine.pdbx_stereochem_target_val_spec_case     ? 
_refine.occupancy_max                            ? 
_refine.occupancy_min                            ? 
_refine.overall_SU_B                             ? 
_refine.pdbx_overall_ESU_R                       ? 
_refine.pdbx_overall_ESU_R_Free                  ? 
_refine.pdbx_data_cutoff_high_rms_absF           ? 
_refine.details                                  ? 
_refine.correlation_coeff_Fo_to_Fc               ? 
_refine.correlation_coeff_Fo_to_Fc_free          ? 
_refine.overall_SU_R_Cruickshank_DPI             ? 
_refine.overall_SU_R_free                        ? 
_refine.ls_wR_factor_R_free                      ? 
_refine.ls_wR_factor_R_work                      ? 
_refine.overall_FOM_free_R_set                   ? 
_refine.overall_FOM_work_R_set                   ? 
_refine.pdbx_refine_id                           'X-RAY DIFFRACTION' 
_refine.pdbx_diffrn_id                           1 
_refine.pdbx_TLS_residual_ADP_flag               ? 
_refine.pdbx_overall_SU_R_free_Cruickshank_DPI   ? 
_refine.pdbx_overall_SU_R_Blow_DPI               ? 
_refine.pdbx_overall_SU_R_free_Blow_DPI          ? 
# 
_refine_hist.pdbx_refine_id                   'X-RAY DIFFRACTION' 
_refine_hist.cycle_id                         LAST 
_refine_hist.pdbx_number_atoms_protein        1051 
_refine_hist.pdbx_number_atoms_nucleic_acid   0 
_refine_hist.pdbx_number_atoms_ligand         6 
_refine_hist.number_atoms_solvent             158 
_refine_hist.number_atoms_total               1215 
_refine_hist.d_res_high                       1.900 
_refine_hist.d_res_low                        17.694 
# 
loop_
_refine_ls_restr.type 
_refine_ls_restr.number 
_refine_ls_restr.dev_ideal 
_refine_ls_restr.dev_ideal_target 
_refine_ls_restr.weight 
_refine_ls_restr.pdbx_refine_id 
_refine_ls_restr.pdbx_restraint_function 
f_bond_d           1072 0.012  ? ? 'X-RAY DIFFRACTION' ? 
f_angle_d          1441 1.358  ? ? 'X-RAY DIFFRACTION' ? 
f_chiral_restr     161  0.088  ? ? 'X-RAY DIFFRACTION' ? 
f_plane_restr      184  0.005  ? ? 'X-RAY DIFFRACTION' ? 
f_dihedral_angle_d 401  14.887 ? ? 'X-RAY DIFFRACTION' ? 
# 
loop_
_refine_ls_shell.d_res_high 
_refine_ls_shell.d_res_low 
_refine_ls_shell.pdbx_total_number_of_bins_used 
_refine_ls_shell.percent_reflns_obs 
_refine_ls_shell.number_reflns_R_work 
_refine_ls_shell.R_factor_all 
_refine_ls_shell.R_factor_R_work 
_refine_ls_shell.R_factor_R_free 
_refine_ls_shell.percent_reflns_R_free 
_refine_ls_shell.number_reflns_R_free 
_refine_ls_shell.R_factor_R_free_error 
_refine_ls_shell.number_reflns_all 
_refine_ls_shell.number_reflns_obs 
_refine_ls_shell.redundancy_reflns_obs 
_refine_ls_shell.pdbx_refine_id 
1.900 2.019  6 100.000 3186 . 0.233 0.260 . 149 . 3335 . . 'X-RAY DIFFRACTION' 
2.019 2.175  6 100.000 3218 . 0.221 0.300 . 139 . 3357 . . 'X-RAY DIFFRACTION' 
2.175 2.393  6 100.000 3193 . 0.220 0.264 . 173 . 3366 . . 'X-RAY DIFFRACTION' 
2.393 2.738  6 99.970  3270 . 0.217 0.240 . 133 . 3403 . . 'X-RAY DIFFRACTION' 
2.738 3.445  6 100.000 3324 . 0.204 0.268 . 132 . 3456 . . 'X-RAY DIFFRACTION' 
3.445 17.695 6 98.360  3476 . 0.176 0.227 . 127 . 3603 . . 'X-RAY DIFFRACTION' 
# 
_struct.entry_id                  3DDT 
_struct.title                     'Crystal structure of the B2 box from MuRF1 in dimeric state' 
_struct.pdbx_model_details        ? 
_struct.pdbx_CASP_flag            ? 
_struct.pdbx_model_type_details   ? 
# 
_struct_keywords.entry_id        3DDT 
_struct_keywords.pdbx_keywords   LIGASE 
_struct_keywords.text            
;zinc-binding motif, RING-like fold, Coiled coil, Cytoplasm, Ligase, Metal-binding, Muscle protein, Nucleus, Polymorphism, Ubl conjugation pathway, Zinc, Zinc-finger
;
# 
loop_
_struct_asym.id 
_struct_asym.pdbx_blank_PDB_chainid_flag 
_struct_asym.pdbx_modified 
_struct_asym.entity_id 
_struct_asym.details 
A N N 1 ? 
B N N 1 ? 
C N N 1 ? 
D N N 2 ? 
E N N 2 ? 
F N N 2 ? 
G N N 2 ? 
H N N 2 ? 
I N N 2 ? 
J N N 3 ? 
K N N 3 ? 
L N N 3 ? 
# 
_struct_ref.id                         1 
_struct_ref.db_name                    UNP 
_struct_ref.db_code                    TRI63_HUMAN 
_struct_ref.pdbx_db_accession          Q969Q1 
_struct_ref.entity_id                  1 
_struct_ref.pdbx_seq_one_letter_code   GSHPMCKEHEDEKINIYCLTCEVPTCSMCKVFGIHKACEVAPLQS 
_struct_ref.pdbx_align_begin           117 
_struct_ref.pdbx_db_isoform            ? 
# 
loop_
_struct_ref_seq.align_id 
_struct_ref_seq.ref_id 
_struct_ref_seq.pdbx_PDB_id_code 
_struct_ref_seq.pdbx_strand_id 
_struct_ref_seq.seq_align_beg 
_struct_ref_seq.pdbx_seq_align_beg_ins_code 
_struct_ref_seq.seq_align_end 
_struct_ref_seq.pdbx_seq_align_end_ins_code 
_struct_ref_seq.pdbx_db_accession 
_struct_ref_seq.db_align_beg 
_struct_ref_seq.pdbx_db_align_beg_ins_code 
_struct_ref_seq.db_align_end 
_struct_ref_seq.pdbx_db_align_end_ins_code 
_struct_ref_seq.pdbx_auth_seq_align_beg 
_struct_ref_seq.pdbx_auth_seq_align_end 
1 1 3DDT A 4 ? 48 ? Q969Q1 117 ? 161 ? 1 45 
2 1 3DDT B 4 ? 48 ? Q969Q1 117 ? 161 ? 1 45 
3 1 3DDT C 4 ? 48 ? Q969Q1 117 ? 161 ? 1 45 
# 
loop_
_struct_ref_seq_dif.align_id 
_struct_ref_seq_dif.pdbx_pdb_id_code 
_struct_ref_seq_dif.mon_id 
_struct_ref_seq_dif.pdbx_pdb_strand_id 
_struct_ref_seq_dif.seq_num 
_struct_ref_seq_dif.pdbx_pdb_ins_code 
_struct_ref_seq_dif.pdbx_seq_db_name 
_struct_ref_seq_dif.pdbx_seq_db_accession_code 
_struct_ref_seq_dif.db_mon_id 
_struct_ref_seq_dif.pdbx_seq_db_seq_num 
_struct_ref_seq_dif.details 
_struct_ref_seq_dif.pdbx_auth_seq_num 
_struct_ref_seq_dif.pdbx_ordinal 
1 3DDT GLY A 1 ? UNP Q969Q1 ? ? 'expression tag' -2 1 
1 3DDT ALA A 2 ? UNP Q969Q1 ? ? 'expression tag' -1 2 
1 3DDT MET A 3 ? UNP Q969Q1 ? ? 'expression tag' 0  3 
2 3DDT GLY B 1 ? UNP Q969Q1 ? ? 'expression tag' -2 4 
2 3DDT ALA B 2 ? UNP Q969Q1 ? ? 'expression tag' -1 5 
2 3DDT MET B 3 ? UNP Q969Q1 ? ? 'expression tag' 0  6 
3 3DDT GLY C 1 ? UNP Q969Q1 ? ? 'expression tag' -2 7 
3 3DDT ALA C 2 ? UNP Q969Q1 ? ? 'expression tag' -1 8 
3 3DDT MET C 3 ? UNP Q969Q1 ? ? 'expression tag' 0  9 
# 
loop_
_pdbx_struct_assembly.id 
_pdbx_struct_assembly.details 
_pdbx_struct_assembly.method_details 
_pdbx_struct_assembly.oligomeric_details 
_pdbx_struct_assembly.oligomeric_count 
1 author_and_software_defined_assembly PISA dimeric 2 
2 author_and_software_defined_assembly PISA dimeric 2 
# 
loop_
_pdbx_struct_assembly_prop.biol_id 
_pdbx_struct_assembly_prop.type 
_pdbx_struct_assembly_prop.value 
_pdbx_struct_assembly_prop.details 
1 'ABSA (A^2)' 1050 ? 
1 MORE         -15  ? 
1 'SSA (A^2)'  6280 ? 
2 'ABSA (A^2)' 900  ? 
2 MORE         -8   ? 
2 'SSA (A^2)'  5780 ? 
# 
loop_
_pdbx_struct_assembly_gen.assembly_id 
_pdbx_struct_assembly_gen.oper_expression 
_pdbx_struct_assembly_gen.asym_id_list 
1 1   A,B,D,E,F,G,J,K 
2 1,2 C,H,I,L         
# 
loop_
_pdbx_struct_oper_list.id 
_pdbx_struct_oper_list.type 
_pdbx_struct_oper_list.name 
_pdbx_struct_oper_list.symmetry_operation 
_pdbx_struct_oper_list.matrix[1][1] 
_pdbx_struct_oper_list.matrix[1][2] 
_pdbx_struct_oper_list.matrix[1][3] 
_pdbx_struct_oper_list.vector[1] 
_pdbx_struct_oper_list.matrix[2][1] 
_pdbx_struct_oper_list.matrix[2][2] 
_pdbx_struct_oper_list.matrix[2][3] 
_pdbx_struct_oper_list.vector[2] 
_pdbx_struct_oper_list.matrix[3][1] 
_pdbx_struct_oper_list.matrix[3][2] 
_pdbx_struct_oper_list.matrix[3][3] 
_pdbx_struct_oper_list.vector[3] 
1 'identity operation'         1_555  x,y,z          1.0000000000  0.0000000000  0.0000000000 0.0000000000 0.0000000000  1.0000000000  0.0000000000  0.0000000000   0.0000000000 0.0000000000  1.0000000000 0.0000000000   
2 'crystal symmetry operation' 12_564 x,x-y+1,-z-1/6 -0.3953706533 -0.2247287277 0.8906059990 9.3558658169 -0.2247287277 -0.9164727923 -0.3310205733 -39.5713323215 0.8906059990 -0.3310205733 0.3118434456 -16.3367933939 
# 
_struct_biol.id        1 
_struct_biol.details   ? 
# 
loop_
_struct_conf.conf_type_id 
_struct_conf.id 
_struct_conf.pdbx_PDB_helix_id 
_struct_conf.beg_label_comp_id 
_struct_conf.beg_label_asym_id 
_struct_conf.beg_label_seq_id 
_struct_conf.pdbx_beg_PDB_ins_code 
_struct_conf.end_label_comp_id 
_struct_conf.end_label_asym_id 
_struct_conf.end_label_seq_id 
_struct_conf.pdbx_end_PDB_ins_code 
_struct_conf.beg_auth_comp_id 
_struct_conf.beg_auth_asym_id 
_struct_conf.beg_auth_seq_id 
_struct_conf.end_auth_comp_id 
_struct_conf.end_auth_asym_id 
_struct_conf.end_auth_seq_id 
_struct_conf.pdbx_PDB_helix_class 
_struct_conf.details 
_struct_conf.pdbx_PDB_helix_length 
HELX_P HELX_P1 1 CYS A 29 ? GLY A 36 ? CYS A 26 GLY A 33 1 ? 8 
HELX_P HELX_P2 2 CYS B 29 ? PHE B 35 ? CYS B 26 PHE B 32 1 ? 7 
HELX_P HELX_P3 3 CYS C 29 ? PHE C 35 ? CYS C 26 PHE C 32 1 ? 7 
# 
_struct_conf_type.id          HELX_P 
_struct_conf_type.criteria    ? 
_struct_conf_type.reference   ? 
# 
loop_
_struct_sheet.id 
_struct_sheet.type 
_struct_sheet.number_strands 
_struct_sheet.details 
A ? 3 ? 
B ? 3 ? 
C ? 3 ? 
# 
loop_
_struct_sheet_order.sheet_id 
_struct_sheet_order.range_id_1 
_struct_sheet_order.range_id_2 
_struct_sheet_order.offset 
_struct_sheet_order.sense 
A 1 2 ? anti-parallel 
A 2 3 ? anti-parallel 
B 1 2 ? anti-parallel 
B 2 3 ? anti-parallel 
C 1 2 ? anti-parallel 
C 2 3 ? anti-parallel 
# 
loop_
_struct_sheet_range.sheet_id 
_struct_sheet_range.id 
_struct_sheet_range.beg_label_comp_id 
_struct_sheet_range.beg_label_asym_id 
_struct_sheet_range.beg_label_seq_id 
_struct_sheet_range.pdbx_beg_PDB_ins_code 
_struct_sheet_range.end_label_comp_id 
_struct_sheet_range.end_label_asym_id 
_struct_sheet_range.end_label_seq_id 
_struct_sheet_range.pdbx_end_PDB_ins_code 
_struct_sheet_range.beg_auth_comp_id 
_struct_sheet_range.beg_auth_asym_id 
_struct_sheet_range.beg_auth_seq_id 
_struct_sheet_range.end_auth_comp_id 
_struct_sheet_range.end_auth_asym_id 
_struct_sheet_range.end_auth_seq_id 
A 1 VAL A 26 ? THR A 28 ? VAL A 23 THR A 25 
A 2 ILE A 19 ? CYS A 21 ? ILE A 16 CYS A 18 
A 3 VAL A 43 ? PRO A 45 ? VAL A 40 PRO A 42 
B 1 VAL B 26 ? THR B 28 ? VAL B 23 THR B 25 
B 2 ILE B 19 ? CYS B 21 ? ILE B 16 CYS B 18 
B 3 VAL B 43 ? PRO B 45 ? VAL B 40 PRO B 42 
C 1 VAL C 26 ? THR C 28 ? VAL C 23 THR C 25 
C 2 ILE C 19 ? CYS C 21 ? ILE C 16 CYS C 18 
C 3 VAL C 43 ? PRO C 45 ? VAL C 40 PRO C 42 
# 
loop_
_pdbx_struct_sheet_hbond.sheet_id 
_pdbx_struct_sheet_hbond.range_id_1 
_pdbx_struct_sheet_hbond.range_id_2 
_pdbx_struct_sheet_hbond.range_1_label_atom_id 
_pdbx_struct_sheet_hbond.range_1_label_comp_id 
_pdbx_struct_sheet_hbond.range_1_label_asym_id 
_pdbx_struct_sheet_hbond.range_1_label_seq_id 
_pdbx_struct_sheet_hbond.range_1_PDB_ins_code 
_pdbx_struct_sheet_hbond.range_1_auth_atom_id 
_pdbx_struct_sheet_hbond.range_1_auth_comp_id 
_pdbx_struct_sheet_hbond.range_1_auth_asym_id 
_pdbx_struct_sheet_hbond.range_1_auth_seq_id 
_pdbx_struct_sheet_hbond.range_2_label_atom_id 
_pdbx_struct_sheet_hbond.range_2_label_comp_id 
_pdbx_struct_sheet_hbond.range_2_label_asym_id 
_pdbx_struct_sheet_hbond.range_2_label_seq_id 
_pdbx_struct_sheet_hbond.range_2_PDB_ins_code 
_pdbx_struct_sheet_hbond.range_2_auth_atom_id 
_pdbx_struct_sheet_hbond.range_2_auth_comp_id 
_pdbx_struct_sheet_hbond.range_2_auth_asym_id 
_pdbx_struct_sheet_hbond.range_2_auth_seq_id 
A 1 2 O VAL A 26 ? O VAL A 23 N CYS A 21 ? N CYS A 18 
A 2 3 N TYR A 20 ? N TYR A 17 O ALA A 44 ? O ALA A 41 
B 1 2 O VAL B 26 ? O VAL B 23 N CYS B 21 ? N CYS B 18 
B 2 3 N TYR B 20 ? N TYR B 17 O ALA B 44 ? O ALA B 41 
C 1 2 O VAL C 26 ? O VAL C 23 N CYS C 21 ? N CYS C 18 
C 2 3 N TYR C 20 ? N TYR C 17 O ALA C 44 ? O ALA C 41 
# 
loop_
_struct_site.id 
_struct_site.pdbx_evidence_code 
_struct_site.pdbx_auth_asym_id 
_struct_site.pdbx_auth_comp_id 
_struct_site.pdbx_auth_seq_id 
_struct_site.pdbx_auth_ins_code 
_struct_site.pdbx_num_residues 
_struct_site.details 
AC1 Software A ZN 46 ? 4 'BINDING SITE FOR RESIDUE ZN A 46' 
AC2 Software A ZN 47 ? 4 'BINDING SITE FOR RESIDUE ZN A 47' 
AC3 Software B ZN 46 ? 4 'BINDING SITE FOR RESIDUE ZN B 46' 
AC4 Software B ZN 47 ? 4 'BINDING SITE FOR RESIDUE ZN B 47' 
AC5 Software C ZN 46 ? 4 'BINDING SITE FOR RESIDUE ZN C 46' 
AC6 Software C ZN 47 ? 4 'BINDING SITE FOR RESIDUE ZN C 47' 
# 
loop_
_struct_site_gen.id 
_struct_site_gen.site_id 
_struct_site_gen.pdbx_num_res 
_struct_site_gen.label_comp_id 
_struct_site_gen.label_asym_id 
_struct_site_gen.label_seq_id 
_struct_site_gen.pdbx_auth_ins_code 
_struct_site_gen.auth_comp_id 
_struct_site_gen.auth_asym_id 
_struct_site_gen.auth_seq_id 
_struct_site_gen.label_atom_id 
_struct_site_gen.label_alt_id 
_struct_site_gen.symmetry 
_struct_site_gen.details 
1  AC1 4 CYS A 9  ? CYS A 6  . ? 1_555 ? 
2  AC1 4 HIS A 12 ? HIS A 9  . ? 1_555 ? 
3  AC1 4 CYS A 29 ? CYS A 26 . ? 1_555 ? 
4  AC1 4 CYS A 32 ? CYS A 29 . ? 1_555 ? 
5  AC2 4 CYS A 21 ? CYS A 18 . ? 1_555 ? 
6  AC2 4 CYS A 24 ? CYS A 21 . ? 1_555 ? 
7  AC2 4 HIS A 38 ? HIS A 35 . ? 1_555 ? 
8  AC2 4 CYS A 41 ? CYS A 38 . ? 1_555 ? 
9  AC3 4 CYS B 9  ? CYS B 6  . ? 1_555 ? 
10 AC3 4 HIS B 12 ? HIS B 9  . ? 1_555 ? 
11 AC3 4 CYS B 29 ? CYS B 26 . ? 1_555 ? 
12 AC3 4 CYS B 32 ? CYS B 29 . ? 1_555 ? 
13 AC4 4 CYS B 21 ? CYS B 18 . ? 1_555 ? 
14 AC4 4 CYS B 24 ? CYS B 21 . ? 1_555 ? 
15 AC4 4 HIS B 38 ? HIS B 35 . ? 1_555 ? 
16 AC4 4 CYS B 41 ? CYS B 38 . ? 1_555 ? 
17 AC5 4 CYS C 21 ? CYS C 18 . ? 1_555 ? 
18 AC5 4 CYS C 24 ? CYS C 21 . ? 1_555 ? 
19 AC5 4 HIS C 38 ? HIS C 35 . ? 1_555 ? 
20 AC5 4 CYS C 41 ? CYS C 38 . ? 1_555 ? 
21 AC6 4 CYS C 9  ? CYS C 6  . ? 1_555 ? 
22 AC6 4 HIS C 12 ? HIS C 9  . ? 1_555 ? 
23 AC6 4 CYS C 29 ? CYS C 26 . ? 1_555 ? 
24 AC6 4 CYS C 32 ? CYS C 29 . ? 1_555 ? 
# 
_pdbx_validate_rmsd_bond.id                        1 
_pdbx_validate_rmsd_bond.PDB_model_num             1 
_pdbx_validate_rmsd_bond.auth_atom_id_1            CB 
_pdbx_validate_rmsd_bond.auth_asym_id_1            B 
_pdbx_validate_rmsd_bond.auth_comp_id_1            CYS 
_pdbx_validate_rmsd_bond.auth_seq_id_1             18 
_pdbx_validate_rmsd_bond.PDB_ins_code_1            ? 
_pdbx_validate_rmsd_bond.label_alt_id_1            ? 
_pdbx_validate_rmsd_bond.auth_atom_id_2            SG 
_pdbx_validate_rmsd_bond.auth_asym_id_2            B 
_pdbx_validate_rmsd_bond.auth_comp_id_2            CYS 
_pdbx_validate_rmsd_bond.auth_seq_id_2             18 
_pdbx_validate_rmsd_bond.PDB_ins_code_2            ? 
_pdbx_validate_rmsd_bond.label_alt_id_2            ? 
_pdbx_validate_rmsd_bond.bond_value                1.952 
_pdbx_validate_rmsd_bond.bond_target_value         1.818 
_pdbx_validate_rmsd_bond.bond_deviation            0.134 
_pdbx_validate_rmsd_bond.bond_standard_deviation   0.017 
_pdbx_validate_rmsd_bond.linker_flag               N 
# 
loop_
_pdbx_validate_torsion.id 
_pdbx_validate_torsion.PDB_model_num 
_pdbx_validate_torsion.auth_comp_id 
_pdbx_validate_torsion.auth_asym_id 
_pdbx_validate_torsion.auth_seq_id 
_pdbx_validate_torsion.PDB_ins_code 
_pdbx_validate_torsion.label_alt_id 
_pdbx_validate_torsion.phi 
_pdbx_validate_torsion.psi 
1 1 GLN A 44 ? ? 126.65  -170.21 
2 1 MET B 0  ? ? -59.04  177.98  
3 1 SER C 2  ? ? -139.83 -88.48  
4 1 ASN C 15 ? ? -143.67 -0.77   
# 
_pdbx_struct_special_symmetry.id              1 
_pdbx_struct_special_symmetry.PDB_model_num   1 
_pdbx_struct_special_symmetry.auth_asym_id    C 
_pdbx_struct_special_symmetry.auth_comp_id    HOH 
_pdbx_struct_special_symmetry.auth_seq_id     71 
_pdbx_struct_special_symmetry.PDB_ins_code    ? 
_pdbx_struct_special_symmetry.label_asym_id   L 
_pdbx_struct_special_symmetry.label_comp_id   HOH 
_pdbx_struct_special_symmetry.label_seq_id    . 
# 
loop_
_pdbx_unobs_or_zero_occ_residues.id 
_pdbx_unobs_or_zero_occ_residues.PDB_model_num 
_pdbx_unobs_or_zero_occ_residues.polymer_flag 
_pdbx_unobs_or_zero_occ_residues.occupancy_flag 
_pdbx_unobs_or_zero_occ_residues.auth_asym_id 
_pdbx_unobs_or_zero_occ_residues.auth_comp_id 
_pdbx_unobs_or_zero_occ_residues.auth_seq_id 
_pdbx_unobs_or_zero_occ_residues.PDB_ins_code 
_pdbx_unobs_or_zero_occ_residues.label_asym_id 
_pdbx_unobs_or_zero_occ_residues.label_comp_id 
_pdbx_unobs_or_zero_occ_residues.label_seq_id 
1 1 Y 1 B SER 45 ? B SER 48 
2 1 Y 1 C GLY -2 ? C GLY 1  
3 1 Y 1 C ALA -1 ? C ALA 2  
4 1 Y 1 C MET 0  ? C MET 3  
5 1 Y 1 C SER 45 ? C SER 48 
# 
loop_
_chem_comp_atom.comp_id 
_chem_comp_atom.atom_id 
_chem_comp_atom.type_symbol 
_chem_comp_atom.pdbx_aromatic_flag 
_chem_comp_atom.pdbx_stereo_config 
_chem_comp_atom.pdbx_ordinal 
ALA N    N  N N 1   
ALA CA   C  N S 2   
ALA C    C  N N 3   
ALA O    O  N N 4   
ALA CB   C  N N 5   
ALA OXT  O  N N 6   
ALA H    H  N N 7   
ALA H2   H  N N 8   
ALA HA   H  N N 9   
ALA HB1  H  N N 10  
ALA HB2  H  N N 11  
ALA HB3  H  N N 12  
ALA HXT  H  N N 13  
ASN N    N  N N 14  
ASN CA   C  N S 15  
ASN C    C  N N 16  
ASN O    O  N N 17  
ASN CB   C  N N 18  
ASN CG   C  N N 19  
ASN OD1  O  N N 20  
ASN ND2  N  N N 21  
ASN OXT  O  N N 22  
ASN H    H  N N 23  
ASN H2   H  N N 24  
ASN HA   H  N N 25  
ASN HB2  H  N N 26  
ASN HB3  H  N N 27  
ASN HD21 H  N N 28  
ASN HD22 H  N N 29  
ASN HXT  H  N N 30  
ASP N    N  N N 31  
ASP CA   C  N S 32  
ASP C    C  N N 33  
ASP O    O  N N 34  
ASP CB   C  N N 35  
ASP CG   C  N N 36  
ASP OD1  O  N N 37  
ASP OD2  O  N N 38  
ASP OXT  O  N N 39  
ASP H    H  N N 40  
ASP H2   H  N N 41  
ASP HA   H  N N 42  
ASP HB2  H  N N 43  
ASP HB3  H  N N 44  
ASP HD2  H  N N 45  
ASP HXT  H  N N 46  
CYS N    N  N N 47  
CYS CA   C  N R 48  
CYS C    C  N N 49  
CYS O    O  N N 50  
CYS CB   C  N N 51  
CYS SG   S  N N 52  
CYS OXT  O  N N 53  
CYS H    H  N N 54  
CYS H2   H  N N 55  
CYS HA   H  N N 56  
CYS HB2  H  N N 57  
CYS HB3  H  N N 58  
CYS HG   H  N N 59  
CYS HXT  H  N N 60  
GLN N    N  N N 61  
GLN CA   C  N S 62  
GLN C    C  N N 63  
GLN O    O  N N 64  
GLN CB   C  N N 65  
GLN CG   C  N N 66  
GLN CD   C  N N 67  
GLN OE1  O  N N 68  
GLN NE2  N  N N 69  
GLN OXT  O  N N 70  
GLN H    H  N N 71  
GLN H2   H  N N 72  
GLN HA   H  N N 73  
GLN HB2  H  N N 74  
GLN HB3  H  N N 75  
GLN HG2  H  N N 76  
GLN HG3  H  N N 77  
GLN HE21 H  N N 78  
GLN HE22 H  N N 79  
GLN HXT  H  N N 80  
GLU N    N  N N 81  
GLU CA   C  N S 82  
GLU C    C  N N 83  
GLU O    O  N N 84  
GLU CB   C  N N 85  
GLU CG   C  N N 86  
GLU CD   C  N N 87  
GLU OE1  O  N N 88  
GLU OE2  O  N N 89  
GLU OXT  O  N N 90  
GLU H    H  N N 91  
GLU H2   H  N N 92  
GLU HA   H  N N 93  
GLU HB2  H  N N 94  
GLU HB3  H  N N 95  
GLU HG2  H  N N 96  
GLU HG3  H  N N 97  
GLU HE2  H  N N 98  
GLU HXT  H  N N 99  
GLY N    N  N N 100 
GLY CA   C  N N 101 
GLY C    C  N N 102 
GLY O    O  N N 103 
GLY OXT  O  N N 104 
GLY H    H  N N 105 
GLY H2   H  N N 106 
GLY HA2  H  N N 107 
GLY HA3  H  N N 108 
GLY HXT  H  N N 109 
HIS N    N  N N 110 
HIS CA   C  N S 111 
HIS C    C  N N 112 
HIS O    O  N N 113 
HIS CB   C  N N 114 
HIS CG   C  Y N 115 
HIS ND1  N  Y N 116 
HIS CD2  C  Y N 117 
HIS CE1  C  Y N 118 
HIS NE2  N  Y N 119 
HIS OXT  O  N N 120 
HIS H    H  N N 121 
HIS H2   H  N N 122 
HIS HA   H  N N 123 
HIS HB2  H  N N 124 
HIS HB3  H  N N 125 
HIS HD1  H  N N 126 
HIS HD2  H  N N 127 
HIS HE1  H  N N 128 
HIS HE2  H  N N 129 
HIS HXT  H  N N 130 
HOH O    O  N N 131 
HOH H1   H  N N 132 
HOH H2   H  N N 133 
ILE N    N  N N 134 
ILE CA   C  N S 135 
ILE C    C  N N 136 
ILE O    O  N N 137 
ILE CB   C  N S 138 
ILE CG1  C  N N 139 
ILE CG2  C  N N 140 
ILE CD1  C  N N 141 
ILE OXT  O  N N 142 
ILE H    H  N N 143 
ILE H2   H  N N 144 
ILE HA   H  N N 145 
ILE HB   H  N N 146 
ILE HG12 H  N N 147 
ILE HG13 H  N N 148 
ILE HG21 H  N N 149 
ILE HG22 H  N N 150 
ILE HG23 H  N N 151 
ILE HD11 H  N N 152 
ILE HD12 H  N N 153 
ILE HD13 H  N N 154 
ILE HXT  H  N N 155 
LEU N    N  N N 156 
LEU CA   C  N S 157 
LEU C    C  N N 158 
LEU O    O  N N 159 
LEU CB   C  N N 160 
LEU CG   C  N N 161 
LEU CD1  C  N N 162 
LEU CD2  C  N N 163 
LEU OXT  O  N N 164 
LEU H    H  N N 165 
LEU H2   H  N N 166 
LEU HA   H  N N 167 
LEU HB2  H  N N 168 
LEU HB3  H  N N 169 
LEU HG   H  N N 170 
LEU HD11 H  N N 171 
LEU HD12 H  N N 172 
LEU HD13 H  N N 173 
LEU HD21 H  N N 174 
LEU HD22 H  N N 175 
LEU HD23 H  N N 176 
LEU HXT  H  N N 177 
LYS N    N  N N 178 
LYS CA   C  N S 179 
LYS C    C  N N 180 
LYS O    O  N N 181 
LYS CB   C  N N 182 
LYS CG   C  N N 183 
LYS CD   C  N N 184 
LYS CE   C  N N 185 
LYS NZ   N  N N 186 
LYS OXT  O  N N 187 
LYS H    H  N N 188 
LYS H2   H  N N 189 
LYS HA   H  N N 190 
LYS HB2  H  N N 191 
LYS HB3  H  N N 192 
LYS HG2  H  N N 193 
LYS HG3  H  N N 194 
LYS HD2  H  N N 195 
LYS HD3  H  N N 196 
LYS HE2  H  N N 197 
LYS HE3  H  N N 198 
LYS HZ1  H  N N 199 
LYS HZ2  H  N N 200 
LYS HZ3  H  N N 201 
LYS HXT  H  N N 202 
MET N    N  N N 203 
MET CA   C  N S 204 
MET C    C  N N 205 
MET O    O  N N 206 
MET CB   C  N N 207 
MET CG   C  N N 208 
MET SD   S  N N 209 
MET CE   C  N N 210 
MET OXT  O  N N 211 
MET H    H  N N 212 
MET H2   H  N N 213 
MET HA   H  N N 214 
MET HB2  H  N N 215 
MET HB3  H  N N 216 
MET HG2  H  N N 217 
MET HG3  H  N N 218 
MET HE1  H  N N 219 
MET HE2  H  N N 220 
MET HE3  H  N N 221 
MET HXT  H  N N 222 
PHE N    N  N N 223 
PHE CA   C  N S 224 
PHE C    C  N N 225 
PHE O    O  N N 226 
PHE CB   C  N N 227 
PHE CG   C  Y N 228 
PHE CD1  C  Y N 229 
PHE CD2  C  Y N 230 
PHE CE1  C  Y N 231 
PHE CE2  C  Y N 232 
PHE CZ   C  Y N 233 
PHE OXT  O  N N 234 
PHE H    H  N N 235 
PHE H2   H  N N 236 
PHE HA   H  N N 237 
PHE HB2  H  N N 238 
PHE HB3  H  N N 239 
PHE HD1  H  N N 240 
PHE HD2  H  N N 241 
PHE HE1  H  N N 242 
PHE HE2  H  N N 243 
PHE HZ   H  N N 244 
PHE HXT  H  N N 245 
PRO N    N  N N 246 
PRO CA   C  N S 247 
PRO C    C  N N 248 
PRO O    O  N N 249 
PRO CB   C  N N 250 
PRO CG   C  N N 251 
PRO CD   C  N N 252 
PRO OXT  O  N N 253 
PRO H    H  N N 254 
PRO HA   H  N N 255 
PRO HB2  H  N N 256 
PRO HB3  H  N N 257 
PRO HG2  H  N N 258 
PRO HG3  H  N N 259 
PRO HD2  H  N N 260 
PRO HD3  H  N N 261 
PRO HXT  H  N N 262 
SER N    N  N N 263 
SER CA   C  N S 264 
SER C    C  N N 265 
SER O    O  N N 266 
SER CB   C  N N 267 
SER OG   O  N N 268 
SER OXT  O  N N 269 
SER H    H  N N 270 
SER H2   H  N N 271 
SER HA   H  N N 272 
SER HB2  H  N N 273 
SER HB3  H  N N 274 
SER HG   H  N N 275 
SER HXT  H  N N 276 
THR N    N  N N 277 
THR CA   C  N S 278 
THR C    C  N N 279 
THR O    O  N N 280 
THR CB   C  N R 281 
THR OG1  O  N N 282 
THR CG2  C  N N 283 
THR OXT  O  N N 284 
THR H    H  N N 285 
THR H2   H  N N 286 
THR HA   H  N N 287 
THR HB   H  N N 288 
THR HG1  H  N N 289 
THR HG21 H  N N 290 
THR HG22 H  N N 291 
THR HG23 H  N N 292 
THR HXT  H  N N 293 
TYR N    N  N N 294 
TYR CA   C  N S 295 
TYR C    C  N N 296 
TYR O    O  N N 297 
TYR CB   C  N N 298 
TYR CG   C  Y N 299 
TYR CD1  C  Y N 300 
TYR CD2  C  Y N 301 
TYR CE1  C  Y N 302 
TYR CE2  C  Y N 303 
TYR CZ   C  Y N 304 
TYR OH   O  N N 305 
TYR OXT  O  N N 306 
TYR H    H  N N 307 
TYR H2   H  N N 308 
TYR HA   H  N N 309 
TYR HB2  H  N N 310 
TYR HB3  H  N N 311 
TYR HD1  H  N N 312 
TYR HD2  H  N N 313 
TYR HE1  H  N N 314 
TYR HE2  H  N N 315 
TYR HH   H  N N 316 
TYR HXT  H  N N 317 
VAL N    N  N N 318 
VAL CA   C  N S 319 
VAL C    C  N N 320 
VAL O    O  N N 321 
VAL CB   C  N N 322 
VAL CG1  C  N N 323 
VAL CG2  C  N N 324 
VAL OXT  O  N N 325 
VAL H    H  N N 326 
VAL H2   H  N N 327 
VAL HA   H  N N 328 
VAL HB   H  N N 329 
VAL HG11 H  N N 330 
VAL HG12 H  N N 331 
VAL HG13 H  N N 332 
VAL HG21 H  N N 333 
VAL HG22 H  N N 334 
VAL HG23 H  N N 335 
VAL HXT  H  N N 336 
ZN  ZN   ZN N N 337 
# 
loop_
_chem_comp_bond.comp_id 
_chem_comp_bond.atom_id_1 
_chem_comp_bond.atom_id_2 
_chem_comp_bond.value_order 
_chem_comp_bond.pdbx_aromatic_flag 
_chem_comp_bond.pdbx_stereo_config 
_chem_comp_bond.pdbx_ordinal 
ALA N   CA   sing N N 1   
ALA N   H    sing N N 2   
ALA N   H2   sing N N 3   
ALA CA  C    sing N N 4   
ALA CA  CB   sing N N 5   
ALA CA  HA   sing N N 6   
ALA C   O    doub N N 7   
ALA C   OXT  sing N N 8   
ALA CB  HB1  sing N N 9   
ALA CB  HB2  sing N N 10  
ALA CB  HB3  sing N N 11  
ALA OXT HXT  sing N N 12  
ASN N   CA   sing N N 13  
ASN N   H    sing N N 14  
ASN N   H2   sing N N 15  
ASN CA  C    sing N N 16  
ASN CA  CB   sing N N 17  
ASN CA  HA   sing N N 18  
ASN C   O    doub N N 19  
ASN C   OXT  sing N N 20  
ASN CB  CG   sing N N 21  
ASN CB  HB2  sing N N 22  
ASN CB  HB3  sing N N 23  
ASN CG  OD1  doub N N 24  
ASN CG  ND2  sing N N 25  
ASN ND2 HD21 sing N N 26  
ASN ND2 HD22 sing N N 27  
ASN OXT HXT  sing N N 28  
ASP N   CA   sing N N 29  
ASP N   H    sing N N 30  
ASP N   H2   sing N N 31  
ASP CA  C    sing N N 32  
ASP CA  CB   sing N N 33  
ASP CA  HA   sing N N 34  
ASP C   O    doub N N 35  
ASP C   OXT  sing N N 36  
ASP CB  CG   sing N N 37  
ASP CB  HB2  sing N N 38  
ASP CB  HB3  sing N N 39  
ASP CG  OD1  doub N N 40  
ASP CG  OD2  sing N N 41  
ASP OD2 HD2  sing N N 42  
ASP OXT HXT  sing N N 43  
CYS N   CA   sing N N 44  
CYS N   H    sing N N 45  
CYS N   H2   sing N N 46  
CYS CA  C    sing N N 47  
CYS CA  CB   sing N N 48  
CYS CA  HA   sing N N 49  
CYS C   O    doub N N 50  
CYS C   OXT  sing N N 51  
CYS CB  SG   sing N N 52  
CYS CB  HB2  sing N N 53  
CYS CB  HB3  sing N N 54  
CYS SG  HG   sing N N 55  
CYS OXT HXT  sing N N 56  
GLN N   CA   sing N N 57  
GLN N   H    sing N N 58  
GLN N   H2   sing N N 59  
GLN CA  C    sing N N 60  
GLN CA  CB   sing N N 61  
GLN CA  HA   sing N N 62  
GLN C   O    doub N N 63  
GLN C   OXT  sing N N 64  
GLN CB  CG   sing N N 65  
GLN CB  HB2  sing N N 66  
GLN CB  HB3  sing N N 67  
GLN CG  CD   sing N N 68  
GLN CG  HG2  sing N N 69  
GLN CG  HG3  sing N N 70  
GLN CD  OE1  doub N N 71  
GLN CD  NE2  sing N N 72  
GLN NE2 HE21 sing N N 73  
GLN NE2 HE22 sing N N 74  
GLN OXT HXT  sing N N 75  
GLU N   CA   sing N N 76  
GLU N   H    sing N N 77  
GLU N   H2   sing N N 78  
GLU CA  C    sing N N 79  
GLU CA  CB   sing N N 80  
GLU CA  HA   sing N N 81  
GLU C   O    doub N N 82  
GLU C   OXT  sing N N 83  
GLU CB  CG   sing N N 84  
GLU CB  HB2  sing N N 85  
GLU CB  HB3  sing N N 86  
GLU CG  CD   sing N N 87  
GLU CG  HG2  sing N N 88  
GLU CG  HG3  sing N N 89  
GLU CD  OE1  doub N N 90  
GLU CD  OE2  sing N N 91  
GLU OE2 HE2  sing N N 92  
GLU OXT HXT  sing N N 93  
GLY N   CA   sing N N 94  
GLY N   H    sing N N 95  
GLY N   H2   sing N N 96  
GLY CA  C    sing N N 97  
GLY CA  HA2  sing N N 98  
GLY CA  HA3  sing N N 99  
GLY C   O    doub N N 100 
GLY C   OXT  sing N N 101 
GLY OXT HXT  sing N N 102 
HIS N   CA   sing N N 103 
HIS N   H    sing N N 104 
HIS N   H2   sing N N 105 
HIS CA  C    sing N N 106 
HIS CA  CB   sing N N 107 
HIS CA  HA   sing N N 108 
HIS C   O    doub N N 109 
HIS C   OXT  sing N N 110 
HIS CB  CG   sing N N 111 
HIS CB  HB2  sing N N 112 
HIS CB  HB3  sing N N 113 
HIS CG  ND1  sing Y N 114 
HIS CG  CD2  doub Y N 115 
HIS ND1 CE1  doub Y N 116 
HIS ND1 HD1  sing N N 117 
HIS CD2 NE2  sing Y N 118 
HIS CD2 HD2  sing N N 119 
HIS CE1 NE2  sing Y N 120 
HIS CE1 HE1  sing N N 121 
HIS NE2 HE2  sing N N 122 
HIS OXT HXT  sing N N 123 
HOH O   H1   sing N N 124 
HOH O   H2   sing N N 125 
ILE N   CA   sing N N 126 
ILE N   H    sing N N 127 
ILE N   H2   sing N N 128 
ILE CA  C    sing N N 129 
ILE CA  CB   sing N N 130 
ILE CA  HA   sing N N 131 
ILE C   O    doub N N 132 
ILE C   OXT  sing N N 133 
ILE CB  CG1  sing N N 134 
ILE CB  CG2  sing N N 135 
ILE CB  HB   sing N N 136 
ILE CG1 CD1  sing N N 137 
ILE CG1 HG12 sing N N 138 
ILE CG1 HG13 sing N N 139 
ILE CG2 HG21 sing N N 140 
ILE CG2 HG22 sing N N 141 
ILE CG2 HG23 sing N N 142 
ILE CD1 HD11 sing N N 143 
ILE CD1 HD12 sing N N 144 
ILE CD1 HD13 sing N N 145 
ILE OXT HXT  sing N N 146 
LEU N   CA   sing N N 147 
LEU N   H    sing N N 148 
LEU N   H2   sing N N 149 
LEU CA  C    sing N N 150 
LEU CA  CB   sing N N 151 
LEU CA  HA   sing N N 152 
LEU C   O    doub N N 153 
LEU C   OXT  sing N N 154 
LEU CB  CG   sing N N 155 
LEU CB  HB2  sing N N 156 
LEU CB  HB3  sing N N 157 
LEU CG  CD1  sing N N 158 
LEU CG  CD2  sing N N 159 
LEU CG  HG   sing N N 160 
LEU CD1 HD11 sing N N 161 
LEU CD1 HD12 sing N N 162 
LEU CD1 HD13 sing N N 163 
LEU CD2 HD21 sing N N 164 
LEU CD2 HD22 sing N N 165 
LEU CD2 HD23 sing N N 166 
LEU OXT HXT  sing N N 167 
LYS N   CA   sing N N 168 
LYS N   H    sing N N 169 
LYS N   H2   sing N N 170 
LYS CA  C    sing N N 171 
LYS CA  CB   sing N N 172 
LYS CA  HA   sing N N 173 
LYS C   O    doub N N 174 
LYS C   OXT  sing N N 175 
LYS CB  CG   sing N N 176 
LYS CB  HB2  sing N N 177 
LYS CB  HB3  sing N N 178 
LYS CG  CD   sing N N 179 
LYS CG  HG2  sing N N 180 
LYS CG  HG3  sing N N 181 
LYS CD  CE   sing N N 182 
LYS CD  HD2  sing N N 183 
LYS CD  HD3  sing N N 184 
LYS CE  NZ   sing N N 185 
LYS CE  HE2  sing N N 186 
LYS CE  HE3  sing N N 187 
LYS NZ  HZ1  sing N N 188 
LYS NZ  HZ2  sing N N 189 
LYS NZ  HZ3  sing N N 190 
LYS OXT HXT  sing N N 191 
MET N   CA   sing N N 192 
MET N   H    sing N N 193 
MET N   H2   sing N N 194 
MET CA  C    sing N N 195 
MET CA  CB   sing N N 196 
MET CA  HA   sing N N 197 
MET C   O    doub N N 198 
MET C   OXT  sing N N 199 
MET CB  CG   sing N N 200 
MET CB  HB2  sing N N 201 
MET CB  HB3  sing N N 202 
MET CG  SD   sing N N 203 
MET CG  HG2  sing N N 204 
MET CG  HG3  sing N N 205 
MET SD  CE   sing N N 206 
MET CE  HE1  sing N N 207 
MET CE  HE2  sing N N 208 
MET CE  HE3  sing N N 209 
MET OXT HXT  sing N N 210 
PHE N   CA   sing N N 211 
PHE N   H    sing N N 212 
PHE N   H2   sing N N 213 
PHE CA  C    sing N N 214 
PHE CA  CB   sing N N 215 
PHE CA  HA   sing N N 216 
PHE C   O    doub N N 217 
PHE C   OXT  sing N N 218 
PHE CB  CG   sing N N 219 
PHE CB  HB2  sing N N 220 
PHE CB  HB3  sing N N 221 
PHE CG  CD1  doub Y N 222 
PHE CG  CD2  sing Y N 223 
PHE CD1 CE1  sing Y N 224 
PHE CD1 HD1  sing N N 225 
PHE CD2 CE2  doub Y N 226 
PHE CD2 HD2  sing N N 227 
PHE CE1 CZ   doub Y N 228 
PHE CE1 HE1  sing N N 229 
PHE CE2 CZ   sing Y N 230 
PHE CE2 HE2  sing N N 231 
PHE CZ  HZ   sing N N 232 
PHE OXT HXT  sing N N 233 
PRO N   CA   sing N N 234 
PRO N   CD   sing N N 235 
PRO N   H    sing N N 236 
PRO CA  C    sing N N 237 
PRO CA  CB   sing N N 238 
PRO CA  HA   sing N N 239 
PRO C   O    doub N N 240 
PRO C   OXT  sing N N 241 
PRO CB  CG   sing N N 242 
PRO CB  HB2  sing N N 243 
PRO CB  HB3  sing N N 244 
PRO CG  CD   sing N N 245 
PRO CG  HG2  sing N N 246 
PRO CG  HG3  sing N N 247 
PRO CD  HD2  sing N N 248 
PRO CD  HD3  sing N N 249 
PRO OXT HXT  sing N N 250 
SER N   CA   sing N N 251 
SER N   H    sing N N 252 
SER N   H2   sing N N 253 
SER CA  C    sing N N 254 
SER CA  CB   sing N N 255 
SER CA  HA   sing N N 256 
SER C   O    doub N N 257 
SER C   OXT  sing N N 258 
SER CB  OG   sing N N 259 
SER CB  HB2  sing N N 260 
SER CB  HB3  sing N N 261 
SER OG  HG   sing N N 262 
SER OXT HXT  sing N N 263 
THR N   CA   sing N N 264 
THR N   H    sing N N 265 
THR N   H2   sing N N 266 
THR CA  C    sing N N 267 
THR CA  CB   sing N N 268 
THR CA  HA   sing N N 269 
THR C   O    doub N N 270 
THR C   OXT  sing N N 271 
THR CB  OG1  sing N N 272 
THR CB  CG2  sing N N 273 
THR CB  HB   sing N N 274 
THR OG1 HG1  sing N N 275 
THR CG2 HG21 sing N N 276 
THR CG2 HG22 sing N N 277 
THR CG2 HG23 sing N N 278 
THR OXT HXT  sing N N 279 
TYR N   CA   sing N N 280 
TYR N   H    sing N N 281 
TYR N   H2   sing N N 282 
TYR CA  C    sing N N 283 
TYR CA  CB   sing N N 284 
TYR CA  HA   sing N N 285 
TYR C   O    doub N N 286 
TYR C   OXT  sing N N 287 
TYR CB  CG   sing N N 288 
TYR CB  HB2  sing N N 289 
TYR CB  HB3  sing N N 290 
TYR CG  CD1  doub Y N 291 
TYR CG  CD2  sing Y N 292 
TYR CD1 CE1  sing Y N 293 
TYR CD1 HD1  sing N N 294 
TYR CD2 CE2  doub Y N 295 
TYR CD2 HD2  sing N N 296 
TYR CE1 CZ   doub Y N 297 
TYR CE1 HE1  sing N N 298 
TYR CE2 CZ   sing Y N 299 
TYR CE2 HE2  sing N N 300 
TYR CZ  OH   sing N N 301 
TYR OH  HH   sing N N 302 
TYR OXT HXT  sing N N 303 
VAL N   CA   sing N N 304 
VAL N   H    sing N N 305 
VAL N   H2   sing N N 306 
VAL CA  C    sing N N 307 
VAL CA  CB   sing N N 308 
VAL CA  HA   sing N N 309 
VAL C   O    doub N N 310 
VAL C   OXT  sing N N 311 
VAL CB  CG1  sing N N 312 
VAL CB  CG2  sing N N 313 
VAL CB  HB   sing N N 314 
VAL CG1 HG11 sing N N 315 
VAL CG1 HG12 sing N N 316 
VAL CG1 HG13 sing N N 317 
VAL CG2 HG21 sing N N 318 
VAL CG2 HG22 sing N N 319 
VAL CG2 HG23 sing N N 320 
VAL OXT HXT  sing N N 321 
# 
_atom_sites.entry_id                    3DDT 
_atom_sites.fract_transf_matrix[1][1]   -0.00832991 
_atom_sites.fract_transf_matrix[1][2]   0.00309609 
_atom_sites.fract_transf_matrix[1][3]   -0.01226955 
_atom_sites.fract_transf_matrix[2][1]   -0.01320191 
_atom_sites.fract_transf_matrix[2][2]   0.00728923 
_atom_sites.fract_transf_matrix[2][3]   0.00144891 
_atom_sites.fract_transf_matrix[3][1]   0.00321596 
_atom_sites.fract_transf_matrix[3][2]   0.00595966 
_atom_sites.fract_transf_matrix[3][3]   -0.00067949 
_atom_sites.fract_transf_vector[1]      -0.033577 
_atom_sites.fract_transf_vector[2]      0.701037 
_atom_sites.fract_transf_vector[3]      0.013988 
# 
loop_
_atom_type.symbol 
C  
N  
O  
S  
ZN 
# 
loop_
_atom_site.group_PDB 
_atom_site.id 
_atom_site.type_symbol 
_atom_site.label_atom_id 
_atom_site.label_alt_id 
_atom_site.label_comp_id 
_atom_site.label_asym_id 
_atom_site.label_entity_id 
_atom_site.label_seq_id 
_atom_site.pdbx_PDB_ins_code 
_atom_site.Cartn_x 
_atom_site.Cartn_y 
_atom_site.Cartn_z 
_atom_site.occupancy 
_atom_site.B_iso_or_equiv 
_atom_site.pdbx_formal_charge 
_atom_site.auth_seq_id 
_atom_site.auth_comp_id 
_atom_site.auth_asym_id 
_atom_site.auth_atom_id 
_atom_site.pdbx_PDB_model_num 
ATOM   1    N  N   . GLY A 1 1  ? 2.564   18.814  0.045   1.00 27.89 ? -2  GLY A N   1 
ATOM   2    C  CA  . GLY A 1 1  ? 2.803   20.230  0.300   1.00 33.19 ? -2  GLY A CA  1 
ATOM   3    C  C   . GLY A 1 1  ? 2.997   20.585  1.769   1.00 31.22 ? -2  GLY A C   1 
ATOM   4    O  O   . GLY A 1 1  ? 2.948   19.724  2.634   1.00 29.67 ? -2  GLY A O   1 
ATOM   5    N  N   . ALA A 1 2  ? 3.211   21.872  2.044   1.00 28.35 ? -1  ALA A N   1 
ATOM   6    C  CA  . ALA A 1 2  ? 3.478   22.362  3.386   1.00 34.90 ? -1  ALA A CA  1 
ATOM   7    C  C   . ALA A 1 2  ? 2.365   22.106  4.380   1.00 28.92 ? -1  ALA A C   1 
ATOM   8    O  O   . ALA A 1 2  ? 1.168   22.235  4.058   1.00 26.94 ? -1  ALA A O   1 
ATOM   9    C  CB  . ALA A 1 2  ? 3.763   23.864  3.343   1.00 35.62 ? -1  ALA A CB  1 
ATOM   10   N  N   . MET A 1 3  ? 2.758   21.784  5.612   1.00 26.78 ? 0   MET A N   1 
ATOM   11   C  CA  . MET A 1 3  ? 1.814   21.801  6.726   1.00 28.12 ? 0   MET A CA  1 
ATOM   12   C  C   . MET A 1 3  ? 1.110   23.147  6.759   1.00 35.53 ? 0   MET A C   1 
ATOM   13   O  O   . MET A 1 3  ? 1.731   24.179  6.466   1.00 37.57 ? 0   MET A O   1 
ATOM   14   C  CB  . MET A 1 3  ? 2.539   21.604  8.063   1.00 28.40 ? 0   MET A CB  1 
ATOM   15   C  CG  . MET A 1 3  ? 3.074   20.216  8.294   1.00 32.48 ? 0   MET A CG  1 
ATOM   16   S  SD  . MET A 1 3  ? 1.781   18.933  8.178   1.00 31.77 ? 0   MET A SD  1 
ATOM   17   C  CE  . MET A 1 3  ? 0.611   19.398  9.458   1.00 31.85 ? 0   MET A CE  1 
ATOM   18   N  N   . GLY A 1 4  ? -0.167  23.145  7.140   1.00 32.77 ? 1   GLY A N   1 
ATOM   19   C  CA  . GLY A 1 4  ? -0.958  24.366  7.183   1.00 38.67 ? 1   GLY A CA  1 
ATOM   20   C  C   . GLY A 1 4  ? -1.650  24.658  5.863   1.00 39.64 ? 1   GLY A C   1 
ATOM   21   O  O   . GLY A 1 4  ? -2.578  25.454  5.787   1.00 42.69 ? 1   GLY A O   1 
ATOM   22   N  N   . SER A 1 5  ? -1.182  24.009  4.810   1.00 28.54 ? 2   SER A N   1 
ATOM   23   C  CA  . SER A 1 5  ? -1.836  24.116  3.504   1.00 34.78 ? 2   SER A CA  1 
ATOM   24   C  C   . SER A 1 5  ? -2.336  22.747  2.987   1.00 31.91 ? 2   SER A C   1 
ATOM   25   O  O   . SER A 1 5  ? -3.341  22.682  2.285   1.00 36.99 ? 2   SER A O   1 
ATOM   26   C  CB  . SER A 1 5  ? -0.889  24.761  2.496   1.00 35.98 ? 2   SER A CB  1 
ATOM   27   O  OG  . SER A 1 5  ? -1.496  24.885  1.220   1.00 44.29 ? 2   SER A OG  1 
ATOM   28   N  N   . HIS A 1 6  ? -1.639  21.670  3.349   1.00 26.94 ? 3   HIS A N   1 
ATOM   29   C  CA  . HIS A 1 6  ? -1.970  20.304  2.872   1.00 25.07 ? 3   HIS A CA  1 
ATOM   30   C  C   . HIS A 1 6  ? -2.997  19.673  3.794   1.00 24.16 ? 3   HIS A C   1 
ATOM   31   O  O   . HIS A 1 6  ? -2.763  19.560  4.991   1.00 25.03 ? 3   HIS A O   1 
ATOM   32   C  CB  . HIS A 1 6  ? -0.700  19.445  2.832   1.00 24.29 ? 3   HIS A CB  1 
ATOM   33   C  CG  . HIS A 1 6  ? -0.768  18.280  1.886   1.00 21.00 ? 3   HIS A CG  1 
ATOM   34   N  ND1 . HIS A 1 6  ? -1.787  17.348  1.908   1.00 25.57 ? 3   HIS A ND1 1 
ATOM   35   C  CD2 . HIS A 1 6  ? 0.063   17.906  0.883   1.00 21.34 ? 3   HIS A CD2 1 
ATOM   36   C  CE1 . HIS A 1 6  ? -1.577  16.448  0.957   1.00 16.81 ? 3   HIS A CE1 1 
ATOM   37   N  NE2 . HIS A 1 6  ? -0.465  16.765  0.321   1.00 24.32 ? 3   HIS A NE2 1 
ATOM   38   N  N   . PRO A 1 7  ? -4.165  19.268  3.245   1.00 24.21 ? 4   PRO A N   1 
ATOM   39   C  CA  . PRO A 1 7  ? -5.256  18.698  4.034   1.00 25.25 ? 4   PRO A CA  1 
ATOM   40   C  C   . PRO A 1 7  ? -4.811  17.400  4.734   1.00 28.04 ? 4   PRO A C   1 
ATOM   41   O  O   . PRO A 1 7  ? -4.153  16.593  4.100   1.00 23.76 ? 4   PRO A O   1 
ATOM   42   C  CB  . PRO A 1 7  ? -6.301  18.367  2.963   1.00 26.41 ? 4   PRO A CB  1 
ATOM   43   C  CG  . PRO A 1 7  ? -6.062  19.379  1.886   1.00 27.25 ? 4   PRO A CG  1 
ATOM   44   C  CD  . PRO A 1 7  ? -4.560  19.534  1.840   1.00 20.29 ? 4   PRO A CD  1 
ATOM   45   N  N   . MET A 1 8  ? -5.166  17.200  6.001   1.00 26.09 ? 5   MET A N   1 
ATOM   46   C  CA  . MET A 1 8  ? -4.746  15.999  6.726   1.00 27.58 ? 5   MET A CA  1 
ATOM   47   C  C   . MET A 1 8  ? -5.890  15.008  6.780   1.00 30.63 ? 5   MET A C   1 
ATOM   48   O  O   . MET A 1 8  ? -7.058  15.399  6.703   1.00 26.01 ? 5   MET A O   1 
ATOM   49   C  CB  . MET A 1 8  ? -4.303  16.371  8.134   1.00 28.74 ? 5   MET A CB  1 
ATOM   50   C  CG  . MET A 1 8  ? -3.250  17.465  8.149   1.00 26.88 ? 5   MET A CG  1 
ATOM   51   S  SD  . MET A 1 8  ? -1.680  17.006  7.366   1.00 28.46 ? 5   MET A SD  1 
ATOM   52   C  CE  . MET A 1 8  ? -1.037  15.817  8.564   1.00 29.68 ? 5   MET A CE  1 
ATOM   53   N  N   . CYS A 1 9  ? -5.573  13.723  6.912   1.00 25.93 ? 6   CYS A N   1 
ATOM   54   C  CA  . CYS A 1 9  ? -6.623  12.721  6.987   1.00 24.33 ? 6   CYS A CA  1 
ATOM   55   C  C   . CYS A 1 9  ? -7.423  12.871  8.289   1.00 31.38 ? 6   CYS A C   1 
ATOM   56   O  O   . CYS A 1 9  ? -6.856  13.068  9.342   1.00 30.14 ? 6   CYS A O   1 
ATOM   57   C  CB  . CYS A 1 9  ? -6.035  11.307  6.914   1.00 26.00 ? 6   CYS A CB  1 
ATOM   58   S  SG  . CYS A 1 9  ? -7.288  10.019  6.918   1.00 27.84 ? 6   CYS A SG  1 
ATOM   59   N  N   . LYS A 1 10 ? -8.739  12.759  8.195   1.00 28.93 ? 7   LYS A N   1 
ATOM   60   C  CA  . LYS A 1 10 ? -9.614  12.810  9.373   1.00 35.08 ? 7   LYS A CA  1 
ATOM   61   C  C   . LYS A 1 10 ? -9.356  11.626  10.305  1.00 39.36 ? 7   LYS A C   1 
ATOM   62   O  O   . LYS A 1 10 ? -9.426  11.754  11.529  1.00 35.34 ? 7   LYS A O   1 
ATOM   63   C  CB  . LYS A 1 10 ? -11.082 12.815  8.937   1.00 40.99 ? 7   LYS A CB  1 
ATOM   64   C  CG  . LYS A 1 10 ? -12.090 12.891  10.074  1.00 52.31 ? 7   LYS A CG  1 
ATOM   65   C  CD  . LYS A 1 10 ? -13.524 12.763  9.550   1.00 57.69 ? 7   LYS A CD  1 
ATOM   66   C  CE  . LYS A 1 10 ? -14.557 12.978  10.658  1.00 66.55 ? 7   LYS A CE  1 
ATOM   67   N  NZ  . LYS A 1 10 ? -14.596 11.852  11.641  1.00 64.59 ? 7   LYS A NZ  1 
ATOM   68   N  N   . GLU A 1 11 ? -9.058  10.472  9.715   1.00 35.64 ? 8   GLU A N   1 
ATOM   69   C  CA  . GLU A 1 11 ? -8.781  9.266   10.479  1.00 34.79 ? 8   GLU A CA  1 
ATOM   70   C  C   . GLU A 1 11 ? -7.345  9.253   10.998  1.00 40.18 ? 8   GLU A C   1 
ATOM   71   O  O   . GLU A 1 11 ? -7.101  8.824   12.128  1.00 42.10 ? 8   GLU A O   1 
ATOM   72   C  CB  . GLU A 1 11 ? -9.044  8.022   9.615   1.00 35.42 ? 8   GLU A CB  1 
ATOM   73   C  CG  . GLU A 1 11 ? -8.780  6.691   10.329  1.00 45.03 ? 8   GLU A CG  1 
ATOM   74   C  CD  . GLU A 1 11 ? -9.654  6.499   11.584  1.00 61.53 ? 8   GLU A CD  1 
ATOM   75   O  OE1 . GLU A 1 11 ? -10.772 7.069   11.625  1.00 61.17 ? 8   GLU A OE1 1 
ATOM   76   O  OE2 . GLU A 1 11 ? -9.226  5.782   12.525  1.00 58.23 ? 8   GLU A OE2 1 
ATOM   77   N  N   . HIS A 1 12 ? -6.397  9.710   10.172  1.00 30.90 ? 9   HIS A N   1 
ATOM   78   C  CA  . HIS A 1 12 ? -4.987  9.742   10.557  1.00 32.44 ? 9   HIS A CA  1 
ATOM   79   C  C   . HIS A 1 12 ? -4.511  11.180  10.573  1.00 32.81 ? 9   HIS A C   1 
ATOM   80   O  O   . HIS A 1 12 ? -3.977  11.687  9.578   1.00 27.88 ? 9   HIS A O   1 
ATOM   81   C  CB  . HIS A 1 12 ? -4.151  8.898   9.593   1.00 29.32 ? 9   HIS A CB  1 
ATOM   82   C  CG  . HIS A 1 12 ? -4.643  7.488   9.477   1.00 30.52 ? 9   HIS A CG  1 
ATOM   83   N  ND1 . HIS A 1 12 ? -5.594  7.110   8.551   1.00 28.09 ? 9   HIS A ND1 1 
ATOM   84   C  CD2 . HIS A 1 12 ? -4.372  6.382   10.213  1.00 29.10 ? 9   HIS A CD2 1 
ATOM   85   C  CE1 . HIS A 1 12 ? -5.869  5.824   8.704   1.00 32.40 ? 9   HIS A CE1 1 
ATOM   86   N  NE2 . HIS A 1 12 ? -5.134  5.356   9.700   1.00 31.32 ? 9   HIS A NE2 1 
ATOM   87   N  N   . GLU A 1 13 ? -4.713  11.832  11.714  1.00 31.93 ? 10  GLU A N   1 
ATOM   88   C  CA  . GLU A 1 13 ? -4.479  13.266  11.839  1.00 31.89 ? 10  GLU A CA  1 
ATOM   89   C  C   . GLU A 1 13 ? -3.066  13.693  11.501  1.00 31.09 ? 10  GLU A C   1 
ATOM   90   O  O   . GLU A 1 13 ? -2.836  14.863  11.196  1.00 31.82 ? 10  GLU A O   1 
ATOM   91   C  CB  . GLU A 1 13 ? -4.841  13.746  13.245  1.00 41.12 ? 10  GLU A CB  1 
ATOM   92   C  CG  . GLU A 1 13 ? -6.333  13.698  13.526  1.00 47.74 ? 10  GLU A CG  1 
ATOM   93   C  CD  . GLU A 1 13 ? -6.659  13.981  14.984  1.00 63.20 ? 10  GLU A CD  1 
ATOM   94   O  OE1 . GLU A 1 13 ? -5.796  14.563  15.684  1.00 64.17 ? 10  GLU A OE1 1 
ATOM   95   O  OE2 . GLU A 1 13 ? -7.775  13.613  15.429  1.00 65.28 ? 10  GLU A OE2 1 
ATOM   96   N  N   . ASP A 1 14 ? -2.108  12.765  11.569  1.00 32.30 ? 11  ASP A N   1 
ATOM   97   C  CA  . ASP A 1 14 ? -0.723  13.121  11.265  1.00 28.32 ? 11  ASP A CA  1 
ATOM   98   C  C   . ASP A 1 14 ? -0.325  12.795  9.828   1.00 30.24 ? 11  ASP A C   1 
ATOM   99   O  O   . ASP A 1 14 ? 0.842   12.933  9.473   1.00 29.88 ? 11  ASP A O   1 
ATOM   100  C  CB  . ASP A 1 14 ? 0.258   12.412  12.213  1.00 36.61 ? 11  ASP A CB  1 
ATOM   101  C  CG  . ASP A 1 14 ? 0.132   12.891  13.646  1.00 45.74 ? 11  ASP A CG  1 
ATOM   102  O  OD1 . ASP A 1 14 ? -0.015  14.119  13.851  1.00 44.23 ? 11  ASP A OD1 1 
ATOM   103  O  OD2 . ASP A 1 14 ? 0.169   12.035  14.564  1.00 49.68 ? 11  ASP A OD2 1 
ATOM   104  N  N   . GLU A 1 15 ? -1.273  12.317  9.027   1.00 26.48 ? 12  GLU A N   1 
ATOM   105  C  CA  . GLU A 1 15 ? -0.983  11.929  7.652   1.00 29.24 ? 12  GLU A CA  1 
ATOM   106  C  C   . GLU A 1 15 ? -1.623  12.904  6.698   1.00 23.24 ? 12  GLU A C   1 
ATOM   107  O  O   . GLU A 1 15 ? -2.804  13.193  6.807   1.00 23.59 ? 12  GLU A O   1 
ATOM   108  C  CB  . GLU A 1 15 ? -1.524  10.525  7.341   1.00 28.95 ? 12  GLU A CB  1 
ATOM   109  C  CG  . GLU A 1 15 ? -0.887  9.436   8.166   1.00 37.47 ? 12  GLU A CG  1 
ATOM   110  C  CD  . GLU A 1 15 ? 0.610   9.338   7.912   1.00 43.73 ? 12  GLU A CD  1 
ATOM   111  O  OE1 . GLU A 1 15 ? 1.020   9.435   6.715   1.00 36.63 ? 12  GLU A OE1 1 
ATOM   112  O  OE2 . GLU A 1 15 ? 1.370   9.181   8.911   1.00 50.94 ? 12  GLU A OE2 1 
ATOM   113  N  N   . LYS A 1 16 ? -0.825  13.399  5.763   1.00 23.18 ? 13  LYS A N   1 
ATOM   114  C  CA  . LYS A 1 16 ? -1.345  14.229  4.689   1.00 22.80 ? 13  LYS A CA  1 
ATOM   115  C  C   . LYS A 1 16 ? -2.240  13.361  3.808   1.00 26.35 ? 13  LYS A C   1 
ATOM   116  O  O   . LYS A 1 16 ? -1.988  12.172  3.649   1.00 23.49 ? 13  LYS A O   1 
ATOM   117  C  CB  . LYS A 1 16 ? -0.184  14.782  3.880   1.00 25.96 ? 13  LYS A CB  1 
ATOM   118  C  CG  . LYS A 1 16 ? 0.642   15.812  4.698   1.00 24.30 ? 13  LYS A CG  1 
ATOM   119  C  CD  . LYS A 1 16 ? 1.839   16.342  3.909   1.00 28.04 ? 13  LYS A CD  1 
ATOM   120  C  CE  . LYS A 1 16 ? 2.605   17.339  4.768   1.00 31.89 ? 13  LYS A CE  1 
ATOM   121  N  NZ  . LYS A 1 16 ? 3.875   17.739  4.122   1.00 30.22 ? 13  LYS A NZ  1 
ATOM   122  N  N   . ILE A 1 17 ? -3.299  13.950  3.255   1.00 23.85 ? 14  ILE A N   1 
ATOM   123  C  CA  . ILE A 1 17 ? -4.052  13.295  2.200   1.00 21.17 ? 14  ILE A CA  1 
ATOM   124  C  C   . ILE A 1 17 ? -3.131  13.190  0.994   1.00 22.35 ? 14  ILE A C   1 
ATOM   125  O  O   . ILE A 1 17 ? -2.857  14.199  0.320   1.00 22.76 ? 14  ILE A O   1 
ATOM   126  C  CB  . ILE A 1 17 ? -5.293  14.131  1.794   1.00 19.71 ? 14  ILE A CB  1 
ATOM   127  C  CG1 . ILE A 1 17 ? -6.304  14.246  2.941   1.00 29.94 ? 14  ILE A CG1 1 
ATOM   128  C  CG2 . ILE A 1 17 ? -5.907  13.572  0.505   1.00 21.08 ? 14  ILE A CG2 1 
ATOM   129  C  CD1 . ILE A 1 17 ? -6.686  12.969  3.542   1.00 32.62 ? 14  ILE A CD1 1 
ATOM   130  N  N   . ASN A 1 18 ? -2.661  11.983  0.679   1.00 16.48 ? 15  ASN A N   1 
ATOM   131  C  CA  . ASN A 1 18 ? -1.598  11.840  -0.318  1.00 18.73 ? 15  ASN A CA  1 
ATOM   132  C  C   . ASN A 1 18 ? -1.860  10.839  -1.426  1.00 19.64 ? 15  ASN A C   1 
ATOM   133  O  O   . ASN A 1 18 ? -1.006  10.640  -2.301  1.00 19.55 ? 15  ASN A O   1 
ATOM   134  C  CB  . ASN A 1 18 ? -0.242  11.478  0.342   1.00 18.97 ? 15  ASN A CB  1 
ATOM   135  C  CG  . ASN A 1 18 ? -0.293  10.157  1.141   1.00 25.00 ? 15  ASN A CG  1 
ATOM   136  O  OD1 . ASN A 1 18 ? -1.356  9.631   1.416   1.00 20.44 ? 15  ASN A OD1 1 
ATOM   137  N  ND2 . ASN A 1 18 ? 0.880   9.633   1.523   1.00 26.86 ? 15  ASN A ND2 1 
ATOM   138  N  N   . ILE A 1 19 ? -3.020  10.194  -1.399  1.00 20.50 ? 16  ILE A N   1 
ATOM   139  C  CA  . ILE A 1 19 ? -3.363  9.298   -2.495  1.00 17.40 ? 16  ILE A CA  1 
ATOM   140  C  C   . ILE A 1 19 ? -4.797  9.537   -2.956  1.00 19.28 ? 16  ILE A C   1 
ATOM   141  O  O   . ILE A 1 19 ? -5.557  10.219  -2.298  1.00 17.42 ? 16  ILE A O   1 
ATOM   142  C  CB  . ILE A 1 19 ? -3.219  7.819   -2.094  1.00 18.49 ? 16  ILE A CB  1 
ATOM   143  C  CG1 . ILE A 1 19 ? -4.039  7.518   -0.832  1.00 19.62 ? 16  ILE A CG1 1 
ATOM   144  C  CG2 . ILE A 1 19 ? -1.735  7.473   -1.872  1.00 20.58 ? 16  ILE A CG2 1 
ATOM   145  C  CD1 . ILE A 1 19 ? -4.188  5.996   -0.602  1.00 21.86 ? 16  ILE A CD1 1 
ATOM   146  N  N   . TYR A 1 20 ? -5.133  8.953   -4.090  1.00 17.88 ? 17  TYR A N   1 
ATOM   147  C  CA  . TYR A 1 20 ? -6.493  9.023   -4.608  1.00 18.62 ? 17  TYR A CA  1 
ATOM   148  C  C   . TYR A 1 20 ? -7.014  7.593   -4.651  1.00 20.56 ? 17  TYR A C   1 
ATOM   149  O  O   . TYR A 1 20 ? -6.345  6.705   -5.195  1.00 20.51 ? 17  TYR A O   1 
ATOM   150  C  CB  . TYR A 1 20 ? -6.493  9.621   -6.026  1.00 20.75 ? 17  TYR A CB  1 
ATOM   151  C  CG  . TYR A 1 20 ? -7.901  9.902   -6.516  1.00 19.57 ? 17  TYR A CG  1 
ATOM   152  C  CD1 . TYR A 1 20 ? -8.682  10.884  -5.911  1.00 19.72 ? 17  TYR A CD1 1 
ATOM   153  C  CD2 . TYR A 1 20 ? -8.466  9.147   -7.544  1.00 22.84 ? 17  TYR A CD2 1 
ATOM   154  C  CE1 . TYR A 1 20 ? -10.024 11.130  -6.356  1.00 22.75 ? 17  TYR A CE1 1 
ATOM   155  C  CE2 . TYR A 1 20 ? -9.787  9.393   -7.979  1.00 24.35 ? 17  TYR A CE2 1 
ATOM   156  C  CZ  . TYR A 1 20 ? -10.545 10.381  -7.382  1.00 26.84 ? 17  TYR A CZ  1 
ATOM   157  O  OH  . TYR A 1 20 ? -11.855 10.616  -7.835  1.00 30.13 ? 17  TYR A OH  1 
ATOM   158  N  N   . CYS A 1 21 ? -8.179  7.349   -4.049  1.00 17.72 ? 18  CYS A N   1 
ATOM   159  C  CA  . CYS A 1 21 ? -8.804  6.045   -4.234  1.00 16.97 ? 18  CYS A CA  1 
ATOM   160  C  C   . CYS A 1 21 ? -9.622  6.058   -5.528  1.00 19.08 ? 18  CYS A C   1 
ATOM   161  O  O   . CYS A 1 21 ? -10.641 6.741   -5.607  1.00 21.13 ? 18  CYS A O   1 
ATOM   162  C  CB  . CYS A 1 21 ? -9.665  5.660   -3.049  1.00 18.07 ? 18  CYS A CB  1 
ATOM   163  S  SG  . CYS A 1 21 ? -10.375 3.998   -3.308  1.00 20.61 ? 18  CYS A SG  1 
ATOM   164  N  N   . LEU A 1 22 ? -9.193  5.286   -6.515  1.00 20.19 ? 19  LEU A N   1 
ATOM   165  C  CA  . LEU A 1 22 ? -9.885  5.202   -7.800  1.00 23.48 ? 19  LEU A CA  1 
ATOM   166  C  C   . LEU A 1 22 ? -11.188 4.410   -7.683  1.00 28.51 ? 19  LEU A C   1 
ATOM   167  O  O   . LEU A 1 22 ? -12.152 4.637   -8.425  1.00 27.16 ? 19  LEU A O   1 
ATOM   168  C  CB  . LEU A 1 22 ? -8.986  4.499   -8.807  1.00 26.36 ? 19  LEU A CB  1 
ATOM   169  C  CG  . LEU A 1 22 ? -7.725  5.297   -9.145  1.00 32.06 ? 19  LEU A CG  1 
ATOM   170  C  CD1 . LEU A 1 22 ? -6.702  4.476   -9.901  1.00 36.12 ? 19  LEU A CD1 1 
ATOM   171  C  CD2 . LEU A 1 22 ? -8.158  6.487   -9.950  1.00 33.13 ? 19  LEU A CD2 1 
ATOM   172  N  N   . THR A 1 23 ? -11.205 3.476   -6.751  1.00 27.54 ? 20  THR A N   1 
ATOM   173  C  CA  . THR A 1 23 ? -12.376 2.616   -6.531  1.00 24.11 ? 20  THR A CA  1 
ATOM   174  C  C   . THR A 1 23 ? -13.506 3.435   -5.917  1.00 30.03 ? 20  THR A C   1 
ATOM   175  O  O   . THR A 1 23 ? -14.669 3.324   -6.326  1.00 26.94 ? 20  THR A O   1 
ATOM   176  C  CB  . THR A 1 23 ? -12.019 1.443   -5.616  1.00 29.09 ? 20  THR A CB  1 
ATOM   177  O  OG1 . THR A 1 23 ? -10.888 0.753   -6.162  1.00 24.97 ? 20  THR A OG1 1 
ATOM   178  C  CG2 . THR A 1 23 ? -13.179 0.454   -5.515  1.00 28.49 ? 20  THR A CG2 1 
ATOM   179  N  N   . CYS A 1 24 ? -13.162 4.264   -4.942  1.00 24.09 ? 21  CYS A N   1 
ATOM   180  C  CA  . CYS A 1 24 ? -14.158 5.066   -4.235  1.00 22.31 ? 21  CYS A CA  1 
ATOM   181  C  C   . CYS A 1 24 ? -14.313 6.465   -4.798  1.00 28.27 ? 21  CYS A C   1 
ATOM   182  O  O   . CYS A 1 24 ? -15.291 7.150   -4.469  1.00 27.06 ? 21  CYS A O   1 
ATOM   183  C  CB  . CYS A 1 24 ? -13.823 5.179   -2.755  1.00 22.74 ? 21  CYS A CB  1 
ATOM   184  S  SG  . CYS A 1 24 ? -13.818 3.609   -1.829  1.00 24.46 ? 21  CYS A SG  1 
ATOM   185  N  N   . GLU A 1 25 ? -13.354 6.879   -5.620  1.00 21.70 ? 22  GLU A N   1 
ATOM   186  C  CA  . GLU A 1 25 ? -13.309 8.231   -6.176  1.00 26.50 ? 22  GLU A CA  1 
ATOM   187  C  C   . GLU A 1 25 ? -13.251 9.273   -5.069  1.00 24.88 ? 22  GLU A C   1 
ATOM   188  O  O   . GLU A 1 25 ? -14.010 10.263  -5.051  1.00 21.69 ? 22  GLU A O   1 
ATOM   189  C  CB  . GLU A 1 25 ? -14.489 8.459   -7.118  1.00 29.41 ? 22  GLU A CB  1 
ATOM   190  C  CG  . GLU A 1 25 ? -14.599 7.335   -8.127  1.00 33.33 ? 22  GLU A CG  1 
ATOM   191  C  CD  . GLU A 1 25 ? -15.563 7.627   -9.264  1.00 53.43 ? 22  GLU A CD  1 
ATOM   192  O  OE1 . GLU A 1 25 ? -16.258 8.665   -9.205  1.00 50.20 ? 22  GLU A OE1 1 
ATOM   193  O  OE2 . GLU A 1 25 ? -15.625 6.810   -10.219 1.00 56.38 ? 22  GLU A OE2 1 
ATOM   194  N  N   . VAL A 1 26 ? -12.326 9.069   -4.138  1.00 21.68 ? 23  VAL A N   1 
ATOM   195  C  CA  . VAL A 1 26 ? -12.092 10.076  -3.111  1.00 15.59 ? 23  VAL A CA  1 
ATOM   196  C  C   . VAL A 1 26 ? -10.605 10.176  -2.862  1.00 19.85 ? 23  VAL A C   1 
ATOM   197  O  O   . VAL A 1 26 ? -9.884  9.194   -2.981  1.00 18.14 ? 23  VAL A O   1 
ATOM   198  C  CB  . VAL A 1 26 ? -12.780 9.762   -1.733  1.00 18.83 ? 23  VAL A CB  1 
ATOM   199  C  CG1 . VAL A 1 26 ? -14.329 9.780   -1.860  1.00 23.86 ? 23  VAL A CG1 1 
ATOM   200  C  CG2 . VAL A 1 26 ? -12.290 8.447   -1.094  1.00 19.45 ? 23  VAL A CG2 1 
ATOM   201  N  N   . PRO A 1 27 ? -10.142 11.375  -2.512  1.00 19.79 ? 24  PRO A N   1 
ATOM   202  C  CA  . PRO A 1 27 ? -8.751  11.430  -2.068  1.00 18.12 ? 24  PRO A CA  1 
ATOM   203  C  C   . PRO A 1 27 ? -8.724  10.912  -0.640  1.00 20.98 ? 24  PRO A C   1 
ATOM   204  O  O   . PRO A 1 27 ? -9.734  11.020  0.096   1.00 18.25 ? 24  PRO A O   1 
ATOM   205  C  CB  . PRO A 1 27 ? -8.423  12.931  -2.116  1.00 18.56 ? 24  PRO A CB  1 
ATOM   206  C  CG  . PRO A 1 27 ? -9.790  13.626  -2.000  1.00 19.90 ? 24  PRO A CG  1 
ATOM   207  C  CD  . PRO A 1 27 ? -10.814 12.688  -2.563  1.00 17.10 ? 24  PRO A CD  1 
ATOM   208  N  N   . THR A 1 28 ? -7.596  10.319  -0.242  1.00 19.48 ? 25  THR A N   1 
ATOM   209  C  CA  . THR A 1 28 ? -7.535  9.704   1.071   1.00 17.87 ? 25  THR A CA  1 
ATOM   210  C  C   . THR A 1 28 ? -6.064  9.610   1.457   1.00 17.51 ? 25  THR A C   1 
ATOM   211  O  O   . THR A 1 28 ? -5.231  10.291  0.850   1.00 19.50 ? 25  THR A O   1 
ATOM   212  C  CB  . THR A 1 28 ? -8.264  8.309   1.063   1.00 16.85 ? 25  THR A CB  1 
ATOM   213  O  OG1 . THR A 1 28 ? -8.292  7.779   2.393   1.00 19.78 ? 25  THR A OG1 1 
ATOM   214  C  CG2 . THR A 1 28 ? -7.602  7.325   0.122   1.00 19.74 ? 25  THR A CG2 1 
ATOM   215  N  N   . CYS A 1 29 ? -5.738  8.847   2.492   1.00 17.81 ? 26  CYS A N   1 
ATOM   216  C  CA  . CYS A 1 29 ? -4.335  8.773   2.880   1.00 20.08 ? 26  CYS A CA  1 
ATOM   217  C  C   . CYS A 1 29 ? -3.756  7.351   2.796   1.00 20.52 ? 26  CYS A C   1 
ATOM   218  O  O   . CYS A 1 29 ? -4.485  6.351   2.773   1.00 18.61 ? 26  CYS A O   1 
ATOM   219  C  CB  . CYS A 1 29 ? -4.111  9.402   4.253   1.00 20.18 ? 26  CYS A CB  1 
ATOM   220  S  SG  . CYS A 1 29 ? -4.140  8.248   5.652   1.00 25.13 ? 26  CYS A SG  1 
ATOM   221  N  N   . SER A 1 30 ? -2.439  7.262   2.745   1.00 16.27 ? 27  SER A N   1 
ATOM   222  C  CA  . SER A 1 30 ? -1.792  5.978   2.528   1.00 18.86 ? 27  SER A CA  1 
ATOM   223  C  C   . SER A 1 30 ? -2.014  5.032   3.693   1.00 21.23 ? 27  SER A C   1 
ATOM   224  O  O   . SER A 1 30 ? -2.010  3.815   3.503   1.00 20.99 ? 27  SER A O   1 
ATOM   225  C  CB  . SER A 1 30 ? -0.291  6.190   2.221   1.00 19.97 ? 27  SER A CB  1 
ATOM   226  O  OG  . SER A 1 30 ? 0.290   6.996   3.228   1.00 23.24 ? 27  SER A OG  1 
ATOM   227  N  N   . MET A 1 31 ? -2.259  5.566   4.891   1.00 21.40 ? 28  MET A N   1 
ATOM   228  C  CA  . MET A 1 31 ? -2.538  4.698   6.037   1.00 24.87 ? 28  MET A CA  1 
ATOM   229  C  C   . MET A 1 31 ? -3.938  4.086   5.957   1.00 22.76 ? 28  MET A C   1 
ATOM   230  O  O   . MET A 1 31 ? -4.155  2.967   6.407   1.00 29.08 ? 28  MET A O   1 
ATOM   231  C  CB  . MET A 1 31 ? -2.354  5.446   7.359   1.00 22.23 ? 28  MET A CB  1 
ATOM   232  C  CG  . MET A 1 31 ? -0.889  5.889   7.609   1.00 21.69 ? 28  MET A CG  1 
ATOM   233  S  SD  . MET A 1 31 ? 0.144   4.460   7.988   1.00 28.91 ? 28  MET A SD  1 
ATOM   234  C  CE  . MET A 1 31 ? -0.247  4.325   9.730   1.00 31.44 ? 28  MET A CE  1 
ATOM   235  N  N   . CYS A 1 32 ? -4.879  4.837   5.389   1.00 25.84 ? 29  CYS A N   1 
ATOM   236  C  CA  . CYS A 1 32 ? -6.207  4.303   5.071   1.00 25.10 ? 29  CYS A CA  1 
ATOM   237  C  C   . CYS A 1 32 ? -6.134  3.168   4.050   1.00 23.64 ? 29  CYS A C   1 
ATOM   238  O  O   . CYS A 1 32 ? -6.950  2.246   4.094   1.00 25.08 ? 29  CYS A O   1 
ATOM   239  C  CB  . CYS A 1 32 ? -7.147  5.403   4.564   1.00 24.02 ? 29  CYS A CB  1 
ATOM   240  S  SG  . CYS A 1 32 ? -7.709  6.519   5.878   1.00 29.41 ? 29  CYS A SG  1 
ATOM   241  N  N   . LYS A 1 33 ? -5.157  3.220   3.153   1.00 20.67 ? 30  LYS A N   1 
ATOM   242  C  CA  . LYS A 1 33 ? -4.946  2.128   2.217   1.00 21.35 ? 30  LYS A CA  1 
ATOM   243  C  C   . LYS A 1 33 ? -4.234  0.939   2.864   1.00 27.88 ? 30  LYS A C   1 
ATOM   244  O  O   . LYS A 1 33 ? -4.582  -0.217  2.628   1.00 23.11 ? 30  LYS A O   1 
ATOM   245  C  CB  . LYS A 1 33 ? -4.166  2.595   0.993   1.00 19.40 ? 30  LYS A CB  1 
ATOM   246  C  CG  . LYS A 1 33 ? -3.625  1.480   0.123   1.00 20.27 ? 30  LYS A CG  1 
ATOM   247  C  CD  . LYS A 1 33 ? -4.746  0.566   -0.487  1.00 21.07 ? 30  LYS A CD  1 
ATOM   248  C  CE  . LYS A 1 33 ? -4.166  -0.395  -1.527  1.00 24.24 ? 30  LYS A CE  1 
ATOM   249  N  NZ  . LYS A 1 33 ? -5.130  -1.535  -1.848  1.00 23.57 ? 30  LYS A NZ  1 
ATOM   250  N  N   . VAL A 1 34 ? -3.227  1.208   3.678   1.00 24.13 ? 31  VAL A N   1 
ATOM   251  C  CA  . VAL A 1 34 ? -2.501  0.092   4.281   1.00 25.32 ? 31  VAL A CA  1 
ATOM   252  C  C   . VAL A 1 34 ? -3.317  -0.603  5.365   1.00 24.57 ? 31  VAL A C   1 
ATOM   253  O  O   . VAL A 1 34 ? -3.350  -1.834  5.423   1.00 33.61 ? 31  VAL A O   1 
ATOM   254  C  CB  . VAL A 1 34 ? -1.121  0.526   4.841   1.00 30.41 ? 31  VAL A CB  1 
ATOM   255  C  CG1 . VAL A 1 34 ? -0.443  -0.638  5.554   1.00 24.51 ? 31  VAL A CG1 1 
ATOM   256  C  CG2 . VAL A 1 34 ? -0.237  1.010   3.707   1.00 23.56 ? 31  VAL A CG2 1 
ATOM   257  N  N   . PHE A 1 35 ? -4.000  0.155   6.208   1.00 24.74 ? 32  PHE A N   1 
ATOM   258  C  CA  . PHE A 1 35 ? -4.596  -0.394  7.420   1.00 28.61 ? 32  PHE A CA  1 
ATOM   259  C  C   . PHE A 1 35 ? -6.081  -0.112  7.567   1.00 33.01 ? 32  PHE A C   1 
ATOM   260  O  O   . PHE A 1 35 ? -6.706  -0.589  8.513   1.00 34.47 ? 32  PHE A O   1 
ATOM   261  C  CB  . PHE A 1 35 ? -3.946  0.215   8.663   1.00 27.90 ? 32  PHE A CB  1 
ATOM   262  C  CG  . PHE A 1 35 ? -2.477  -0.042  8.774   1.00 33.09 ? 32  PHE A CG  1 
ATOM   263  C  CD1 . PHE A 1 35 ? -1.997  -1.327  9.003   1.00 34.34 ? 32  PHE A CD1 1 
ATOM   264  C  CD2 . PHE A 1 35 ? -1.577  1.003   8.676   1.00 29.11 ? 32  PHE A CD2 1 
ATOM   265  C  CE1 . PHE A 1 35 ? -0.651  -1.565  9.097   1.00 31.37 ? 32  PHE A CE1 1 
ATOM   266  C  CE2 . PHE A 1 35 ? -0.220  0.781   8.786   1.00 32.11 ? 32  PHE A CE2 1 
ATOM   267  C  CZ  . PHE A 1 35 ? 0.248   -0.509  8.993   1.00 33.63 ? 32  PHE A CZ  1 
ATOM   268  N  N   . GLY A 1 36 ? -6.639  0.708   6.692   1.00 26.83 ? 33  GLY A N   1 
ATOM   269  C  CA  . GLY A 1 36 ? -7.950  1.268   6.961   1.00 26.28 ? 33  GLY A CA  1 
ATOM   270  C  C   . GLY A 1 36 ? -8.966  0.857   5.908   1.00 26.07 ? 33  GLY A C   1 
ATOM   271  O  O   . GLY A 1 36 ? -8.839  -0.207  5.289   1.00 26.20 ? 33  GLY A O   1 
ATOM   272  N  N   . ILE A 1 37 ? -9.946  1.721   5.678   1.00 30.12 ? 34  ILE A N   1 
ATOM   273  C  CA  . ILE A 1 37 ? -11.134 1.346   4.912   1.00 24.72 ? 34  ILE A CA  1 
ATOM   274  C  C   . ILE A 1 37 ? -10.872 1.200   3.432   1.00 28.29 ? 34  ILE A C   1 
ATOM   275  O  O   . ILE A 1 37 ? -11.696 0.630   2.717   1.00 28.90 ? 34  ILE A O   1 
ATOM   276  C  CB  . ILE A 1 37 ? -12.295 2.344   5.109   1.00 29.01 ? 34  ILE A CB  1 
ATOM   277  C  CG1 . ILE A 1 37 ? -11.947 3.700   4.489   1.00 28.19 ? 34  ILE A CG1 1 
ATOM   278  C  CG2 . ILE A 1 37 ? -12.638 2.493   6.587   1.00 37.33 ? 34  ILE A CG2 1 
ATOM   279  C  CD1 . ILE A 1 37 ? -13.099 4.689   4.509   1.00 35.75 ? 34  ILE A CD1 1 
ATOM   280  N  N   . HIS A 1 38 ? -9.739  1.708   2.944   1.00 20.48 ? 35  HIS A N   1 
ATOM   281  C  CA  . HIS A 1 38 ? -9.437  1.533   1.527   1.00 19.97 ? 35  HIS A CA  1 
ATOM   282  C  C   . HIS A 1 38 ? -8.465  0.393   1.246   1.00 17.94 ? 35  HIS A C   1 
ATOM   283  O  O   . HIS A 1 38 ? -7.876  0.355   0.164   1.00 18.95 ? 35  HIS A O   1 
ATOM   284  C  CB  . HIS A 1 38 ? -8.934  2.838   0.895   1.00 22.22 ? 35  HIS A CB  1 
ATOM   285  C  CG  . HIS A 1 38 ? -9.930  3.947   0.983   1.00 20.73 ? 35  HIS A CG  1 
ATOM   286  N  ND1 . HIS A 1 38 ? -11.048 4.014   0.167   1.00 19.97 ? 35  HIS A ND1 1 
ATOM   287  C  CD2 . HIS A 1 38 ? -10.026 4.980   1.850   1.00 22.76 ? 35  HIS A CD2 1 
ATOM   288  C  CE1 . HIS A 1 38 ? -11.766 5.073   0.513   1.00 23.92 ? 35  HIS A CE1 1 
ATOM   289  N  NE2 . HIS A 1 38 ? -11.174 5.665   1.537   1.00 24.55 ? 35  HIS A NE2 1 
ATOM   290  N  N   . LYS A 1 39 ? -8.327  -0.533  2.192   1.00 21.47 ? 36  LYS A N   1 
ATOM   291  C  CA  . LYS A 1 39 ? -7.334  -1.616  2.043   1.00 21.59 ? 36  LYS A CA  1 
ATOM   292  C  C   . LYS A 1 39 ? -7.515  -2.444  0.770   1.00 26.22 ? 36  LYS A C   1 
ATOM   293  O  O   . LYS A 1 39 ? -6.535  -2.840  0.143   1.00 26.94 ? 36  LYS A O   1 
ATOM   294  C  CB  . LYS A 1 39 ? -7.266  -2.522  3.271   1.00 29.62 ? 36  LYS A CB  1 
ATOM   295  C  CG  . LYS A 1 39 ? -6.172  -3.612  3.105   1.00 36.35 ? 36  LYS A CG  1 
ATOM   296  C  CD  . LYS A 1 39 ? -5.894  -4.413  4.364   1.00 39.19 ? 36  LYS A CD  1 
ATOM   297  C  CE  . LYS A 1 39 ? -5.153  -5.711  4.018   1.00 46.35 ? 36  LYS A CE  1 
ATOM   298  N  NZ  . LYS A 1 39 ? -4.157  -5.497  2.922   1.00 52.23 ? 36  LYS A NZ  1 
ATOM   299  N  N   . ALA A 1 40 ? -8.764  -2.670  0.369   1.00 26.26 ? 37  ALA A N   1 
ATOM   300  C  CA  . ALA A 1 40 ? -9.066  -3.479  -0.817  1.00 26.07 ? 37  ALA A CA  1 
ATOM   301  C  C   . ALA A 1 40 ? -9.084  -2.679  -2.113  1.00 27.46 ? 37  ALA A C   1 
ATOM   302  O  O   . ALA A 1 40 ? -9.251  -3.249  -3.204  1.00 24.34 ? 37  ALA A O   1 
ATOM   303  C  CB  . ALA A 1 40 ? -10.415 -4.178  -0.621  1.00 28.96 ? 37  ALA A CB  1 
ATOM   304  N  N   . CYS A 1 41 ? -8.918  -1.353  -2.012  1.00 23.30 ? 38  CYS A N   1 
ATOM   305  C  CA  . CYS A 1 41 ? -9.110  -0.470  -3.167  1.00 21.47 ? 38  CYS A CA  1 
ATOM   306  C  C   . CYS A 1 41 ? -7.921  -0.277  -4.106  1.00 22.45 ? 38  CYS A C   1 
ATOM   307  O  O   . CYS A 1 41 ? -6.763  -0.460  -3.723  1.00 24.87 ? 38  CYS A O   1 
ATOM   308  C  CB  . CYS A 1 41 ? -9.597  0.910   -2.688  1.00 23.04 ? 38  CYS A CB  1 
ATOM   309  S  SG  . CYS A 1 41 ? -11.078 0.816   -1.671  1.00 21.24 ? 38  CYS A SG  1 
ATOM   310  N  N   . GLU A 1 42 ? -8.224  0.094   -5.345  1.00 23.12 ? 39  GLU A N   1 
ATOM   311  C  CA  . GLU A 1 42 ? -7.207  0.519   -6.273  1.00 27.75 ? 39  GLU A CA  1 
ATOM   312  C  C   . GLU A 1 42 ? -6.929  1.991   -5.972  1.00 29.14 ? 39  GLU A C   1 
ATOM   313  O  O   . GLU A 1 42 ? -7.861  2.808   -5.907  1.00 24.98 ? 39  GLU A O   1 
ATOM   314  C  CB  . GLU A 1 42 ? -7.685  0.364   -7.729  1.00 28.39 ? 39  GLU A CB  1 
ATOM   315  C  CG  . GLU A 1 42 ? -6.632  0.824   -8.739  1.00 31.58 ? 39  GLU A CG  1 
ATOM   316  C  CD  . GLU A 1 42 ? -7.040  0.628   -10.201 1.00 46.06 ? 39  GLU A CD  1 
ATOM   317  O  OE1 . GLU A 1 42 ? -8.202  0.246   -10.462 1.00 46.73 ? 39  GLU A OE1 1 
ATOM   318  O  OE2 . GLU A 1 42 ? -6.184  0.860   -11.090 1.00 47.21 ? 39  GLU A OE2 1 
ATOM   319  N  N   . VAL A 1 43 ? -5.664  2.337   -5.756  1.00 25.05 ? 40  VAL A N   1 
ATOM   320  C  CA  . VAL A 1 43 ? -5.331  3.726   -5.397  1.00 21.09 ? 40  VAL A CA  1 
ATOM   321  C  C   . VAL A 1 43 ? -4.153  4.196   -6.249  1.00 26.35 ? 40  VAL A C   1 
ATOM   322  O  O   . VAL A 1 43 ? -3.462  3.381   -6.873  1.00 28.78 ? 40  VAL A O   1 
ATOM   323  C  CB  . VAL A 1 43 ? -4.960  3.867   -3.900  1.00 21.01 ? 40  VAL A CB  1 
ATOM   324  C  CG1 . VAL A 1 43 ? -6.060  3.357   -2.990  1.00 22.23 ? 40  VAL A CG1 1 
ATOM   325  C  CG2 . VAL A 1 43 ? -3.652  3.101   -3.602  1.00 21.83 ? 40  VAL A CG2 1 
ATOM   326  N  N   . ALA A 1 44 ? -3.928  5.505   -6.274  1.00 23.66 ? 41  ALA A N   1 
ATOM   327  C  CA  . ALA A 1 44 ? -2.832  6.091   -7.027  1.00 24.36 ? 41  ALA A CA  1 
ATOM   328  C  C   . ALA A 1 44 ? -2.302  7.261   -6.216  1.00 25.07 ? 41  ALA A C   1 
ATOM   329  O  O   . ALA A 1 44 ? -3.035  7.857   -5.435  1.00 23.27 ? 41  ALA A O   1 
ATOM   330  C  CB  . ALA A 1 44 ? -3.326  6.573   -8.419  1.00 28.19 ? 41  ALA A CB  1 
ATOM   331  N  N   . PRO A 1 45 ? -1.013  7.599   -6.379  1.00 27.96 ? 42  PRO A N   1 
ATOM   332  C  CA  . PRO A 1 45 ? -0.464  8.782   -5.691  1.00 24.83 ? 42  PRO A CA  1 
ATOM   333  C  C   . PRO A 1 45 ? -1.103  10.051  -6.243  1.00 26.32 ? 42  PRO A C   1 
ATOM   334  O  O   . PRO A 1 45 ? -1.455  10.069  -7.421  1.00 27.29 ? 42  PRO A O   1 
ATOM   335  C  CB  . PRO A 1 45 ? 1.032   8.773   -6.095  1.00 24.15 ? 42  PRO A CB  1 
ATOM   336  C  CG  . PRO A 1 45 ? 1.280   7.418   -6.657  1.00 34.31 ? 42  PRO A CG  1 
ATOM   337  C  CD  . PRO A 1 45 ? -0.022  6.946   -7.251  1.00 24.64 ? 42  PRO A CD  1 
ATOM   338  N  N   . LEU A 1 46 ? -1.257  11.092  -5.428  1.00 24.53 ? 43  LEU A N   1 
ATOM   339  C  CA  . LEU A 1 46 ? -1.745  12.381  -5.938  1.00 25.24 ? 43  LEU A CA  1 
ATOM   340  C  C   . LEU A 1 46 ? -0.608  13.043  -6.691  1.00 37.08 ? 43  LEU A C   1 
ATOM   341  O  O   . LEU A 1 46 ? -0.812  13.698  -7.723  1.00 37.40 ? 43  LEU A O   1 
ATOM   342  C  CB  . LEU A 1 46 ? -2.147  13.276  -4.770  1.00 26.41 ? 43  LEU A CB  1 
ATOM   343  C  CG  . LEU A 1 46 ? -3.389  12.853  -4.013  1.00 23.50 ? 43  LEU A CG  1 
ATOM   344  C  CD1 . LEU A 1 46 ? -3.640  13.900  -2.936  1.00 28.48 ? 43  LEU A CD1 1 
ATOM   345  C  CD2 . LEU A 1 46 ? -4.539  12.789  -4.971  1.00 23.41 ? 43  LEU A CD2 1 
ATOM   346  N  N   . GLN A 1 47 ? 0.572   12.887  -6.096  1.00 38.41 ? 44  GLN A N   1 
ATOM   347  C  CA  . GLN A 1 47 ? 1.886   13.199  -6.671  1.00 49.88 ? 44  GLN A CA  1 
ATOM   348  C  C   . GLN A 1 47 ? 2.662   14.117  -5.739  1.00 50.64 ? 44  GLN A C   1 
ATOM   349  O  O   . GLN A 1 47 ? 2.273   14.310  -4.588  1.00 52.37 ? 44  GLN A O   1 
ATOM   350  C  CB  . GLN A 1 47 ? 1.797   13.799  -8.076  1.00 49.97 ? 44  GLN A CB  1 
ATOM   351  C  CG  . GLN A 1 47 ? 1.820   12.757  -9.189  1.00 57.90 ? 44  GLN A CG  1 
ATOM   352  C  CD  . GLN A 1 47 ? 2.970   11.771  -9.035  1.00 62.43 ? 44  GLN A CD  1 
ATOM   353  O  OE1 . GLN A 1 47 ? 3.167   11.191  -7.962  1.00 63.00 ? 44  GLN A OE1 1 
ATOM   354  N  NE2 . GLN A 1 47 ? 3.735   11.576  -10.110 1.00 67.74 ? 44  GLN A NE2 1 
ATOM   355  N  N   . SER A 1 48 ? 3.783   14.639  -6.224  1.00 59.29 ? 45  SER A N   1 
ATOM   356  C  CA  . SER A 1 48 ? 4.441   15.761  -5.567  1.00 52.42 ? 45  SER A CA  1 
ATOM   357  C  C   . SER A 1 48 ? 4.746   15.486  -4.092  1.00 57.74 ? 45  SER A C   1 
ATOM   358  O  O   . SER A 1 48 ? 4.609   16.362  -3.229  1.00 55.21 ? 45  SER A O   1 
ATOM   359  C  CB  . SER A 1 48 ? 3.552   17.000  -5.711  1.00 56.84 ? 45  SER A CB  1 
ATOM   360  O  OG  . SER A 1 48 ? 2.976   17.104  -7.013  1.00 48.60 ? 45  SER A OG  1 
ATOM   361  N  N   . GLY B 1 1  ? 22.602  20.630  17.125  1.00 54.49 ? -2  GLY B N   1 
ATOM   362  C  CA  . GLY B 1 1  ? 21.554  19.772  17.648  1.00 50.99 ? -2  GLY B CA  1 
ATOM   363  C  C   . GLY B 1 1  ? 20.209  20.477  17.663  1.00 53.44 ? -2  GLY B C   1 
ATOM   364  O  O   . GLY B 1 1  ? 20.140  21.709  17.730  1.00 44.45 ? -2  GLY B O   1 
ATOM   365  N  N   . ALA B 1 2  ? 19.132  19.701  17.586  1.00 48.12 ? -1  ALA B N   1 
ATOM   366  C  CA  . ALA B 1 2  ? 17.807  20.286  17.683  1.00 41.35 ? -1  ALA B CA  1 
ATOM   367  C  C   . ALA B 1 2  ? 16.876  19.397  18.476  1.00 42.80 ? -1  ALA B C   1 
ATOM   368  O  O   . ALA B 1 2  ? 17.172  18.224  18.714  1.00 41.40 ? -1  ALA B O   1 
ATOM   369  C  CB  . ALA B 1 2  ? 17.243  20.563  16.296  1.00 34.51 ? -1  ALA B CB  1 
ATOM   370  N  N   . MET B 1 3  ? 15.758  19.971  18.903  1.00 32.71 ? 0   MET B N   1 
ATOM   371  C  CA  . MET B 1 3  ? 14.683  19.200  19.513  1.00 36.90 ? 0   MET B CA  1 
ATOM   372  C  C   . MET B 1 3  ? 14.200  18.142  18.508  1.00 33.90 ? 0   MET B C   1 
ATOM   373  O  O   . MET B 1 3  ? 14.688  18.090  17.372  1.00 34.44 ? 0   MET B O   1 
ATOM   374  C  CB  . MET B 1 3  ? 13.526  20.123  19.940  1.00 36.60 ? 0   MET B CB  1 
ATOM   375  C  CG  . MET B 1 3  ? 12.856  20.919  18.785  1.00 30.94 ? 0   MET B CG  1 
ATOM   376  S  SD  . MET B 1 3  ? 11.346  21.795  19.270  1.00 29.74 ? 0   MET B SD  1 
ATOM   377  C  CE  . MET B 1 3  ? 10.127  20.495  19.506  1.00 33.76 ? 0   MET B CE  1 
ATOM   378  N  N   . GLY B 1 4  ? 13.244  17.317  18.916  1.00 33.57 ? 1   GLY B N   1 
ATOM   379  C  CA  . GLY B 1 4  ? 12.778  16.230  18.070  1.00 38.80 ? 1   GLY B CA  1 
ATOM   380  C  C   . GLY B 1 4  ? 12.099  16.648  16.772  1.00 44.28 ? 1   GLY B C   1 
ATOM   381  O  O   . GLY B 1 4  ? 11.443  17.700  16.700  1.00 38.11 ? 1   GLY B O   1 
ATOM   382  N  N   . SER B 1 5  ? 12.288  15.822  15.742  1.00 35.03 ? 2   SER B N   1 
ATOM   383  C  CA  . SER B 1 5  ? 11.479  15.873  14.542  1.00 32.59 ? 2   SER B CA  1 
ATOM   384  C  C   . SER B 1 5  ? 11.142  14.421  14.175  1.00 38.26 ? 2   SER B C   1 
ATOM   385  O  O   . SER B 1 5  ? 11.611  13.477  14.830  1.00 35.80 ? 2   SER B O   1 
ATOM   386  C  CB  . SER B 1 5  ? 12.184  16.606  13.400  1.00 33.25 ? 2   SER B CB  1 
ATOM   387  O  OG  . SER B 1 5  ? 13.299  15.898  12.890  1.00 34.41 ? 2   SER B OG  1 
ATOM   388  N  N   . HIS B 1 6  ? 10.306  14.234  13.168  1.00 30.54 ? 3   HIS B N   1 
ATOM   389  C  CA  . HIS B 1 6  ? 9.894   12.886  12.813  1.00 25.90 ? 3   HIS B CA  1 
ATOM   390  C  C   . HIS B 1 6  ? 10.737  12.459  11.638  1.00 24.04 ? 3   HIS B C   1 
ATOM   391  O  O   . HIS B 1 6  ? 10.766  13.143  10.622  1.00 25.48 ? 3   HIS B O   1 
ATOM   392  C  CB  . HIS B 1 6  ? 8.415   12.895  12.440  1.00 28.41 ? 3   HIS B CB  1 
ATOM   393  C  CG  . HIS B 1 6  ? 7.748   11.563  12.559  1.00 27.59 ? 3   HIS B CG  1 
ATOM   394  N  ND1 . HIS B 1 6  ? 8.142   10.459  11.823  1.00 31.58 ? 3   HIS B ND1 1 
ATOM   395  C  CD2 . HIS B 1 6  ? 6.692   11.162  13.305  1.00 26.74 ? 3   HIS B CD2 1 
ATOM   396  C  CE1 . HIS B 1 6  ? 7.360   9.436   12.123  1.00 24.44 ? 3   HIS B CE1 1 
ATOM   397  N  NE2 . HIS B 1 6  ? 6.466   9.839   13.011  1.00 25.64 ? 3   HIS B NE2 1 
ATOM   398  N  N   . PRO B 1 7  ? 11.443  11.324  11.759  1.00 24.23 ? 4   PRO B N   1 
ATOM   399  C  CA  . PRO B 1 7  ? 12.207  10.780  10.629  1.00 20.89 ? 4   PRO B CA  1 
ATOM   400  C  C   . PRO B 1 7  ? 11.351  10.601  9.358   1.00 24.89 ? 4   PRO B C   1 
ATOM   401  O  O   . PRO B 1 7  ? 10.224  10.155  9.437   1.00 23.89 ? 4   PRO B O   1 
ATOM   402  C  CB  . PRO B 1 7  ? 12.686  9.411   11.152  1.00 26.34 ? 4   PRO B CB  1 
ATOM   403  C  CG  . PRO B 1 7  ? 12.717  9.586   12.636  1.00 23.80 ? 4   PRO B CG  1 
ATOM   404  C  CD  . PRO B 1 7  ? 11.526  10.459  12.952  1.00 28.32 ? 4   PRO B CD  1 
ATOM   405  N  N   . MET B 1 8  ? 11.908  10.952  8.204   1.00 21.20 ? 5   MET B N   1 
ATOM   406  C  CA  . MET B 1 8  ? 11.199  10.885  6.939   1.00 26.01 ? 5   MET B CA  1 
ATOM   407  C  C   . MET B 1 8  ? 11.829  9.838   6.050   1.00 29.92 ? 5   MET B C   1 
ATOM   408  O  O   . MET B 1 8  ? 13.024  9.520   6.186   1.00 26.78 ? 5   MET B O   1 
ATOM   409  C  CB  . MET B 1 8  ? 11.237  12.249  6.239   1.00 27.02 ? 5   MET B CB  1 
ATOM   410  C  CG  . MET B 1 8  ? 10.759  13.412  7.113   1.00 23.75 ? 5   MET B CG  1 
ATOM   411  S  SD  . MET B 1 8  ? 9.053   13.354  7.576   1.00 28.53 ? 5   MET B SD  1 
ATOM   412  C  CE  . MET B 1 8  ? 8.300   13.804  6.007   1.00 31.18 ? 5   MET B CE  1 
ATOM   413  N  N   . CYS B 1 9  ? 11.031  9.292   5.129   1.00 24.97 ? 6   CYS B N   1 
ATOM   414  C  CA  . CYS B 1 9  ? 11.510  8.256   4.231   1.00 23.89 ? 6   CYS B CA  1 
ATOM   415  C  C   . CYS B 1 9  ? 12.555  8.801   3.233   1.00 31.19 ? 6   CYS B C   1 
ATOM   416  O  O   . CYS B 1 9  ? 12.400  9.890   2.670   1.00 31.97 ? 6   CYS B O   1 
ATOM   417  C  CB  . CYS B 1 9  ? 10.343  7.581   3.477   1.00 24.53 ? 6   CYS B CB  1 
ATOM   418  S  SG  . CYS B 1 9  ? 10.939  6.275   2.419   1.00 27.54 ? 6   CYS B SG  1 
ATOM   419  N  N   . LYS B 1 10 ? 13.623  8.044   3.022   1.00 34.13 ? 7   LYS B N   1 
ATOM   420  C  CA  . LYS B 1 10 ? 14.609  8.449   2.030   1.00 38.33 ? 7   LYS B CA  1 
ATOM   421  C  C   . LYS B 1 10 ? 13.983  8.451   0.640   1.00 43.45 ? 7   LYS B C   1 
ATOM   422  O  O   . LYS B 1 10 ? 14.171  9.405   -0.123  1.00 42.80 ? 7   LYS B O   1 
ATOM   423  C  CB  . LYS B 1 10 ? 15.833  7.535   2.066   1.00 43.09 ? 7   LYS B CB  1 
ATOM   424  C  CG  . LYS B 1 10 ? 16.719  7.767   3.285   1.00 50.27 ? 7   LYS B CG  1 
ATOM   425  C  CD  . LYS B 1 10 ? 17.027  9.254   3.480   1.00 51.27 ? 7   LYS B CD  1 
ATOM   426  C  CE  . LYS B 1 10 ? 18.177  9.470   4.484   1.00 60.87 ? 7   LYS B CE  1 
ATOM   427  N  NZ  . LYS B 1 10 ? 17.787  9.285   5.923   1.00 57.87 ? 7   LYS B NZ  1 
ATOM   428  N  N   . GLU B 1 11 ? 13.226  7.395   0.323   1.00 36.30 ? 8   GLU B N   1 
ATOM   429  C  CA  . GLU B 1 11 ? 12.579  7.283   -0.992  1.00 36.90 ? 8   GLU B CA  1 
ATOM   430  C  C   . GLU B 1 11 ? 11.427  8.255   -1.140  1.00 37.71 ? 8   GLU B C   1 
ATOM   431  O  O   . GLU B 1 11 ? 11.253  8.867   -2.188  1.00 42.03 ? 8   GLU B O   1 
ATOM   432  C  CB  . GLU B 1 11 ? 12.083  5.863   -1.245  1.00 41.60 ? 8   GLU B CB  1 
ATOM   433  C  CG  . GLU B 1 11 ? 13.109  4.789   -0.904  1.00 52.52 ? 8   GLU B CG  1 
ATOM   434  C  CD  . GLU B 1 11 ? 14.363  4.868   -1.778  1.00 67.92 ? 8   GLU B CD  1 
ATOM   435  O  OE1 . GLU B 1 11 ? 14.236  4.662   -3.008  1.00 66.11 ? 8   GLU B OE1 1 
ATOM   436  O  OE2 . GLU B 1 11 ? 15.469  5.129   -1.234  1.00 65.23 ? 8   GLU B OE2 1 
ATOM   437  N  N   . HIS B 1 12 ? 10.625  8.397   -0.093  1.00 30.07 ? 9   HIS B N   1 
ATOM   438  C  CA  . HIS B 1 12 ? 9.486   9.292   -0.159  1.00 29.70 ? 9   HIS B CA  1 
ATOM   439  C  C   . HIS B 1 12 ? 9.676   10.437  0.804   1.00 29.48 ? 9   HIS B C   1 
ATOM   440  O  O   . HIS B 1 12 ? 9.277   10.333  1.953   1.00 27.75 ? 9   HIS B O   1 
ATOM   441  C  CB  . HIS B 1 12 ? 8.216   8.529   0.197   1.00 24.65 ? 9   HIS B CB  1 
ATOM   442  C  CG  . HIS B 1 12 ? 8.039   7.290   -0.613  1.00 25.66 ? 9   HIS B CG  1 
ATOM   443  N  ND1 . HIS B 1 12 ? 8.350   6.038   -0.123  1.00 24.53 ? 9   HIS B ND1 1 
ATOM   444  C  CD2 . HIS B 1 12 ? 7.609   7.109   -1.887  1.00 30.50 ? 9   HIS B CD2 1 
ATOM   445  C  CE1 . HIS B 1 12 ? 8.108   5.135   -1.062  1.00 34.39 ? 9   HIS B CE1 1 
ATOM   446  N  NE2 . HIS B 1 12 ? 7.658   5.760   -2.141  1.00 28.97 ? 9   HIS B NE2 1 
ATOM   447  N  N   . GLU B 1 13 ? 10.227  11.547  0.323   1.00 36.20 ? 10  GLU B N   1 
ATOM   448  C  CA  . GLU B 1 13 ? 10.685  12.611  1.223   1.00 37.11 ? 10  GLU B CA  1 
ATOM   449  C  C   . GLU B 1 13 ? 9.591   13.313  1.996   1.00 38.09 ? 10  GLU B C   1 
ATOM   450  O  O   . GLU B 1 13 ? 9.846   13.874  3.066   1.00 36.08 ? 10  GLU B O   1 
ATOM   451  C  CB  . GLU B 1 13 ? 11.523  13.635  0.464   1.00 39.80 ? 10  GLU B CB  1 
ATOM   452  C  CG  . GLU B 1 13 ? 12.803  13.050  -0.060  1.00 43.17 ? 10  GLU B CG  1 
ATOM   453  C  CD  . GLU B 1 13 ? 13.756  14.114  -0.581  1.00 61.44 ? 10  GLU B CD  1 
ATOM   454  O  OE1 . GLU B 1 13 ? 13.542  15.322  -0.286  1.00 57.40 ? 10  GLU B OE1 1 
ATOM   455  O  OE2 . GLU B 1 13 ? 14.725  13.734  -1.278  1.00 58.53 ? 10  GLU B OE2 1 
ATOM   456  N  N   . ASP B 1 14 ? 8.373   13.307  1.473   1.00 31.31 ? 11  ASP B N   1 
ATOM   457  C  CA  . ASP B 1 14 ? 7.315   13.984  2.185   1.00 32.46 ? 11  ASP B CA  1 
ATOM   458  C  C   . ASP B 1 14 ? 6.595   13.037  3.116   1.00 28.60 ? 11  ASP B C   1 
ATOM   459  O  O   . ASP B 1 14 ? 5.590   13.417  3.697   1.00 30.02 ? 11  ASP B O   1 
ATOM   460  C  CB  . ASP B 1 14 ? 6.301   14.679  1.254   1.00 38.48 ? 11  ASP B CB  1 
ATOM   461  C  CG  . ASP B 1 14 ? 5.492   15.788  1.993   1.00 54.89 ? 11  ASP B CG  1 
ATOM   462  O  OD1 . ASP B 1 14 ? 5.768   16.011  3.215   1.00 55.44 ? 11  ASP B OD1 1 
ATOM   463  O  OD2 . ASP B 1 14 ? 4.600   16.441  1.370   1.00 53.04 ? 11  ASP B OD2 1 
ATOM   464  N  N   . GLU B 1 15 ? 7.104   11.815  3.269   1.00 27.57 ? 12  GLU B N   1 
ATOM   465  C  CA  . GLU B 1 15 ? 6.428   10.838  4.123   1.00 26.36 ? 12  GLU B CA  1 
ATOM   466  C  C   . GLU B 1 15 ? 7.177   10.535  5.394   1.00 21.32 ? 12  GLU B C   1 
ATOM   467  O  O   . GLU B 1 15 ? 8.373   10.268  5.359   1.00 23.52 ? 12  GLU B O   1 
ATOM   468  C  CB  . GLU B 1 15 ? 6.233   9.511   3.385   1.00 26.38 ? 12  GLU B CB  1 
ATOM   469  C  CG  . GLU B 1 15 ? 5.380   9.647   2.154   1.00 30.88 ? 12  GLU B CG  1 
ATOM   470  C  CD  . GLU B 1 15 ? 3.930   9.977   2.477   1.00 33.27 ? 12  GLU B CD  1 
ATOM   471  O  OE1 . GLU B 1 15 ? 3.396   9.491   3.519   1.00 27.74 ? 12  GLU B OE1 1 
ATOM   472  O  OE2 . GLU B 1 15 ? 3.330   10.712  1.657   1.00 35.85 ? 12  GLU B OE2 1 
ATOM   473  N  N   . LYS B 1 16 ? 6.439   10.523  6.495   1.00 22.12 ? 13  LYS B N   1 
ATOM   474  C  CA  . LYS B 1 16 ? 7.002   10.166  7.793   1.00 24.24 ? 13  LYS B CA  1 
ATOM   475  C  C   . LYS B 1 16 ? 7.279   8.665   7.822   1.00 26.24 ? 13  LYS B C   1 
ATOM   476  O  O   . LYS B 1 16 ? 6.512   7.872   7.268   1.00 21.16 ? 13  LYS B O   1 
ATOM   477  C  CB  . LYS B 1 16 ? 6.028   10.499  8.903   1.00 22.88 ? 13  LYS B CB  1 
ATOM   478  C  CG  . LYS B 1 16 ? 5.982   12.019  9.193   1.00 28.18 ? 13  LYS B CG  1 
ATOM   479  C  CD  . LYS B 1 16 ? 4.763   12.405  10.049  1.00 28.65 ? 13  LYS B CD  1 
ATOM   480  C  CE  . LYS B 1 16 ? 4.707   13.944  10.233  1.00 30.15 ? 13  LYS B CE  1 
ATOM   481  N  NZ  . LYS B 1 16 ? 3.414   14.395  10.853  1.00 35.34 ? 13  LYS B NZ  1 
ATOM   482  N  N   . ILE B 1 17 ? 8.366   8.281   8.471   1.00 21.16 ? 14  ILE B N   1 
ATOM   483  C  CA  . ILE B 1 17 ? 8.552   6.876   8.825   1.00 22.26 ? 14  ILE B CA  1 
ATOM   484  C  C   . ILE B 1 17 ? 7.487   6.509   9.843   1.00 22.46 ? 14  ILE B C   1 
ATOM   485  O  O   . ILE B 1 17 ? 7.550   6.917   11.001  1.00 23.41 ? 14  ILE B O   1 
ATOM   486  C  CB  . ILE B 1 17 ? 9.950   6.623   9.427   1.00 21.85 ? 14  ILE B CB  1 
ATOM   487  C  CG1 . ILE B 1 17 ? 11.051  6.989   8.440   1.00 28.90 ? 14  ILE B CG1 1 
ATOM   488  C  CG2 . ILE B 1 17 ? 10.049  5.175   9.907   1.00 22.93 ? 14  ILE B CG2 1 
ATOM   489  C  CD1 . ILE B 1 17 ? 11.091  6.185   7.196   1.00 31.13 ? 14  ILE B CD1 1 
ATOM   490  N  N   . ASN B 1 18 ? 6.465   5.767   9.423   1.00 18.92 ? 15  ASN B N   1 
ATOM   491  C  CA  . ASN B 1 18 ? 5.295   5.582   10.287  1.00 20.11 ? 15  ASN B CA  1 
ATOM   492  C  C   . ASN B 1 18 ? 4.831   4.139   10.401  1.00 21.20 ? 15  ASN B C   1 
ATOM   493  O  O   . ASN B 1 18 ? 3.809   3.856   11.030  1.00 23.37 ? 15  ASN B O   1 
ATOM   494  C  CB  . ASN B 1 18 ? 4.101   6.450   9.815   1.00 22.26 ? 15  ASN B CB  1 
ATOM   495  C  CG  . ASN B 1 18 ? 3.790   6.287   8.331   1.00 25.46 ? 15  ASN B CG  1 
ATOM   496  O  OD1 . ASN B 1 18 ? 4.368   5.452   7.634   1.00 22.44 ? 15  ASN B OD1 1 
ATOM   497  N  ND2 . ASN B 1 18 ? 2.891   7.155   7.818   1.00 26.48 ? 15  ASN B ND2 1 
ATOM   498  N  N   . ILE B 1 19 ? 5.568   3.234   9.776   1.00 21.63 ? 16  ILE B N   1 
ATOM   499  C  CA  . ILE B 1 19 ? 5.230   1.827   9.900   1.00 21.80 ? 16  ILE B CA  1 
ATOM   500  C  C   . ILE B 1 19 ? 6.488   0.992   10.137  1.00 25.02 ? 16  ILE B C   1 
ATOM   501  O  O   . ILE B 1 19 ? 7.605   1.460   9.963   1.00 20.89 ? 16  ILE B O   1 
ATOM   502  C  CB  . ILE B 1 19 ? 4.506   1.276   8.649   1.00 20.15 ? 16  ILE B CB  1 
ATOM   503  C  CG1 . ILE B 1 19 ? 5.362   1.439   7.407   1.00 22.49 ? 16  ILE B CG1 1 
ATOM   504  C  CG2 . ILE B 1 19 ? 3.142   1.990   8.456   1.00 24.84 ? 16  ILE B CG2 1 
ATOM   505  C  CD1 . ILE B 1 19 ? 4.896   0.595   6.205   1.00 23.52 ? 16  ILE B CD1 1 
ATOM   506  N  N   . TYR B 1 20 ? 6.277   -0.255  10.527  1.00 25.51 ? 17  TYR B N   1 
ATOM   507  C  CA  . TYR B 1 20 ? 7.393   -1.180  10.737  1.00 26.78 ? 17  TYR B CA  1 
ATOM   508  C  C   . TYR B 1 20 ? 7.162   -2.381  9.846   1.00 28.99 ? 17  TYR B C   1 
ATOM   509  O  O   . TYR B 1 20 ? 6.095   -2.985  9.937   1.00 29.05 ? 17  TYR B O   1 
ATOM   510  C  CB  . TYR B 1 20 ? 7.400   -1.616  12.195  1.00 26.54 ? 17  TYR B CB  1 
ATOM   511  C  CG  . TYR B 1 20 ? 8.582   -2.486  12.508  1.00 34.54 ? 17  TYR B CG  1 
ATOM   512  C  CD1 . TYR B 1 20 ? 9.867   -1.950  12.520  1.00 34.61 ? 17  TYR B CD1 1 
ATOM   513  C  CD2 . TYR B 1 20 ? 8.424   -3.841  12.775  1.00 41.11 ? 17  TYR B CD2 1 
ATOM   514  C  CE1 . TYR B 1 20 ? 10.978  -2.747  12.796  1.00 35.34 ? 17  TYR B CE1 1 
ATOM   515  C  CE2 . TYR B 1 20 ? 9.534   -4.646  13.054  1.00 44.20 ? 17  TYR B CE2 1 
ATOM   516  C  CZ  . TYR B 1 20 ? 10.795  -4.090  13.058  1.00 43.23 ? 17  TYR B CZ  1 
ATOM   517  O  OH  . TYR B 1 20 ? 11.896  -4.864  13.337  1.00 49.14 ? 17  TYR B OH  1 
ATOM   518  N  N   . CYS B 1 21 ? 8.099   -2.683  8.942   1.00 31.97 ? 18  CYS B N   1 
ATOM   519  C  CA  . CYS B 1 21 ? 8.004   -3.892  8.132   1.00 36.91 ? 18  CYS B CA  1 
ATOM   520  C  C   . CYS B 1 21 ? 8.378   -5.087  9.026   1.00 39.65 ? 18  CYS B C   1 
ATOM   521  O  O   . CYS B 1 21 ? 9.542   -5.247  9.375   1.00 32.07 ? 18  CYS B O   1 
ATOM   522  C  CB  . CYS B 1 21 ? 8.903   -3.830  6.871   1.00 27.84 ? 18  CYS B CB  1 
ATOM   523  S  SG  . CYS B 1 21 ? 8.789   -5.357  5.661   1.00 28.47 ? 18  CYS B SG  1 
ATOM   524  N  N   . LEU B 1 22 ? 7.391   -5.887  9.421   1.00 39.76 ? 19  LEU B N   1 
ATOM   525  C  CA  . LEU B 1 22 ? 7.645   -7.073  10.244  1.00 40.56 ? 19  LEU B CA  1 
ATOM   526  C  C   . LEU B 1 22 ? 8.426   -8.110  9.465   1.00 45.25 ? 19  LEU B C   1 
ATOM   527  O  O   . LEU B 1 22 ? 9.098   -8.982  10.030  1.00 49.25 ? 19  LEU B O   1 
ATOM   528  C  CB  . LEU B 1 22 ? 6.337   -7.671  10.747  1.00 40.25 ? 19  LEU B CB  1 
ATOM   529  C  CG  . LEU B 1 22 ? 5.790   -6.883  11.927  1.00 44.76 ? 19  LEU B CG  1 
ATOM   530  C  CD1 . LEU B 1 22 ? 4.453   -7.408  12.415  1.00 52.52 ? 19  LEU B CD1 1 
ATOM   531  C  CD2 . LEU B 1 22 ? 6.815   -6.944  13.025  1.00 49.26 ? 19  LEU B CD2 1 
ATOM   532  N  N   . THR B 1 23 ? 8.344   -8.005  8.152   1.00 44.59 ? 20  THR B N   1 
ATOM   533  C  CA  . THR B 1 23 ? 8.994   -8.949  7.271   1.00 45.79 ? 20  THR B CA  1 
ATOM   534  C  C   . THR B 1 23 ? 10.477  -8.644  7.117   1.00 47.24 ? 20  THR B C   1 
ATOM   535  O  O   . THR B 1 23 ? 11.314  -9.522  7.306   1.00 49.38 ? 20  THR B O   1 
ATOM   536  C  CB  . THR B 1 23 ? 8.315   -8.936  5.894   1.00 47.36 ? 20  THR B CB  1 
ATOM   537  O  OG1 . THR B 1 23 ? 6.929   -9.287  6.049   1.00 35.36 ? 20  THR B OG1 1 
ATOM   538  C  CG2 . THR B 1 23 ? 9.009   -9.890  4.947   1.00 45.63 ? 20  THR B CG2 1 
ATOM   539  N  N   . CYS B 1 24 ? 10.800  -7.405  6.761   1.00 42.32 ? 21  CYS B N   1 
ATOM   540  C  CA  . CYS B 1 24 ? 12.200  -6.982  6.600   1.00 40.32 ? 21  CYS B CA  1 
ATOM   541  C  C   . CYS B 1 24 ? 12.817  -6.558  7.939   1.00 39.04 ? 21  CYS B C   1 
ATOM   542  O  O   . CYS B 1 24 ? 14.019  -6.316  8.029   1.00 45.04 ? 21  CYS B O   1 
ATOM   543  C  CB  . CYS B 1 24 ? 12.319  -5.823  5.598   1.00 45.69 ? 21  CYS B CB  1 
ATOM   544  S  SG  . CYS B 1 24 ? 11.852  -6.173  3.858   1.00 40.65 ? 21  CYS B SG  1 
ATOM   545  N  N   . GLU B 1 25 ? 11.985  -6.498  8.976   1.00 38.28 ? 22  GLU B N   1 
ATOM   546  C  CA  . GLU B 1 25 ? 12.385  -6.024  10.294  1.00 43.27 ? 22  GLU B CA  1 
ATOM   547  C  C   . GLU B 1 25 ? 13.050  -4.644  10.246  1.00 40.16 ? 22  GLU B C   1 
ATOM   548  O  O   . GLU B 1 25 ? 14.151  -4.453  10.760  1.00 40.91 ? 22  GLU B O   1 
ATOM   549  C  CB  . GLU B 1 25 ? 13.297  -7.053  10.983  1.00 43.72 ? 22  GLU B CB  1 
ATOM   550  C  CG  . GLU B 1 25 ? 12.594  -8.372  11.352  1.00 47.48 ? 22  GLU B CG  1 
ATOM   551  C  CD  . GLU B 1 25 ? 11.506  -8.222  12.428  1.00 56.83 ? 22  GLU B CD  1 
ATOM   552  O  OE1 . GLU B 1 25 ? 11.676  -7.417  13.379  1.00 57.80 ? 22  GLU B OE1 1 
ATOM   553  O  OE2 . GLU B 1 25 ? 10.473  -8.931  12.330  1.00 65.55 ? 22  GLU B OE2 1 
ATOM   554  N  N   . VAL B 1 26 ? 12.385  -3.675  9.623   1.00 34.20 ? 23  VAL B N   1 
ATOM   555  C  CA  . VAL B 1 26 ? 12.943  -2.329  9.538   1.00 30.99 ? 23  VAL B CA  1 
ATOM   556  C  C   . VAL B 1 26 ? 11.801  -1.315  9.573   1.00 34.72 ? 23  VAL B C   1 
ATOM   557  O  O   . VAL B 1 26 ? 10.714  -1.610  9.085   1.00 31.52 ? 23  VAL B O   1 
ATOM   558  C  CB  . VAL B 1 26 ? 13.745  -2.118  8.256   1.00 36.37 ? 23  VAL B CB  1 
ATOM   559  C  CG1 . VAL B 1 26 ? 14.974  -3.045  8.235   1.00 45.34 ? 23  VAL B CG1 1 
ATOM   560  C  CG2 . VAL B 1 26 ? 12.862  -2.321  7.015   1.00 40.18 ? 23  VAL B CG2 1 
ATOM   561  N  N   . PRO B 1 27 ? 12.037  -0.142  10.173  1.00 31.56 ? 24  PRO B N   1 
ATOM   562  C  CA  . PRO B 1 27 ? 11.003  0.900   10.091  1.00 27.00 ? 24  PRO B CA  1 
ATOM   563  C  C   . PRO B 1 27 ? 10.979  1.427   8.670   1.00 23.07 ? 24  PRO B C   1 
ATOM   564  O  O   . PRO B 1 27 ? 12.029  1.480   8.019   1.00 27.58 ? 24  PRO B O   1 
ATOM   565  C  CB  . PRO B 1 27 ? 11.525  1.982   11.060  1.00 26.94 ? 24  PRO B CB  1 
ATOM   566  C  CG  . PRO B 1 27 ? 13.032  1.780   11.083  1.00 27.76 ? 24  PRO B CG  1 
ATOM   567  C  CD  . PRO B 1 27 ? 13.221  0.289   10.951  1.00 30.42 ? 24  PRO B CD  1 
ATOM   568  N  N   . THR B 1 28 ? 9.802   1.826   8.180   1.00 25.22 ? 25  THR B N   1 
ATOM   569  C  CA  . THR B 1 28 ? 9.702   2.328   6.819   1.00 20.02 ? 25  THR B CA  1 
ATOM   570  C  C   . THR B 1 28 ? 8.461   3.259   6.717   1.00 18.10 ? 25  THR B C   1 
ATOM   571  O  O   . THR B 1 28 ? 7.879   3.628   7.752   1.00 21.19 ? 25  THR B O   1 
ATOM   572  C  CB  . THR B 1 28 ? 9.664   1.140   5.796   1.00 22.39 ? 25  THR B CB  1 
ATOM   573  O  OG1 . THR B 1 28 ? 9.844   1.625   4.461   1.00 22.51 ? 25  THR B OG1 1 
ATOM   574  C  CG2 . THR B 1 28 ? 8.388   0.387   5.913   1.00 28.14 ? 25  THR B CG2 1 
ATOM   575  N  N   . CYS B 1 29 ? 8.094   3.678   5.515   1.00 20.91 ? 26  CYS B N   1 
ATOM   576  C  CA  . CYS B 1 29 ? 6.925   4.556   5.407   1.00 23.69 ? 26  CYS B CA  1 
ATOM   577  C  C   . CYS B 1 29 ? 5.764   3.872   4.693   1.00 23.26 ? 26  CYS B C   1 
ATOM   578  O  O   . CYS B 1 29 ? 5.964   2.934   3.932   1.00 22.58 ? 26  CYS B O   1 
ATOM   579  C  CB  . CYS B 1 29 ? 7.281   5.863   4.694   1.00 21.19 ? 26  CYS B CB  1 
ATOM   580  S  SG  . CYS B 1 29 ? 7.047   5.959   2.913   1.00 24.84 ? 26  CYS B SG  1 
ATOM   581  N  N   . SER B 1 30 ? 4.549   4.362   4.923   1.00 19.63 ? 27  SER B N   1 
ATOM   582  C  CA  . SER B 1 30 ? 3.366   3.725   4.354   1.00 22.23 ? 27  SER B CA  1 
ATOM   583  C  C   . SER B 1 30 ? 3.360   3.728   2.830   1.00 22.91 ? 27  SER B C   1 
ATOM   584  O  O   . SER B 1 30 ? 2.780   2.831   2.230   1.00 26.31 ? 27  SER B O   1 
ATOM   585  C  CB  . SER B 1 30 ? 2.116   4.403   4.899   1.00 23.73 ? 27  SER B CB  1 
ATOM   586  O  OG  . SER B 1 30 ? 2.165   5.764   4.540   1.00 23.21 ? 27  SER B OG  1 
ATOM   587  N  N   . MET B 1 31 ? 4.006   4.713   2.197   1.00 21.47 ? 28  MET B N   1 
ATOM   588  C  CA  . MET B 1 31 ? 4.103   4.761   0.736   1.00 21.17 ? 28  MET B CA  1 
ATOM   589  C  C   . MET B 1 31 ? 5.030   3.663   0.202   1.00 25.29 ? 28  MET B C   1 
ATOM   590  O  O   . MET B 1 31 ? 4.855   3.198   -0.926  1.00 27.07 ? 28  MET B O   1 
ATOM   591  C  CB  . MET B 1 31 ? 4.546   6.145   0.212   1.00 21.99 ? 28  MET B CB  1 
ATOM   592  C  CG  . MET B 1 31 ? 3.488   7.217   0.396   1.00 26.70 ? 28  MET B CG  1 
ATOM   593  S  SD  . MET B 1 31 ? 1.998   6.940   -0.604  1.00 27.60 ? 28  MET B SD  1 
ATOM   594  C  CE  . MET B 1 31 ? 2.427   7.821   -2.110  1.00 28.87 ? 28  MET B CE  1 
ATOM   595  N  N   . CYS B 1 32 ? 6.006   3.241   1.007   1.00 27.42 ? 29  CYS B N   1 
ATOM   596  C  CA  . CYS B 1 32 ? 6.852   2.110   0.613   1.00 28.72 ? 29  CYS B CA  1 
ATOM   597  C  C   . CYS B 1 32 ? 6.039   0.812   0.604   1.00 26.19 ? 29  CYS B C   1 
ATOM   598  O  O   . CYS B 1 32 ? 6.331   -0.092  -0.175  1.00 33.12 ? 29  CYS B O   1 
ATOM   599  C  CB  . CYS B 1 32 ? 8.102   1.955   1.522   1.00 25.39 ? 29  CYS B CB  1 
ATOM   600  S  SG  . CYS B 1 32 ? 9.448   3.151   1.132   1.00 31.55 ? 29  CYS B SG  1 
ATOM   601  N  N   . LYS B 1 33 ? 5.032   0.722   1.467   1.00 23.24 ? 30  LYS B N   1 
ATOM   602  C  CA  . LYS B 1 33 ? 4.124   -0.410  1.491   1.00 23.09 ? 30  LYS B CA  1 
ATOM   603  C  C   . LYS B 1 33 ? 3.101   -0.296  0.356   1.00 31.77 ? 30  LYS B C   1 
ATOM   604  O  O   . LYS B 1 33 ? 2.837   -1.265  -0.360  1.00 28.99 ? 30  LYS B O   1 
ATOM   605  C  CB  . LYS B 1 33 ? 3.449   -0.515  2.863   1.00 22.03 ? 30  LYS B CB  1 
ATOM   606  C  CG  . LYS B 1 33 ? 2.253   -1.493  2.978   1.00 27.70 ? 30  LYS B CG  1 
ATOM   607  C  CD  . LYS B 1 33 ? 2.689   -2.953  2.693   1.00 30.18 ? 30  LYS B CD  1 
ATOM   608  C  CE  . LYS B 1 33 ? 1.533   -3.949  2.879   1.00 36.21 ? 30  LYS B CE  1 
ATOM   609  N  NZ  . LYS B 1 33 ? 1.758   -5.164  2.027   1.00 34.17 ? 30  LYS B NZ  1 
ATOM   610  N  N   . VAL B 1 34 ? 2.515   0.881   0.159   1.00 25.68 ? 31  VAL B N   1 
ATOM   611  C  CA  . VAL B 1 34 ? 1.508   0.996   -0.899  1.00 26.69 ? 31  VAL B CA  1 
ATOM   612  C  C   . VAL B 1 34 ? 2.048   0.806   -2.302  1.00 28.17 ? 31  VAL B C   1 
ATOM   613  O  O   . VAL B 1 34 ? 1.447   0.072   -3.122  1.00 28.94 ? 31  VAL B O   1 
ATOM   614  C  CB  . VAL B 1 34 ? 0.718   2.318   -0.827  1.00 23.48 ? 31  VAL B CB  1 
ATOM   615  C  CG1 . VAL B 1 34 ? -0.298  2.355   -1.961  1.00 23.18 ? 31  VAL B CG1 1 
ATOM   616  C  CG2 . VAL B 1 34 ? 0.034   2.396   0.493   1.00 20.18 ? 31  VAL B CG2 1 
ATOM   617  N  N   . PHE B 1 35 ? 3.168   1.453   -2.600  1.00 23.78 ? 32  PHE B N   1 
ATOM   618  C  CA  . PHE B 1 35 ? 3.676   1.505   -3.946  1.00 22.81 ? 32  PHE B CA  1 
ATOM   619  C  C   . PHE B 1 35 ? 5.123   1.067   -4.092  1.00 33.07 ? 32  PHE B C   1 
ATOM   620  O  O   . PHE B 1 35 ? 5.613   0.971   -5.222  1.00 36.23 ? 32  PHE B O   1 
ATOM   621  C  CB  . PHE B 1 35 ? 3.625   2.914   -4.508  1.00 24.23 ? 32  PHE B CB  1 
ATOM   622  C  CG  . PHE B 1 35 ? 2.259   3.535   -4.491  1.00 29.78 ? 32  PHE B CG  1 
ATOM   623  C  CD1 . PHE B 1 35 ? 1.283   3.114   -5.386  1.00 28.54 ? 32  PHE B CD1 1 
ATOM   624  C  CD2 . PHE B 1 35 ? 1.962   4.554   -3.595  1.00 26.51 ? 32  PHE B CD2 1 
ATOM   625  C  CE1 . PHE B 1 35 ? 0.017   3.695   -5.374  1.00 30.61 ? 32  PHE B CE1 1 
ATOM   626  C  CE2 . PHE B 1 35 ? 0.708   5.137   -3.583  1.00 25.32 ? 32  PHE B CE2 1 
ATOM   627  C  CZ  . PHE B 1 35 ? -0.257  4.712   -4.474  1.00 24.90 ? 32  PHE B CZ  1 
ATOM   628  N  N   . GLY B 1 36 ? 5.816   0.859   -2.978  1.00 31.04 ? 33  GLY B N   1 
ATOM   629  C  CA  . GLY B 1 36 ? 7.272   0.727   -3.026  1.00 34.59 ? 33  GLY B CA  1 
ATOM   630  C  C   . GLY B 1 36 ? 7.813   -0.660  -2.709  1.00 40.98 ? 33  GLY B C   1 
ATOM   631  O  O   . GLY B 1 36 ? 7.132   -1.667  -2.903  1.00 32.84 ? 33  GLY B O   1 
ATOM   632  N  N   . ILE B 1 37 ? 9.041   -0.713  -2.195  1.00 39.78 ? 34  ILE B N   1 
ATOM   633  C  CA  . ILE B 1 37 ? 9.751   -1.981  -2.058  1.00 38.08 ? 34  ILE B CA  1 
ATOM   634  C  C   . ILE B 1 37 ? 9.191   -2.881  -0.970  1.00 40.27 ? 34  ILE B C   1 
ATOM   635  O  O   . ILE B 1 37 ? 9.590   -4.035  -0.850  1.00 41.82 ? 34  ILE B O   1 
ATOM   636  C  CB  . ILE B 1 37 ? 11.258  -1.761  -1.759  1.00 40.37 ? 34  ILE B CB  1 
ATOM   637  C  CG1 . ILE B 1 37 ? 11.421  -1.129  -0.373  1.00 41.07 ? 34  ILE B CG1 1 
ATOM   638  C  CG2 . ILE B 1 37 ? 11.899  -0.896  -2.821  1.00 45.04 ? 34  ILE B CG2 1 
ATOM   639  C  CD1 . ILE B 1 37 ? 12.867  -1.063  0.101   1.00 44.37 ? 34  ILE B CD1 1 
ATOM   640  N  N   . HIS B 1 38 ? 8.279   -2.379  -0.153  1.00 29.07 ? 35  HIS B N   1 
ATOM   641  C  CA  . HIS B 1 38 ? 7.695   -3.263  0.831   1.00 28.43 ? 35  HIS B CA  1 
ATOM   642  C  C   . HIS B 1 38 ? 6.270   -3.673  0.464   1.00 24.41 ? 35  HIS B C   1 
ATOM   643  O  O   . HIS B 1 38 ? 5.514   -4.116  1.324   1.00 29.57 ? 35  HIS B O   1 
ATOM   644  C  CB  . HIS B 1 38 ? 7.753   -2.669  2.236   1.00 34.09 ? 35  HIS B CB  1 
ATOM   645  C  CG  . HIS B 1 38 ? 9.144   -2.373  2.705   1.00 37.30 ? 35  HIS B CG  1 
ATOM   646  N  ND1 . HIS B 1 38 ? 10.028  -3.361  3.090   1.00 44.14 ? 35  HIS B ND1 1 
ATOM   647  C  CD2 . HIS B 1 38 ? 9.814   -1.201  2.815   1.00 37.99 ? 35  HIS B CD2 1 
ATOM   648  C  CE1 . HIS B 1 38 ? 11.171  -2.803  3.446   1.00 42.71 ? 35  HIS B CE1 1 
ATOM   649  N  NE2 . HIS B 1 38 ? 11.072  -1.498  3.278   1.00 39.86 ? 35  HIS B NE2 1 
ATOM   650  N  N   . LYS B 1 39 ? 5.901   -3.485  -0.796  1.00 32.50 ? 36  LYS B N   1 
ATOM   651  C  CA  . LYS B 1 39 ? 4.507   -3.745  -1.185  1.00 37.09 ? 36  LYS B CA  1 
ATOM   652  C  C   . LYS B 1 39 ? 4.091   -5.164  -0.790  1.00 40.51 ? 36  LYS B C   1 
ATOM   653  O  O   . LYS B 1 39 ? 2.962   -5.396  -0.299  1.00 39.37 ? 36  LYS B O   1 
ATOM   654  C  CB  . LYS B 1 39 ? 4.287   -3.475  -2.677  1.00 36.32 ? 36  LYS B CB  1 
ATOM   655  C  CG  . LYS B 1 39 ? 5.396   -3.999  -3.582  1.00 43.23 ? 36  LYS B CG  1 
ATOM   656  C  CD  . LYS B 1 39 ? 4.985   -4.018  -5.050  1.00 45.36 ? 36  LYS B CD  1 
ATOM   657  C  CE  . LYS B 1 39 ? 5.075   -2.644  -5.691  1.00 48.94 ? 36  LYS B CE  1 
ATOM   658  N  NZ  . LYS B 1 39 ? 6.494   -2.201  -5.924  1.00 53.31 ? 36  LYS B NZ  1 
ATOM   659  N  N   . ALA B 1 40 ? 5.033   -6.099  -0.942  1.00 40.96 ? 37  ALA B N   1 
ATOM   660  C  CA  . ALA B 1 40 ? 4.798   -7.505  -0.626  1.00 38.56 ? 37  ALA B CA  1 
ATOM   661  C  C   . ALA B 1 40 ? 4.765   -7.850  0.863   1.00 46.17 ? 37  ALA B C   1 
ATOM   662  O  O   . ALA B 1 40 ? 4.213   -8.888  1.243   1.00 45.94 ? 37  ALA B O   1 
ATOM   663  C  CB  . ALA B 1 40 ? 5.828   -8.383  -1.361  1.00 38.61 ? 37  ALA B CB  1 
ATOM   664  N  N   . CYS B 1 41 ? 5.327   -6.982  1.710   1.00 38.98 ? 38  CYS B N   1 
ATOM   665  C  CA  . CYS B 1 41 ? 5.554   -7.338  3.116   1.00 34.19 ? 38  CYS B CA  1 
ATOM   666  C  C   . CYS B 1 41 ? 4.379   -7.176  4.074   1.00 38.95 ? 38  CYS B C   1 
ATOM   667  O  O   . CYS B 1 41 ? 3.391   -6.497  3.776   1.00 43.89 ? 38  CYS B O   1 
ATOM   668  C  CB  . CYS B 1 41 ? 6.779   -6.585  3.650   1.00 34.85 ? 38  CYS B CB  1 
ATOM   669  S  SG  . CYS B 1 41 ? 8.120   -6.496  2.462   1.00 36.66 ? 38  CYS B SG  1 
ATOM   670  N  N   . GLU B 1 42 ? 4.484   -7.833  5.226   1.00 35.13 ? 39  GLU B N   1 
ATOM   671  C  CA  . GLU B 1 42 ? 3.547   -7.620  6.315   1.00 34.99 ? 39  GLU B CA  1 
ATOM   672  C  C   . GLU B 1 42 ? 4.100   -6.446  7.115   1.00 42.98 ? 39  GLU B C   1 
ATOM   673  O  O   . GLU B 1 42 ? 5.313   -6.399  7.336   1.00 33.74 ? 39  GLU B O   1 
ATOM   674  C  CB  . GLU B 1 42 ? 3.475   -8.841  7.224   1.00 40.11 ? 39  GLU B CB  1 
ATOM   675  C  CG  . GLU B 1 42 ? 2.635   -8.590  8.487   1.00 50.10 ? 39  GLU B CG  1 
ATOM   676  C  CD  . GLU B 1 42 ? 2.683   -9.734  9.497   1.00 55.61 ? 39  GLU B CD  1 
ATOM   677  O  OE1 . GLU B 1 42 ? 3.424   -10.716 9.263   1.00 61.90 ? 39  GLU B OE1 1 
ATOM   678  O  OE2 . GLU B 1 42 ? 1.978   -9.641  10.532  1.00 58.89 ? 39  GLU B OE2 1 
ATOM   679  N  N   . VAL B 1 43 ? 3.226   -5.526  7.549   1.00 32.92 ? 40  VAL B N   1 
ATOM   680  C  CA  . VAL B 1 43 ? 3.644   -4.284  8.217   1.00 30.70 ? 40  VAL B CA  1 
ATOM   681  C  C   . VAL B 1 43 ? 2.668   -3.959  9.330   1.00 32.26 ? 40  VAL B C   1 
ATOM   682  O  O   . VAL B 1 43 ? 1.581   -4.515  9.368   1.00 36.80 ? 40  VAL B O   1 
ATOM   683  C  CB  . VAL B 1 43 ? 3.713   -3.103  7.227   1.00 32.30 ? 40  VAL B CB  1 
ATOM   684  C  CG1 . VAL B 1 43 ? 4.703   -3.378  6.104   1.00 28.29 ? 40  VAL B CG1 1 
ATOM   685  C  CG2 . VAL B 1 43 ? 2.313   -2.794  6.647   1.00 29.63 ? 40  VAL B CG2 1 
ATOM   686  N  N   . ALA B 1 44 ? 3.059   -3.072  10.244  1.00 27.96 ? 41  ALA B N   1 
ATOM   687  C  CA  . ALA B 1 44 ? 2.206   -2.611  11.340  1.00 32.75 ? 41  ALA B CA  1 
ATOM   688  C  C   . ALA B 1 44 ? 2.486   -1.153  11.579  1.00 28.18 ? 41  ALA B C   1 
ATOM   689  O  O   . ALA B 1 44 ? 3.548   -0.674  11.233  1.00 28.46 ? 41  ALA B O   1 
ATOM   690  C  CB  . ALA B 1 44 ? 2.517   -3.372  12.610  1.00 36.31 ? 41  ALA B CB  1 
ATOM   691  N  N   . PRO B 1 45 ? 1.555   -0.452  12.217  1.00 34.64 ? 42  PRO B N   1 
ATOM   692  C  CA  . PRO B 1 45 ? 1.802   0.958   12.525  1.00 35.31 ? 42  PRO B CA  1 
ATOM   693  C  C   . PRO B 1 45 ? 2.832   1.087   13.645  1.00 38.18 ? 42  PRO B C   1 
ATOM   694  O  O   . PRO B 1 45 ? 2.844   0.263   14.546  1.00 33.76 ? 42  PRO B O   1 
ATOM   695  C  CB  . PRO B 1 45 ? 0.432   1.454   13.029  1.00 34.84 ? 42  PRO B CB  1 
ATOM   696  C  CG  . PRO B 1 45 ? -0.548  0.349   12.702  1.00 42.01 ? 42  PRO B CG  1 
ATOM   697  C  CD  . PRO B 1 45 ? 0.239   -0.905  12.692  1.00 31.49 ? 42  PRO B CD  1 
ATOM   698  N  N   . LEU B 1 46 ? 3.684   2.098   13.604  1.00 32.12 ? 43  LEU B N   1 
ATOM   699  C  CA  . LEU B 1 46 ? 4.490   2.400   14.782  1.00 35.61 ? 43  LEU B CA  1 
ATOM   700  C  C   . LEU B 1 46 ? 3.536   2.931   15.843  1.00 45.24 ? 43  LEU B C   1 
ATOM   701  O  O   . LEU B 1 46 ? 3.682   2.651   17.035  1.00 47.56 ? 43  LEU B O   1 
ATOM   702  C  CB  . LEU B 1 46 ? 5.568   3.426   14.445  1.00 26.29 ? 43  LEU B CB  1 
ATOM   703  C  CG  . LEU B 1 46 ? 6.509   2.955   13.356  1.00 28.58 ? 43  LEU B CG  1 
ATOM   704  C  CD1 . LEU B 1 46 ? 7.492   4.094   13.044  1.00 28.43 ? 43  LEU B CD1 1 
ATOM   705  C  CD2 . LEU B 1 46 ? 7.246   1.732   13.868  1.00 32.39 ? 43  LEU B CD2 1 
ATOM   706  N  N   . GLN B 1 47 ? 2.558   3.699   15.362  1.00 44.98 ? 44  GLN B N   1 
ATOM   707  C  CA  . GLN B 1 47 ? 1.418   4.208   16.128  1.00 55.47 ? 44  GLN B CA  1 
ATOM   708  C  C   . GLN B 1 47 ? 1.802   5.183   17.235  1.00 55.54 ? 44  GLN B C   1 
ATOM   709  O  O   . GLN B 1 47 ? 1.122   6.195   17.436  1.00 58.95 ? 44  GLN B O   1 
ATOM   710  C  CB  . GLN B 1 47 ? 0.538   3.071   16.672  1.00 51.30 ? 44  GLN B CB  1 
ATOM   711  C  CG  . GLN B 1 47 ? 1.005   2.528   18.009  1.00 56.87 ? 44  GLN B CG  1 
ATOM   712  C  CD  . GLN B 1 47 ? -0.149  2.108   18.892  1.00 66.13 ? 44  GLN B CD  1 
ATOM   713  O  OE1 . GLN B 1 47 ? -1.055  2.904   19.173  1.00 67.97 ? 44  GLN B OE1 1 
ATOM   714  N  NE2 . GLN B 1 47 ? -0.119  0.856   19.350  1.00 64.85 ? 44  GLN B NE2 1 
ATOM   715  N  N   . GLY C 1 4  ? -12.935 -6.979  -20.810 1.00 68.53 ? 1   GLY C N   1 
ATOM   716  C  CA  . GLY C 1 4  ? -13.458 -7.730  -21.940 1.00 72.95 ? 1   GLY C CA  1 
ATOM   717  C  C   . GLY C 1 4  ? -14.383 -8.869  -21.537 1.00 73.81 ? 1   GLY C C   1 
ATOM   718  O  O   . GLY C 1 4  ? -15.609 -8.770  -21.691 1.00 74.62 ? 1   GLY C O   1 
ATOM   719  N  N   . SER C 1 5  ? -13.793 -9.956  -21.037 1.00 72.90 ? 2   SER C N   1 
ATOM   720  C  CA  . SER C 1 5  ? -14.548 -11.081 -20.476 1.00 67.91 ? 2   SER C CA  1 
ATOM   721  C  C   . SER C 1 5  ? -13.882 -11.643 -19.208 1.00 63.46 ? 2   SER C C   1 
ATOM   722  O  O   . SER C 1 5  ? -14.206 -11.211 -18.091 1.00 60.90 ? 2   SER C O   1 
ATOM   723  C  CB  . SER C 1 5  ? -14.734 -12.192 -21.512 1.00 67.91 ? 2   SER C CB  1 
ATOM   724  O  OG  . SER C 1 5  ? -15.571 -13.216 -20.998 1.00 69.48 ? 2   SER C OG  1 
ATOM   725  N  N   . HIS C 1 6  ? -12.964 -12.600 -19.383 1.00 60.62 ? 3   HIS C N   1 
ATOM   726  C  CA  . HIS C 1 6  ? -12.231 -13.191 -18.258 1.00 52.10 ? 3   HIS C CA  1 
ATOM   727  C  C   . HIS C 1 6  ? -11.436 -12.114 -17.549 1.00 50.02 ? 3   HIS C C   1 
ATOM   728  O  O   . HIS C 1 6  ? -10.757 -11.313 -18.193 1.00 53.74 ? 3   HIS C O   1 
ATOM   729  C  CB  . HIS C 1 6  ? -11.291 -14.308 -18.718 1.00 45.81 ? 3   HIS C CB  1 
ATOM   730  C  CG  . HIS C 1 6  ? -10.902 -15.265 -17.626 1.00 41.84 ? 3   HIS C CG  1 
ATOM   731  N  ND1 . HIS C 1 6  ? -10.244 -14.868 -16.478 1.00 49.18 ? 3   HIS C ND1 1 
ATOM   732  C  CD2 . HIS C 1 6  ? -11.067 -16.605 -17.513 1.00 47.63 ? 3   HIS C CD2 1 
ATOM   733  C  CE1 . HIS C 1 6  ? -10.030 -15.918 -15.704 1.00 42.74 ? 3   HIS C CE1 1 
ATOM   734  N  NE2 . HIS C 1 6  ? -10.518 -16.987 -16.310 1.00 47.79 ? 3   HIS C NE2 1 
ATOM   735  N  N   . PRO C 1 7  ? -11.531 -12.073 -16.212 1.00 42.82 ? 4   PRO C N   1 
ATOM   736  C  CA  . PRO C 1 7  ? -10.815 -11.087 -15.402 1.00 38.17 ? 4   PRO C CA  1 
ATOM   737  C  C   . PRO C 1 7  ? -9.282  -11.199 -15.556 1.00 37.17 ? 4   PRO C C   1 
ATOM   738  O  O   . PRO C 1 7  ? -8.750  -12.304 -15.479 1.00 35.79 ? 4   PRO C O   1 
ATOM   739  C  CB  . PRO C 1 7  ? -11.232 -11.455 -13.972 1.00 38.43 ? 4   PRO C CB  1 
ATOM   740  C  CG  . PRO C 1 7  ? -12.553 -12.135 -14.131 1.00 36.29 ? 4   PRO C CG  1 
ATOM   741  C  CD  . PRO C 1 7  ? -12.414 -12.925 -15.394 1.00 43.80 ? 4   PRO C CD  1 
ATOM   742  N  N   . MET C 1 8  ? -8.606  -10.067 -15.756 1.00 37.04 ? 5   MET C N   1 
ATOM   743  C  CA  . MET C 1 8  ? -7.163  -10.045 -15.965 1.00 39.94 ? 5   MET C CA  1 
ATOM   744  C  C   . MET C 1 8  ? -6.450  -9.386  -14.800 1.00 38.91 ? 5   MET C C   1 
ATOM   745  O  O   . MET C 1 8  ? -7.001  -8.517  -14.135 1.00 36.07 ? 5   MET C O   1 
ATOM   746  C  CB  . MET C 1 8  ? -6.822  -9.293  -17.258 1.00 43.16 ? 5   MET C CB  1 
ATOM   747  C  CG  . MET C 1 8  ? -7.449  -9.890  -18.511 1.00 38.37 ? 5   MET C CG  1 
ATOM   748  S  SD  . MET C 1 8  ? -7.124  -11.648 -18.697 1.00 50.13 ? 5   MET C SD  1 
ATOM   749  C  CE  . MET C 1 8  ? -8.313  -12.136 -19.950 1.00 61.67 ? 5   MET C CE  1 
ATOM   750  N  N   . CYS C 1 9  ? -5.206  -9.781  -14.558 1.00 29.79 ? 6   CYS C N   1 
ATOM   751  C  CA  . CYS C 1 9  ? -4.466  -9.194  -13.462 1.00 34.06 ? 6   CYS C CA  1 
ATOM   752  C  C   . CYS C 1 9  ? -4.105  -7.726  -13.716 1.00 41.08 ? 6   CYS C C   1 
ATOM   753  O  O   . CYS C 1 9  ? -3.711  -7.372  -14.814 1.00 39.14 ? 6   CYS C O   1 
ATOM   754  C  CB  . CYS C 1 9  ? -3.185  -9.972  -13.219 1.00 27.43 ? 6   CYS C CB  1 
ATOM   755  S  SG  . CYS C 1 9  ? -2.372  -9.365  -11.791 1.00 31.20 ? 6   CYS C SG  1 
ATOM   756  N  N   . LYS C 1 10 ? -4.213  -6.883  -12.694 1.00 39.00 ? 7   LYS C N   1 
ATOM   757  C  CA  . LYS C 1 10 ? -3.816  -5.482  -12.833 1.00 41.27 ? 7   LYS C CA  1 
ATOM   758  C  C   . LYS C 1 10 ? -2.317  -5.362  -13.051 1.00 46.33 ? 7   LYS C C   1 
ATOM   759  O  O   . LYS C 1 10 ? -1.854  -4.507  -13.814 1.00 45.81 ? 7   LYS C O   1 
ATOM   760  C  CB  . LYS C 1 10 ? -4.210  -4.677  -11.589 1.00 47.70 ? 7   LYS C CB  1 
ATOM   761  C  CG  . LYS C 1 10 ? -5.654  -4.192  -11.580 1.00 48.90 ? 7   LYS C CG  1 
ATOM   762  C  CD  . LYS C 1 10 ? -5.787  -2.892  -12.347 1.00 50.18 ? 7   LYS C CD  1 
ATOM   763  C  CE  . LYS C 1 10 ? -7.240  -2.473  -12.500 1.00 56.71 ? 7   LYS C CE  1 
ATOM   764  N  NZ  . LYS C 1 10 ? -7.377  -1.401  -13.536 1.00 55.50 ? 7   LYS C NZ  1 
ATOM   765  N  N   . GLU C 1 11 ? -1.564  -6.209  -12.359 1.00 43.49 ? 8   GLU C N   1 
ATOM   766  C  CA  . GLU C 1 11 ? -0.109  -6.177  -12.436 1.00 38.79 ? 8   GLU C CA  1 
ATOM   767  C  C   . GLU C 1 11 ? 0.408   -6.971  -13.632 1.00 43.17 ? 8   GLU C C   1 
ATOM   768  O  O   . GLU C 1 11 ? 1.499   -6.702  -14.114 1.00 49.97 ? 8   GLU C O   1 
ATOM   769  C  CB  . GLU C 1 11 ? 0.524   -6.711  -11.154 1.00 40.17 ? 8   GLU C CB  1 
ATOM   770  C  CG  . GLU C 1 11 ? 0.125   -5.960  -9.887  1.00 52.76 ? 8   GLU C CG  1 
ATOM   771  C  CD  . GLU C 1 11 ? 0.582   -4.495  -9.884  1.00 58.08 ? 8   GLU C CD  1 
ATOM   772  O  OE1 . GLU C 1 11 ? 1.362   -4.100  -10.779 1.00 56.71 ? 8   GLU C OE1 1 
ATOM   773  O  OE2 . GLU C 1 11 ? 0.157   -3.739  -8.980  1.00 56.43 ? 8   GLU C OE2 1 
ATOM   774  N  N   . HIS C 1 12 ? -0.372  -7.940  -14.105 1.00 36.02 ? 9   HIS C N   1 
ATOM   775  C  CA  . HIS C 1 12 ? 0.036   -8.779  -15.220 1.00 33.59 ? 9   HIS C CA  1 
ATOM   776  C  C   . HIS C 1 12 ? -1.033  -8.813  -16.291 1.00 38.25 ? 9   HIS C C   1 
ATOM   777  O  O   . HIS C 1 12 ? -1.793  -9.774  -16.427 1.00 37.28 ? 9   HIS C O   1 
ATOM   778  C  CB  . HIS C 1 12 ? 0.401   -10.187 -14.730 1.00 27.55 ? 9   HIS C CB  1 
ATOM   779  C  CG  . HIS C 1 12 ? 1.531   -10.196 -13.753 1.00 32.40 ? 9   HIS C CG  1 
ATOM   780  N  ND1 . HIS C 1 12 ? 1.337   -10.254 -12.391 1.00 29.89 ? 9   HIS C ND1 1 
ATOM   781  C  CD2 . HIS C 1 12 ? 2.874   -10.126 -13.939 1.00 27.89 ? 9   HIS C CD2 1 
ATOM   782  C  CE1 . HIS C 1 12 ? 2.507   -10.238 -11.778 1.00 31.61 ? 9   HIS C CE1 1 
ATOM   783  N  NE2 . HIS C 1 12 ? 3.456   -10.161 -12.694 1.00 29.90 ? 9   HIS C NE2 1 
ATOM   784  N  N   . GLU C 1 13 ? -1.072  -7.739  -17.072 1.00 41.67 ? 10  GLU C N   1 
ATOM   785  C  CA  . GLU C 1 13 ? -2.145  -7.503  -18.017 1.00 39.43 ? 10  GLU C CA  1 
ATOM   786  C  C   . GLU C 1 13 ? -2.440  -8.636  -18.977 1.00 40.97 ? 10  GLU C C   1 
ATOM   787  O  O   . GLU C 1 13 ? -3.539  -8.720  -19.510 1.00 47.84 ? 10  GLU C O   1 
ATOM   788  C  CB  . GLU C 1 13 ? -1.862  -6.224  -18.779 1.00 48.11 ? 10  GLU C CB  1 
ATOM   789  C  CG  . GLU C 1 13 ? -1.868  -5.025  -17.871 1.00 48.60 ? 10  GLU C CG  1 
ATOM   790  C  CD  . GLU C 1 13 ? -1.620  -3.748  -18.634 1.00 62.97 ? 10  GLU C CD  1 
ATOM   791  O  OE1 . GLU C 1 13 ? -1.499  -3.831  -19.880 1.00 66.53 ? 10  GLU C OE1 1 
ATOM   792  O  OE2 . GLU C 1 13 ? -1.542  -2.678  -17.989 1.00 61.66 ? 10  GLU C OE2 1 
ATOM   793  N  N   . ASP C 1 14 ? -1.473  -9.515  -19.198 1.00 42.26 ? 11  ASP C N   1 
ATOM   794  C  CA  . ASP C 1 14 ? -1.678  -10.632 -20.116 1.00 41.08 ? 11  ASP C CA  1 
ATOM   795  C  C   . ASP C 1 14 ? -2.035  -11.926 -19.413 1.00 40.99 ? 11  ASP C C   1 
ATOM   796  O  O   . ASP C 1 14 ? -2.211  -12.963 -20.054 1.00 42.85 ? 11  ASP C O   1 
ATOM   797  C  CB  . ASP C 1 14 ? -0.432  -10.822 -20.977 1.00 45.96 ? 11  ASP C CB  1 
ATOM   798  C  CG  . ASP C 1 14 ? -0.209  -9.657  -21.907 1.00 56.98 ? 11  ASP C CG  1 
ATOM   799  O  OD1 . ASP C 1 14 ? -0.904  -9.604  -22.943 1.00 61.31 ? 11  ASP C OD1 1 
ATOM   800  O  OD2 . ASP C 1 14 ? 0.635   -8.785  -21.587 1.00 63.35 ? 11  ASP C OD2 1 
ATOM   801  N  N   . GLU C 1 15 ? -2.148  -11.861 -18.088 1.00 38.62 ? 12  GLU C N   1 
ATOM   802  C  CA  . GLU C 1 15 ? -2.488  -13.035 -17.298 1.00 35.06 ? 12  GLU C CA  1 
ATOM   803  C  C   . GLU C 1 15 ? -3.932  -12.996 -16.798 1.00 36.40 ? 12  GLU C C   1 
ATOM   804  O  O   . GLU C 1 15 ? -4.414  -11.969 -16.320 1.00 32.24 ? 12  GLU C O   1 
ATOM   805  C  CB  . GLU C 1 15 ? -1.550  -13.147 -16.100 1.00 35.33 ? 12  GLU C CB  1 
ATOM   806  C  CG  . GLU C 1 15 ? -0.098  -13.299 -16.485 1.00 39.37 ? 12  GLU C CG  1 
ATOM   807  C  CD  . GLU C 1 15 ? 0.201   -14.634 -17.168 1.00 42.58 ? 12  GLU C CD  1 
ATOM   808  O  OE1 . GLU C 1 15 ? -0.501  -15.645 -16.890 1.00 35.62 ? 12  GLU C OE1 1 
ATOM   809  O  OE2 . GLU C 1 15 ? 1.162   -14.672 -17.982 1.00 48.61 ? 12  GLU C OE2 1 
ATOM   810  N  N   . LYS C 1 16 ? -4.599  -14.130 -16.895 1.00 35.64 ? 13  LYS C N   1 
ATOM   811  C  CA  . LYS C 1 16 ? -5.936  -14.256 -16.355 1.00 38.21 ? 13  LYS C CA  1 
ATOM   812  C  C   . LYS C 1 16 ? -5.838  -14.409 -14.853 1.00 33.55 ? 13  LYS C C   1 
ATOM   813  O  O   . LYS C 1 16 ? -4.942  -15.083 -14.347 1.00 28.64 ? 13  LYS C O   1 
ATOM   814  C  CB  . LYS C 1 16 ? -6.604  -15.503 -16.907 1.00 35.84 ? 13  LYS C CB  1 
ATOM   815  C  CG  . LYS C 1 16 ? -7.046  -15.423 -18.371 1.00 44.81 ? 13  LYS C CG  1 
ATOM   816  C  CD  . LYS C 1 16 ? -7.560  -16.791 -18.840 1.00 47.97 ? 13  LYS C CD  1 
ATOM   817  C  CE  . LYS C 1 16 ? -8.058  -16.761 -20.295 1.00 45.42 ? 13  LYS C CE  1 
ATOM   818  N  NZ  . LYS C 1 16 ? -8.410  -18.144 -20.763 1.00 52.92 ? 13  LYS C NZ  1 
ATOM   819  N  N   . ILE C 1 17 ? -6.781  -13.812 -14.137 1.00 32.11 ? 14  ILE C N   1 
ATOM   820  C  CA  . ILE C 1 17 ? -6.932  -14.122 -12.739 1.00 27.18 ? 14  ILE C CA  1 
ATOM   821  C  C   . ILE C 1 17 ? -7.302  -15.602 -12.636 1.00 26.25 ? 14  ILE C C   1 
ATOM   822  O  O   . ILE C 1 17 ? -8.323  -16.043 -13.158 1.00 31.86 ? 14  ILE C O   1 
ATOM   823  C  CB  . ILE C 1 17 ? -7.974  -13.171 -12.078 1.00 27.83 ? 14  ILE C CB  1 
ATOM   824  C  CG1 . ILE C 1 17 ? -7.304  -11.805 -11.853 1.00 28.66 ? 14  ILE C CG1 1 
ATOM   825  C  CG2 . ILE C 1 17 ? -8.429  -13.723 -10.750 1.00 29.46 ? 14  ILE C CG2 1 
ATOM   826  C  CD1 . ILE C 1 17 ? -8.271  -10.668 -11.790 1.00 38.90 ? 14  ILE C CD1 1 
ATOM   827  N  N   . ASN C 1 18 ? -6.453  -16.377 -11.979 1.00 24.70 ? 15  ASN C N   1 
ATOM   828  C  CA  . ASN C 1 18 ? -6.536  -17.826 -12.102 1.00 28.69 ? 15  ASN C CA  1 
ATOM   829  C  C   . ASN C 1 18 ? -6.221  -18.550 -10.819 1.00 26.86 ? 15  ASN C C   1 
ATOM   830  O  O   . ASN C 1 18 ? -6.260  -19.777 -10.767 1.00 27.38 ? 15  ASN C O   1 
ATOM   831  C  CB  . ASN C 1 18 ? -5.622  -18.337 -13.252 1.00 28.52 ? 15  ASN C CB  1 
ATOM   832  C  CG  . ASN C 1 18 ? -4.128  -18.014 -13.035 1.00 29.65 ? 15  ASN C CG  1 
ATOM   833  O  OD1 . ASN C 1 18 ? -3.746  -17.394 -12.046 1.00 28.30 ? 15  ASN C OD1 1 
ATOM   834  N  ND2 . ASN C 1 18 ? -3.275  -18.462 -13.969 1.00 32.94 ? 15  ASN C ND2 1 
ATOM   835  N  N   . ILE C 1 19 ? -5.900  -17.807 -9.772  1.00 25.60 ? 16  ILE C N   1 
ATOM   836  C  CA  . ILE C 1 19 ? -5.645  -18.439 -8.488  1.00 20.45 ? 16  ILE C CA  1 
ATOM   837  C  C   . ILE C 1 19 ? -6.309  -17.643 -7.370  1.00 24.76 ? 16  ILE C C   1 
ATOM   838  O  O   . ILE C 1 19 ? -6.750  -16.514 -7.564  1.00 22.41 ? 16  ILE C O   1 
ATOM   839  C  CB  . ILE C 1 19 ? -4.151  -18.601 -8.173  1.00 27.26 ? 16  ILE C CB  1 
ATOM   840  C  CG1 . ILE C 1 19 ? -3.442  -17.243 -8.095  1.00 24.03 ? 16  ILE C CG1 1 
ATOM   841  C  CG2 . ILE C 1 19 ? -3.470  -19.511 -9.196  1.00 26.72 ? 16  ILE C CG2 1 
ATOM   842  C  CD1 . ILE C 1 19 ? -2.134  -17.315 -7.394  1.00 25.67 ? 16  ILE C CD1 1 
ATOM   843  N  N   . TYR C 1 20 ? -6.372  -18.250 -6.203  1.00 22.43 ? 17  TYR C N   1 
ATOM   844  C  CA  . TYR C 1 20 ? -6.913  -17.558 -5.042  1.00 25.20 ? 17  TYR C CA  1 
ATOM   845  C  C   . TYR C 1 20 ? -5.856  -17.489 -3.970  1.00 28.84 ? 17  TYR C C   1 
ATOM   846  O  O   . TYR C 1 20 ? -5.252  -18.516 -3.606  1.00 27.80 ? 17  TYR C O   1 
ATOM   847  C  CB  . TYR C 1 20 ? -8.178  -18.275 -4.536  1.00 26.91 ? 17  TYR C CB  1 
ATOM   848  C  CG  . TYR C 1 20 ? -8.880  -17.511 -3.436  1.00 29.29 ? 17  TYR C CG  1 
ATOM   849  C  CD1 . TYR C 1 20 ? -9.602  -16.357 -3.723  1.00 27.96 ? 17  TYR C CD1 1 
ATOM   850  C  CD2 . TYR C 1 20 ? -8.806  -17.933 -2.115  1.00 34.50 ? 17  TYR C CD2 1 
ATOM   851  C  CE1 . TYR C 1 20 ? -10.248 -15.638 -2.707  1.00 32.78 ? 17  TYR C CE1 1 
ATOM   852  C  CE2 . TYR C 1 20 ? -9.448  -17.225 -1.095  1.00 32.21 ? 17  TYR C CE2 1 
ATOM   853  C  CZ  . TYR C 1 20 ? -10.161 -16.084 -1.401  1.00 37.35 ? 17  TYR C CZ  1 
ATOM   854  O  OH  . TYR C 1 20 ? -10.798 -15.373 -0.402  1.00 42.58 ? 17  TYR C OH  1 
ATOM   855  N  N   . CYS C 1 21 ? -5.586  -16.283 -3.471  1.00 25.33 ? 18  CYS C N   1 
ATOM   856  C  CA  . CYS C 1 21 ? -4.684  -16.167 -2.343  1.00 27.28 ? 18  CYS C CA  1 
ATOM   857  C  C   . CYS C 1 21 ? -5.426  -16.381 -1.029  1.00 34.88 ? 18  CYS C C   1 
ATOM   858  O  O   . CYS C 1 21 ? -6.269  -15.576 -0.652  1.00 31.64 ? 18  CYS C O   1 
ATOM   859  C  CB  . CYS C 1 21 ? -3.989  -14.825 -2.304  1.00 27.99 ? 18  CYS C CB  1 
ATOM   860  S  SG  . CYS C 1 21 ? -2.701  -14.768 -1.008  1.00 32.89 ? 18  CYS C SG  1 
ATOM   861  N  N   . LEU C 1 22 ? -5.075  -17.454 -0.335  1.00 35.00 ? 19  LEU C N   1 
ATOM   862  C  CA  . LEU C 1 22 ? -5.707  -17.820 0.923   1.00 36.72 ? 19  LEU C CA  1 
ATOM   863  C  C   . LEU C 1 22 ? -5.181  -16.934 2.042   1.00 39.92 ? 19  LEU C C   1 
ATOM   864  O  O   . LEU C 1 22 ? -5.896  -16.625 2.991   1.00 45.02 ? 19  LEU C O   1 
ATOM   865  C  CB  . LEU C 1 22 ? -5.431  -19.294 1.230   1.00 35.17 ? 19  LEU C CB  1 
ATOM   866  C  CG  . LEU C 1 22 ? -5.927  -20.279 0.166   1.00 38.29 ? 19  LEU C CG  1 
ATOM   867  C  CD1 . LEU C 1 22 ? -5.232  -21.620 0.258   1.00 47.12 ? 19  LEU C CD1 1 
ATOM   868  C  CD2 . LEU C 1 22 ? -7.430  -20.453 0.293   1.00 41.74 ? 19  LEU C CD2 1 
ATOM   869  N  N   . THR C 1 23 ? -3.924  -16.522 1.925   1.00 37.96 ? 20  THR C N   1 
ATOM   870  C  CA  . THR C 1 23 ? -3.326  -15.640 2.903   1.00 38.48 ? 20  THR C CA  1 
ATOM   871  C  C   . THR C 1 23 ? -4.004  -14.283 2.862   1.00 45.23 ? 20  THR C C   1 
ATOM   872  O  O   . THR C 1 23 ? -4.359  -13.730 3.895   1.00 48.10 ? 20  THR C O   1 
ATOM   873  C  CB  . THR C 1 23 ? -1.809  -15.478 2.662   1.00 38.69 ? 20  THR C CB  1 
ATOM   874  O  OG1 . THR C 1 23 ? -1.199  -16.777 2.655   1.00 42.33 ? 20  THR C OG1 1 
ATOM   875  C  CG2 . THR C 1 23 ? -1.170  -14.633 3.759   1.00 42.80 ? 20  THR C CG2 1 
ATOM   876  N  N   . CYS C 1 24 ? -4.195  -13.758 1.657   1.00 39.64 ? 21  CYS C N   1 
ATOM   877  C  CA  . CYS C 1 24 ? -4.735  -12.417 1.476   1.00 37.61 ? 21  CYS C CA  1 
ATOM   878  C  C   . CYS C 1 24 ? -6.236  -12.427 1.242   1.00 35.94 ? 21  CYS C C   1 
ATOM   879  O  O   . CYS C 1 24 ? -6.864  -11.376 1.244   1.00 40.43 ? 21  CYS C O   1 
ATOM   880  C  CB  . CYS C 1 24 ? -4.055  -11.743 0.285   1.00 31.55 ? 21  CYS C CB  1 
ATOM   881  S  SG  . CYS C 1 24 ? -2.325  -11.314 0.554   1.00 33.16 ? 21  CYS C SG  1 
ATOM   882  N  N   . GLU C 1 25 ? -6.803  -13.610 1.024   1.00 33.07 ? 22  GLU C N   1 
ATOM   883  C  CA  . GLU C 1 25 ? -8.220  -13.747 0.707   1.00 35.78 ? 22  GLU C CA  1 
ATOM   884  C  C   . GLU C 1 25 ? -8.644  -12.914 -0.496  1.00 39.00 ? 22  GLU C C   1 
ATOM   885  O  O   . GLU C 1 25 ? -9.610  -12.147 -0.426  1.00 36.79 ? 22  GLU C O   1 
ATOM   886  C  CB  . GLU C 1 25 ? -9.074  -13.349 1.921   1.00 45.29 ? 22  GLU C CB  1 
ATOM   887  C  CG  . GLU C 1 25 ? -8.793  -14.170 3.174   1.00 43.73 ? 22  GLU C CG  1 
ATOM   888  C  CD  . GLU C 1 25 ? -9.229  -15.628 3.048   1.00 52.91 ? 22  GLU C CD  1 
ATOM   889  O  OE1 . GLU C 1 25 ? -10.067 -15.942 2.172   1.00 52.39 ? 22  GLU C OE1 1 
ATOM   890  O  OE2 . GLU C 1 25 ? -8.733  -16.471 3.835   1.00 65.31 ? 22  GLU C OE2 1 
ATOM   891  N  N   . VAL C 1 26 ? -7.931  -13.058 -1.609  1.00 32.17 ? 23  VAL C N   1 
ATOM   892  C  CA  . VAL C 1 26 ? -8.286  -12.339 -2.820  1.00 26.70 ? 23  VAL C CA  1 
ATOM   893  C  C   . VAL C 1 26 ? -7.948  -13.220 -4.022  1.00 27.95 ? 23  VAL C C   1 
ATOM   894  O  O   . VAL C 1 26 ? -6.988  -13.997 -3.970  1.00 27.15 ? 23  VAL C O   1 
ATOM   895  C  CB  . VAL C 1 26 ? -7.527  -11.000 -2.966  1.00 32.33 ? 23  VAL C CB  1 
ATOM   896  C  CG1 . VAL C 1 26 ? -7.845  -10.075 -1.828  1.00 40.16 ? 23  VAL C CG1 1 
ATOM   897  C  CG2 . VAL C 1 26 ? -6.005  -11.228 -3.037  1.00 31.78 ? 23  VAL C CG2 1 
ATOM   898  N  N   . PRO C 1 27 ? -8.757  -13.135 -5.079  1.00 27.61 ? 24  PRO C N   1 
ATOM   899  C  CA  . PRO C 1 27 ? -8.358  -13.788 -6.325  1.00 26.69 ? 24  PRO C CA  1 
ATOM   900  C  C   . PRO C 1 27 ? -7.190  -13.004 -6.893  1.00 25.10 ? 24  PRO C C   1 
ATOM   901  O  O   . PRO C 1 27 ? -7.103  -11.780 -6.721  1.00 26.11 ? 24  PRO C O   1 
ATOM   902  C  CB  . PRO C 1 27 ? -9.571  -13.594 -7.220  1.00 25.85 ? 24  PRO C CB  1 
ATOM   903  C  CG  . PRO C 1 27 ? -10.246 -12.328 -6.636  1.00 24.27 ? 24  PRO C CG  1 
ATOM   904  C  CD  . PRO C 1 27 ? -10.116 -12.570 -5.182  1.00 26.41 ? 24  PRO C CD  1 
ATOM   905  N  N   . THR C 1 28 ? -6.277  -13.697 -7.565  1.00 26.46 ? 25  THR C N   1 
ATOM   906  C  CA  . THR C 1 28 ? -5.099  -13.028 -8.118  1.00 22.28 ? 25  THR C CA  1 
ATOM   907  C  C   . THR C 1 28 ? -4.553  -13.911 -9.266  1.00 22.77 ? 25  THR C C   1 
ATOM   908  O  O   . THR C 1 28 ? -5.256  -14.785 -9.729  1.00 21.34 ? 25  THR C O   1 
ATOM   909  C  CB  . THR C 1 28 ? -4.065  -12.774 -7.016  1.00 23.75 ? 25  THR C CB  1 
ATOM   910  O  OG1 . THR C 1 28 ? -2.954  -12.056 -7.565  1.00 24.50 ? 25  THR C OG1 1 
ATOM   911  C  CG2 . THR C 1 28 ? -3.583  -14.086 -6.390  1.00 23.71 ? 25  THR C CG2 1 
ATOM   912  N  N   . CYS C 1 29 ? -3.327  -13.695 -9.724  1.00 26.49 ? 26  CYS C N   1 
ATOM   913  C  CA  . CYS C 1 29 ? -2.847  -14.492 -10.849 1.00 23.59 ? 26  CYS C CA  1 
ATOM   914  C  C   . CYS C 1 29 ? -1.583  -15.240 -10.480 1.00 21.84 ? 26  CYS C C   1 
ATOM   915  O  O   . CYS C 1 29 ? -0.881  -14.888 -9.534  1.00 19.59 ? 26  CYS C O   1 
ATOM   916  C  CB  . CYS C 1 29 ? -2.651  -13.653 -12.118 1.00 24.08 ? 26  CYS C CB  1 
ATOM   917  S  SG  . CYS C 1 29 ? -0.963  -12.928 -12.359 1.00 26.05 ? 26  CYS C SG  1 
ATOM   918  N  N   . SER C 1 30 ? -1.288  -16.295 -11.228 1.00 21.55 ? 27  SER C N   1 
ATOM   919  C  CA  . SER C 1 30 ? -0.155  -17.119 -10.863 1.00 20.98 ? 27  SER C CA  1 
ATOM   920  C  C   . SER C 1 30 ? 1.169   -16.355 -10.992 1.00 18.32 ? 27  SER C C   1 
ATOM   921  O  O   . SER C 1 30 ? 2.128   -16.678 -10.293 1.00 23.85 ? 27  SER C O   1 
ATOM   922  C  CB  . SER C 1 30 ? -0.145  -18.401 -11.713 1.00 21.72 ? 27  SER C CB  1 
ATOM   923  O  OG  . SER C 1 30 ? -0.142  -18.024 -13.066 1.00 25.06 ? 27  SER C OG  1 
ATOM   924  N  N   . MET C 1 31 ? 1.227   -15.339 -11.856 1.00 20.77 ? 28  MET C N   1 
ATOM   925  C  CA  . MET C 1 31 ? 2.450   -14.534 -11.962 1.00 25.90 ? 28  MET C CA  1 
ATOM   926  C  C   . MET C 1 31 ? 2.685   -13.675 -10.714 1.00 26.25 ? 28  MET C C   1 
ATOM   927  O  O   . MET C 1 31 ? 3.823   -13.432 -10.327 1.00 24.47 ? 28  MET C O   1 
ATOM   928  C  CB  . MET C 1 31 ? 2.496   -13.700 -13.246 1.00 27.18 ? 28  MET C CB  1 
ATOM   929  C  CG  . MET C 1 31 ? 2.602   -14.555 -14.526 1.00 28.02 ? 28  MET C CG  1 
ATOM   930  S  SD  . MET C 1 31 ? 4.202   -15.370 -14.633 1.00 30.08 ? 28  MET C SD  1 
ATOM   931  C  CE  . MET C 1 31 ? 5.102   -14.123 -15.567 1.00 40.26 ? 28  MET C CE  1 
ATOM   932  N  N   . CYS C 1 32 ? 1.611   -13.242 -10.063 1.00 25.86 ? 29  CYS C N   1 
ATOM   933  C  CA  . CYS C 1 32 ? 1.747   -12.575 -8.768  1.00 24.61 ? 29  CYS C CA  1 
ATOM   934  C  C   . CYS C 1 32 ? 2.299   -13.495 -7.697  1.00 25.56 ? 29  CYS C C   1 
ATOM   935  O  O   . CYS C 1 32 ? 2.993   -13.028 -6.776  1.00 29.79 ? 29  CYS C O   1 
ATOM   936  C  CB  . CYS C 1 32 ? 0.412   -11.968 -8.314  1.00 27.20 ? 29  CYS C CB  1 
ATOM   937  S  SG  . CYS C 1 32 ? -0.014  -10.486 -9.297  1.00 30.11 ? 29  CYS C SG  1 
ATOM   938  N  N   . LYS C 1 33 ? 1.998   -14.793 -7.802  1.00 20.61 ? 30  LYS C N   1 
ATOM   939  C  CA  . LYS C 1 33 ? 2.531   -15.782 -6.873  1.00 24.01 ? 30  LYS C CA  1 
ATOM   940  C  C   . LYS C 1 33 ? 3.982   -16.124 -7.216  1.00 24.41 ? 30  LYS C C   1 
ATOM   941  O  O   . LYS C 1 33 ? 4.839   -16.232 -6.335  1.00 27.63 ? 30  LYS C O   1 
ATOM   942  C  CB  . LYS C 1 33 ? 1.663   -17.050 -6.845  1.00 21.86 ? 30  LYS C CB  1 
ATOM   943  C  CG  . LYS C 1 33 ? 2.266   -18.231 -6.062  1.00 24.31 ? 30  LYS C CG  1 
ATOM   944  C  CD  . LYS C 1 33 ? 2.488   -17.961 -4.563  1.00 25.69 ? 30  LYS C CD  1 
ATOM   945  C  CE  . LYS C 1 33 ? 3.022   -19.226 -3.882  1.00 29.76 ? 30  LYS C CE  1 
ATOM   946  N  NZ  . LYS C 1 33 ? 3.873   -18.936 -2.693  1.00 37.48 ? 30  LYS C NZ  1 
ATOM   947  N  N   . VAL C 1 34 ? 4.277   -16.300 -8.494  1.00 23.09 ? 31  VAL C N   1 
ATOM   948  C  CA  . VAL C 1 34 ? 5.641   -16.689 -8.824  1.00 26.86 ? 31  VAL C CA  1 
ATOM   949  C  C   . VAL C 1 34 ? 6.660   -15.564 -8.585  1.00 28.29 ? 31  VAL C C   1 
ATOM   950  O  O   . VAL C 1 34 ? 7.719   -15.779 -7.979  1.00 28.98 ? 31  VAL C O   1 
ATOM   951  C  CB  . VAL C 1 34 ? 5.751   -17.208 -10.259 1.00 29.25 ? 31  VAL C CB  1 
ATOM   952  C  CG1 . VAL C 1 34 ? 7.205   -17.512 -10.555 1.00 26.87 ? 31  VAL C CG1 1 
ATOM   953  C  CG2 . VAL C 1 34 ? 4.879   -18.483 -10.419 1.00 24.58 ? 31  VAL C CG2 1 
ATOM   954  N  N   . PHE C 1 35 ? 6.321   -14.368 -9.054  1.00 26.85 ? 32  PHE C N   1 
ATOM   955  C  CA  . PHE C 1 35 ? 7.263   -13.255 -9.071  1.00 26.88 ? 32  PHE C CA  1 
ATOM   956  C  C   . PHE C 1 35 ? 6.818   -12.048 -8.237  1.00 37.79 ? 32  PHE C C   1 
ATOM   957  O  O   . PHE C 1 35 ? 7.649   -11.216 -7.881  1.00 32.71 ? 32  PHE C O   1 
ATOM   958  C  CB  . PHE C 1 35 ? 7.436   -12.777 -10.506 1.00 30.16 ? 32  PHE C CB  1 
ATOM   959  C  CG  . PHE C 1 35 ? 7.976   -13.821 -11.423 1.00 32.68 ? 32  PHE C CG  1 
ATOM   960  C  CD1 . PHE C 1 35 ? 9.287   -14.262 -11.282 1.00 34.30 ? 32  PHE C CD1 1 
ATOM   961  C  CD2 . PHE C 1 35 ? 7.178   -14.365 -12.429 1.00 27.54 ? 32  PHE C CD2 1 
ATOM   962  C  CE1 . PHE C 1 35 ? 9.795   -15.250 -12.131 1.00 29.98 ? 32  PHE C CE1 1 
ATOM   963  C  CE2 . PHE C 1 35 ? 7.680   -15.345 -13.282 1.00 29.63 ? 32  PHE C CE2 1 
ATOM   964  C  CZ  . PHE C 1 35 ? 8.996   -15.779 -13.129 1.00 29.28 ? 32  PHE C CZ  1 
ATOM   965  N  N   . GLY C 1 36 ? 5.524   -11.943 -7.939  1.00 30.08 ? 33  GLY C N   1 
ATOM   966  C  CA  . GLY C 1 36 ? 4.985   -10.678 -7.455  1.00 30.59 ? 33  GLY C CA  1 
ATOM   967  C  C   . GLY C 1 36 ? 4.596   -10.604 -5.990  1.00 31.55 ? 33  GLY C C   1 
ATOM   968  O  O   . GLY C 1 36 ? 5.185   -11.269 -5.140  1.00 32.24 ? 33  GLY C O   1 
ATOM   969  N  N   . ILE C 1 37 ? 3.571   -9.808  -5.694  1.00 31.94 ? 34  ILE C N   1 
ATOM   970  C  CA  . ILE C 1 37 ? 3.236   -9.487  -4.304  1.00 32.80 ? 34  ILE C CA  1 
ATOM   971  C  C   . ILE C 1 37 ? 2.715   -10.663 -3.485  1.00 35.06 ? 34  ILE C C   1 
ATOM   972  O  O   . ILE C 1 37 ? 2.731   -10.629 -2.248  1.00 33.87 ? 34  ILE C O   1 
ATOM   973  C  CB  . ILE C 1 37 ? 2.295   -8.254  -4.202  1.00 37.73 ? 34  ILE C CB  1 
ATOM   974  C  CG1 . ILE C 1 37 ? 0.953   -8.551  -4.876  1.00 36.24 ? 34  ILE C CG1 1 
ATOM   975  C  CG2 . ILE C 1 37 ? 2.952   -7.034  -4.840  1.00 37.73 ? 34  ILE C CG2 1 
ATOM   976  C  CD1 . ILE C 1 37 ? -0.091  -7.464  -4.711  1.00 37.81 ? 34  ILE C CD1 1 
ATOM   977  N  N   . HIS C 1 38 ? 2.300   -11.744 -4.145  1.00 30.99 ? 35  HIS C N   1 
ATOM   978  C  CA  . HIS C 1 38 ? 1.807   -12.891 -3.388  1.00 28.63 ? 35  HIS C CA  1 
ATOM   979  C  C   . HIS C 1 38 ? 2.826   -14.041 -3.272  1.00 27.70 ? 35  HIS C C   1 
ATOM   980  O  O   . HIS C 1 38 ? 2.480   -15.169 -2.939  1.00 30.32 ? 35  HIS C O   1 
ATOM   981  C  CB  . HIS C 1 38 ? 0.483   -13.396 -3.975  1.00 32.34 ? 35  HIS C CB  1 
ATOM   982  C  CG  . HIS C 1 38 ? -0.628  -12.383 -3.933  1.00 29.29 ? 35  HIS C CG  1 
ATOM   983  N  ND1 . HIS C 1 38 ? -1.314  -12.075 -2.777  1.00 28.97 ? 35  HIS C ND1 1 
ATOM   984  C  CD2 . HIS C 1 38 ? -1.164  -11.611 -4.907  1.00 29.20 ? 35  HIS C CD2 1 
ATOM   985  C  CE1 . HIS C 1 38 ? -2.232  -11.160 -3.043  1.00 33.65 ? 35  HIS C CE1 1 
ATOM   986  N  NE2 . HIS C 1 38 ? -2.163  -10.862 -4.327  1.00 31.52 ? 35  HIS C NE2 1 
ATOM   987  N  N   . LYS C 1 39 ? 4.085   -13.727 -3.514  1.00 32.26 ? 36  LYS C N   1 
ATOM   988  C  CA  . LYS C 1 39 ? 5.138   -14.737 -3.562  1.00 29.85 ? 36  LYS C CA  1 
ATOM   989  C  C   . LYS C 1 39 ? 5.238   -15.563 -2.275  1.00 35.19 ? 36  LYS C C   1 
ATOM   990  O  O   . LYS C 1 39 ? 5.448   -16.779 -2.318  1.00 37.82 ? 36  LYS C O   1 
ATOM   991  C  CB  . LYS C 1 39 ? 6.472   -14.069 -3.910  1.00 32.86 ? 36  LYS C CB  1 
ATOM   992  C  CG  . LYS C 1 39 ? 7.612   -15.039 -4.152  1.00 36.22 ? 36  LYS C CG  1 
ATOM   993  C  CD  . LYS C 1 39 ? 8.780   -14.315 -4.803  1.00 43.80 ? 36  LYS C CD  1 
ATOM   994  C  CE  . LYS C 1 39 ? 9.967   -15.266 -4.979  1.00 52.43 ? 36  LYS C CE  1 
ATOM   995  N  NZ  . LYS C 1 39 ? 11.028  -14.680 -5.857  1.00 55.99 ? 36  LYS C NZ  1 
ATOM   996  N  N   . ALA C 1 40 ? 5.062   -14.918 -1.129  1.00 36.78 ? 37  ALA C N   1 
ATOM   997  C  CA  . ALA C 1 40 ? 5.149   -15.622 0.146   1.00 35.16 ? 37  ALA C CA  1 
ATOM   998  C  C   . ALA C 1 40 ? 3.863   -16.322 0.568   1.00 41.55 ? 37  ALA C C   1 
ATOM   999  O  O   . ALA C 1 40 ? 3.857   -17.068 1.549   1.00 43.09 ? 37  ALA C O   1 
ATOM   1000 C  CB  . ALA C 1 40 ? 5.634   -14.671 1.255   1.00 42.67 ? 37  ALA C CB  1 
ATOM   1001 N  N   . CYS C 1 41 ? 2.783   -16.110 -0.178  1.00 35.95 ? 38  CYS C N   1 
ATOM   1002 C  CA  . CYS C 1 41 ? 1.463   -16.505 0.296   1.00 33.57 ? 38  CYS C CA  1 
ATOM   1003 C  C   . CYS C 1 41 ? 1.130   -17.965 0.076   1.00 38.76 ? 38  CYS C C   1 
ATOM   1004 O  O   . CYS C 1 41 ? 1.789   -18.654 -0.697  1.00 39.59 ? 38  CYS C O   1 
ATOM   1005 C  CB  . CYS C 1 41 ? 0.385   -15.592 -0.319  1.00 32.67 ? 38  CYS C CB  1 
ATOM   1006 S  SG  . CYS C 1 41 ? 0.669   -13.820 -0.023  1.00 36.50 ? 38  CYS C SG  1 
ATOM   1007 N  N   . GLU C 1 42 ? 0.114   -18.445 0.794   1.00 39.06 ? 39  GLU C N   1 
ATOM   1008 C  CA  . GLU C 1 42 ? -0.508  -19.712 0.482   1.00 36.30 ? 39  GLU C CA  1 
ATOM   1009 C  C   . GLU C 1 42 ? -1.592  -19.452 -0.540  1.00 36.72 ? 39  GLU C C   1 
ATOM   1010 O  O   . GLU C 1 42 ? -2.452  -18.586 -0.325  1.00 35.04 ? 39  GLU C O   1 
ATOM   1011 C  CB  . GLU C 1 42 ? -1.125  -20.349 1.731   1.00 38.38 ? 39  GLU C CB  1 
ATOM   1012 C  CG  . GLU C 1 42 ? -1.764  -21.707 1.455   1.00 47.47 ? 39  GLU C CG  1 
ATOM   1013 C  CD  . GLU C 1 42 ? -2.447  -22.314 2.685   1.00 56.67 ? 39  GLU C CD  1 
ATOM   1014 O  OE1 . GLU C 1 42 ? -2.457  -21.652 3.745   1.00 61.38 ? 39  GLU C OE1 1 
ATOM   1015 O  OE2 . GLU C 1 42 ? -2.980  -23.448 2.585   1.00 61.37 ? 39  GLU C OE2 1 
ATOM   1016 N  N   . VAL C 1 43 ? -1.565  -20.202 -1.642  1.00 33.45 ? 40  VAL C N   1 
ATOM   1017 C  CA  . VAL C 1 43 ? -2.516  -19.997 -2.729  1.00 27.83 ? 40  VAL C CA  1 
ATOM   1018 C  C   . VAL C 1 43 ? -3.141  -21.293 -3.213  1.00 30.82 ? 40  VAL C C   1 
ATOM   1019 O  O   . VAL C 1 43 ? -2.638  -22.393 -2.948  1.00 36.80 ? 40  VAL C O   1 
ATOM   1020 C  CB  . VAL C 1 43 ? -1.886  -19.231 -3.958  1.00 27.65 ? 40  VAL C CB  1 
ATOM   1021 C  CG1 . VAL C 1 43 ? -1.311  -17.889 -3.539  1.00 26.29 ? 40  VAL C CG1 1 
ATOM   1022 C  CG2 . VAL C 1 43 ? -0.810  -20.097 -4.674  1.00 26.82 ? 40  VAL C CG2 1 
ATOM   1023 N  N   . ALA C 1 44 ? -4.225  -21.161 -3.956  1.00 25.58 ? 41  ALA C N   1 
ATOM   1024 C  CA  . ALA C 1 44 ? -4.936  -22.328 -4.448  1.00 30.13 ? 41  ALA C CA  1 
ATOM   1025 C  C   . ALA C 1 44 ? -5.482  -22.033 -5.828  1.00 27.84 ? 41  ALA C C   1 
ATOM   1026 O  O   . ALA C 1 44 ? -5.690  -20.880 -6.172  1.00 28.32 ? 41  ALA C O   1 
ATOM   1027 C  CB  . ALA C 1 44 ? -6.055  -22.697 -3.495  1.00 35.86 ? 41  ALA C CB  1 
ATOM   1028 N  N   . PRO C 1 45 ? -5.707  -23.076 -6.636  1.00 30.42 ? 42  PRO C N   1 
ATOM   1029 C  CA  . PRO C 1 45 ? -6.264  -22.863 -7.973  1.00 29.28 ? 42  PRO C CA  1 
ATOM   1030 C  C   . PRO C 1 45 ? -7.739  -22.505 -7.849  1.00 31.53 ? 42  PRO C C   1 
ATOM   1031 O  O   . PRO C 1 45 ? -8.386  -22.900 -6.884  1.00 34.71 ? 42  PRO C O   1 
ATOM   1032 C  CB  . PRO C 1 45 ? -6.136  -24.247 -8.638  1.00 37.02 ? 42  PRO C CB  1 
ATOM   1033 C  CG  . PRO C 1 45 ? -5.338  -25.102 -7.679  1.00 37.63 ? 42  PRO C CG  1 
ATOM   1034 C  CD  . PRO C 1 45 ? -5.554  -24.507 -6.328  1.00 36.66 ? 42  PRO C CD  1 
ATOM   1035 N  N   . LEU C 1 46 ? -8.262  -21.757 -8.802  1.00 33.27 ? 43  LEU C N   1 
ATOM   1036 C  CA  . LEU C 1 46 ? -9.692  -21.489 -8.840  1.00 38.22 ? 43  LEU C CA  1 
ATOM   1037 C  C   . LEU C 1 46 ? -10.408 -22.727 -9.355  1.00 50.07 ? 43  LEU C C   1 
ATOM   1038 O  O   . LEU C 1 46 ? -11.530 -23.029 -8.924  1.00 54.20 ? 43  LEU C O   1 
ATOM   1039 C  CB  . LEU C 1 46 ? -9.989  -20.316 -9.761  1.00 35.33 ? 43  LEU C CB  1 
ATOM   1040 C  CG  . LEU C 1 46 ? -9.432  -18.977 -9.312  1.00 32.48 ? 43  LEU C CG  1 
ATOM   1041 C  CD1 . LEU C 1 46 ? -9.920  -17.902 -10.261 1.00 36.68 ? 43  LEU C CD1 1 
ATOM   1042 C  CD2 . LEU C 1 46 ? -9.878  -18.708 -7.900  1.00 33.98 ? 43  LEU C CD2 1 
ATOM   1043 N  N   . GLN C 1 47 ? -9.733  -23.419 -10.278 1.00 47.51 ? 44  GLN C N   1 
ATOM   1044 C  CA  . GLN C 1 47 ? -10.211 -24.631 -10.987 1.00 54.69 ? 44  GLN C CA  1 
ATOM   1045 C  C   . GLN C 1 47 ? -10.604 -24.357 -12.444 1.00 59.97 ? 44  GLN C C   1 
ATOM   1046 O  O   . GLN C 1 47 ? -11.118 -25.241 -13.142 1.00 64.65 ? 44  GLN C O   1 
ATOM   1047 C  CB  . GLN C 1 47 ? -11.339 -25.374 -10.249 1.00 53.74 ? 44  GLN C CB  1 
ATOM   1048 C  CG  . GLN C 1 47 ? -10.981 -25.895 -8.850  1.00 58.31 ? 44  GLN C CG  1 
ATOM   1049 C  CD  . GLN C 1 47 ? -9.602  -26.541 -8.777  1.00 58.87 ? 44  GLN C CD  1 
ATOM   1050 O  OE1 . GLN C 1 47 ? -8.848  -26.543 -9.752  1.00 58.29 ? 44  GLN C OE1 1 
ATOM   1051 N  NE2 . GLN C 1 47 ? -9.263  -27.085 -7.607  1.00 61.47 ? 44  GLN C NE2 1 
HETATM 1052 ZN ZN  . ZN  D 2 .  ? -6.127  7.987   6.609   1.00 27.82 ? 46  ZN  A ZN  1 
HETATM 1053 ZN ZN  . ZN  E 2 .  ? -11.483 3.155   -1.584  1.00 21.78 ? 47  ZN  A ZN  1 
HETATM 1054 ZN ZN  . ZN  F 2 .  ? 8.864   5.342   1.666   1.00 28.33 ? 46  ZN  B ZN  1 
HETATM 1055 ZN ZN  . ZN  G 2 .  ? 9.563   -5.221  3.947   1.00 35.19 ? 47  ZN  B ZN  1 
HETATM 1056 ZN ZN  . ZN  H 2 .  ? -1.371  -13.045 -0.946  1.00 33.13 ? 46  ZN  C ZN  1 
HETATM 1057 ZN ZN  . ZN  I 2 .  ? -0.585  -10.820 -11.429 1.00 29.10 ? 47  ZN  C ZN  1 
HETATM 1058 O  O   . HOH J 3 .  ? -8.481  -2.927  6.607   1.00 42.58 ? 48  HOH A O   1 
HETATM 1059 O  O   . HOH J 3 .  ? 5.264   16.231  6.552   1.00 49.73 ? 49  HOH A O   1 
HETATM 1060 O  O   . HOH J 3 .  ? -10.935 -0.507  8.050   1.00 51.98 ? 50  HOH A O   1 
HETATM 1061 O  O   . HOH J 3 .  ? -12.474 -1.822  6.429   1.00 47.43 ? 51  HOH A O   1 
HETATM 1062 O  O   . HOH J 3 .  ? 1.209   11.327  4.630   1.00 42.44 ? 52  HOH A O   1 
HETATM 1063 O  O   . HOH J 3 .  ? -0.242  8.285   10.859  1.00 40.51 ? 53  HOH A O   1 
HETATM 1064 O  O   . HOH J 3 .  ? 1.141   11.878  -3.197  1.00 27.53 ? 54  HOH A O   1 
HETATM 1065 O  O   . HOH J 3 .  ? -11.400 -0.078  -8.661  1.00 33.59 ? 55  HOH A O   1 
HETATM 1066 O  O   . HOH J 3 .  ? -11.356 -1.531  1.217   1.00 27.22 ? 56  HOH A O   1 
HETATM 1067 O  O   . HOH J 3 .  ? -10.564 10.037  2.500   1.00 26.16 ? 57  HOH A O   1 
HETATM 1068 O  O   . HOH J 3 .  ? -2.111  9.858   12.080  1.00 27.82 ? 58  HOH A O   1 
HETATM 1069 O  O   . HOH J 3 .  ? -3.602  0.206   -6.250  1.00 33.97 ? 59  HOH A O   1 
HETATM 1070 O  O   . HOH J 3 .  ? -8.888  11.043  4.148   1.00 35.97 ? 60  HOH A O   1 
HETATM 1071 O  O   . HOH J 3 .  ? -12.215 8.056   2.833   1.00 28.29 ? 61  HOH A O   1 
HETATM 1072 O  O   . HOH J 3 .  ? -9.507  4.106   7.184   1.00 31.80 ? 62  HOH A O   1 
HETATM 1073 O  O   . HOH J 3 .  ? -10.281 12.785  5.536   1.00 27.01 ? 63  HOH A O   1 
HETATM 1074 O  O   . HOH J 3 .  ? -11.954 -3.109  -4.401  1.00 35.36 ? 64  HOH A O   1 
HETATM 1075 O  O   . HOH J 3 .  ? 3.731   10.864  -3.292  1.00 40.62 ? 65  HOH A O   1 
HETATM 1076 O  O   . HOH J 3 .  ? -3.954  27.428  3.953   1.00 48.23 ? 66  HOH A O   1 
HETATM 1077 O  O   . HOH J 3 .  ? 1.410   16.056  12.295  1.00 41.19 ? 67  HOH A O   1 
HETATM 1078 O  O   . HOH J 3 .  ? -3.886  14.269  -8.412  1.00 35.64 ? 68  HOH A O   1 
HETATM 1079 O  O   . HOH J 3 .  ? -3.329  -1.504  -4.314  1.00 38.45 ? 69  HOH A O   1 
HETATM 1080 O  O   . HOH J 3 .  ? -4.022  10.433  -8.787  1.00 38.69 ? 70  HOH A O   1 
HETATM 1081 O  O   . HOH J 3 .  ? -6.789  19.234  7.396   1.00 33.19 ? 71  HOH A O   1 
HETATM 1082 O  O   . HOH J 3 .  ? -0.224  15.409  -9.655  1.00 40.55 ? 72  HOH A O   1 
HETATM 1083 O  O   . HOH J 3 .  ? -5.955  22.811  4.327   1.00 39.96 ? 73  HOH A O   1 
HETATM 1084 O  O   . HOH J 3 .  ? -13.156 -1.370  -2.499  1.00 34.92 ? 74  HOH A O   1 
HETATM 1085 O  O   . HOH J 3 .  ? -4.777  -5.092  0.318   1.00 40.94 ? 75  HOH A O   1 
HETATM 1086 O  O   . HOH J 3 .  ? 3.392   19.442  -8.988  1.00 47.75 ? 76  HOH A O   1 
HETATM 1087 O  O   . HOH J 3 .  ? -6.165  2.715   10.547  1.00 46.07 ? 77  HOH A O   1 
HETATM 1088 O  O   . HOH J 3 .  ? -7.248  15.670  10.668  1.00 42.97 ? 78  HOH A O   1 
HETATM 1089 O  O   . HOH J 3 .  ? -10.785 7.696   5.370   1.00 40.60 ? 79  HOH A O   1 
HETATM 1090 O  O   . HOH J 3 .  ? -1.122  -6.350  2.629   1.00 44.29 ? 80  HOH A O   1 
HETATM 1091 O  O   . HOH J 3 .  ? -0.625  9.812   -10.052 1.00 46.85 ? 81  HOH A O   1 
HETATM 1092 O  O   . HOH J 3 .  ? -3.616  2.901   11.313  1.00 46.03 ? 82  HOH A O   1 
HETATM 1093 O  O   . HOH J 3 .  ? -5.513  10.492  14.115  1.00 44.81 ? 83  HOH A O   1 
HETATM 1094 O  O   . HOH J 3 .  ? -9.442  14.139  12.948  1.00 51.16 ? 84  HOH A O   1 
HETATM 1095 O  O   . HOH J 3 .  ? -1.625  20.739  7.064   1.00 33.84 ? 85  HOH A O   1 
HETATM 1096 O  O   . HOH J 3 .  ? 2.140   13.155  6.049   1.00 41.12 ? 86  HOH A O   1 
HETATM 1097 O  O   . HOH J 3 .  ? 5.493   18.811  5.930   1.00 39.24 ? 87  HOH A O   1 
HETATM 1098 O  O   . HOH J 3 .  ? 1.064   14.057  -1.685  1.00 39.02 ? 88  HOH A O   1 
HETATM 1099 O  O   . HOH J 3 .  ? -2.808  2.992   -9.452  1.00 45.03 ? 89  HOH A O   1 
HETATM 1100 O  O   . HOH J 3 .  ? -9.156  16.266  5.410   1.00 44.78 ? 90  HOH A O   1 
HETATM 1101 O  O   . HOH J 3 .  ? -0.432  4.810   -10.116 1.00 51.33 ? 91  HOH A O   1 
HETATM 1102 O  O   . HOH J 3 .  ? -14.847 3.846   -9.501  1.00 40.94 ? 92  HOH A O   1 
HETATM 1103 O  O   . HOH J 3 .  ? -17.377 3.459   -5.162  1.00 44.80 ? 93  HOH A O   1 
HETATM 1104 O  O   . HOH J 3 .  ? -11.386 -3.841  3.588   1.00 44.20 ? 94  HOH A O   1 
HETATM 1105 O  O   . HOH J 3 .  ? 2.131   16.621  -2.145  1.00 42.70 ? 95  HOH A O   1 
HETATM 1106 O  O   . HOH J 3 .  ? -0.147  6.277   12.771  1.00 41.34 ? 96  HOH A O   1 
HETATM 1107 O  O   . HOH J 3 .  ? -5.833  -3.061  9.622   1.00 50.00 ? 97  HOH A O   1 
HETATM 1108 O  O   . HOH J 3 .  ? -16.036 10.751  8.930   1.00 61.90 ? 98  HOH A O   1 
HETATM 1109 O  O   . HOH J 3 .  ? -1.569  17.475  11.830  1.00 50.71 ? 99  HOH A O   1 
HETATM 1110 O  O   . HOH J 3 .  ? -4.786  22.003  6.385   1.00 41.72 ? 100 HOH A O   1 
HETATM 1111 O  O   . HOH J 3 .  ? -2.678  20.849  9.386   1.00 48.12 ? 101 HOH A O   1 
HETATM 1112 O  O   . HOH J 3 .  ? -18.028 6.763   -5.731  1.00 42.41 ? 102 HOH A O   1 
HETATM 1113 O  O   . HOH J 3 .  ? -3.186  23.673  10.019  1.00 49.32 ? 103 HOH A O   1 
HETATM 1114 O  O   . HOH J 3 .  ? -1.799  -4.544  5.949   1.00 48.03 ? 104 HOH A O   1 
HETATM 1115 O  O   . HOH J 3 .  ? -9.862  -1.931  -9.385  1.00 47.16 ? 105 HOH A O   1 
HETATM 1116 O  O   . HOH J 3 .  ? 2.372   16.548  -9.388  1.00 54.63 ? 106 HOH A O   1 
HETATM 1117 O  O   . HOH J 3 .  ? -17.417 10.160  -7.693  1.00 51.73 ? 107 HOH A O   1 
HETATM 1118 O  O   . HOH J 3 .  ? -12.406 9.264   9.720   1.00 58.10 ? 108 HOH A O   1 
HETATM 1119 O  O   . HOH J 3 .  ? 4.602   14.131  -10.131 1.00 61.37 ? 109 HOH A O   1 
HETATM 1120 O  O   . HOH J 3 .  ? -4.810  16.961  11.423  1.00 46.45 ? 110 HOH A O   1 
HETATM 1121 O  O   . HOH J 3 .  ? -11.785 5.734   8.120   1.00 50.96 ? 111 HOH A O   1 
HETATM 1122 O  O   . HOH J 3 .  ? 5.186   23.600  0.962   1.00 48.36 ? 112 HOH A O   1 
HETATM 1123 O  O   . HOH J 3 .  ? -1.797  0.361   -4.648  1.00 51.61 ? 113 HOH A O   1 
HETATM 1124 O  O   . HOH K 3 .  ? 0.722   -0.937  16.470  1.00 50.37 ? 48  HOH B O   1 
HETATM 1125 O  O   . HOH K 3 .  ? 15.215  -9.416  7.788   1.00 58.55 ? 49  HOH B O   1 
HETATM 1126 O  O   . HOH K 3 .  ? 12.936  14.933  10.244  1.00 40.01 ? 50  HOH B O   1 
HETATM 1127 O  O   . HOH K 3 .  ? 10.220  -11.588 10.385  1.00 56.19 ? 51  HOH B O   1 
HETATM 1128 O  O   . HOH K 3 .  ? 16.193  -5.691  4.851   1.00 63.00 ? 52  HOH B O   1 
HETATM 1129 O  O   . HOH K 3 .  ? 0.289   -5.795  6.422   1.00 35.67 ? 53  HOH B O   1 
HETATM 1130 O  O   . HOH K 3 .  ? 8.063   17.308  3.152   1.00 38.84 ? 54  HOH B O   1 
HETATM 1131 O  O   . HOH K 3 .  ? 2.356   5.066   12.896  1.00 34.81 ? 55  HOH B O   1 
HETATM 1132 O  O   . HOH K 3 .  ? 3.579   10.910  6.585   1.00 33.09 ? 56  HOH B O   1 
HETATM 1133 O  O   . HOH K 3 .  ? 14.359  5.631   4.697   1.00 35.10 ? 57  HOH B O   1 
HETATM 1134 O  O   . HOH K 3 .  ? 10.029  2.373   -1.971  1.00 36.56 ? 58  HOH B O   1 
HETATM 1135 O  O   . HOH K 3 .  ? 2.714   12.848  2.860   1.00 37.00 ? 59  HOH B O   1 
HETATM 1136 O  O   . HOH K 3 .  ? 3.877   7.703   5.172   1.00 38.63 ? 60  HOH B O   1 
HETATM 1137 O  O   . HOH K 3 .  ? 4.002   17.142  10.308  1.00 31.85 ? 61  HOH B O   1 
HETATM 1138 O  O   . HOH K 3 .  ? 11.996  4.285   4.766   1.00 40.48 ? 62  HOH B O   1 
HETATM 1139 O  O   . HOH K 3 .  ? 13.614  0.588   3.043   1.00 45.76 ? 63  HOH B O   1 
HETATM 1140 O  O   . HOH K 3 .  ? 7.855   -6.066  -1.608  1.00 43.64 ? 64  HOH B O   1 
HETATM 1141 O  O   . HOH K 3 .  ? 2.579   14.342  0.680   1.00 36.03 ? 65  HOH B O   1 
HETATM 1142 O  O   . HOH K 3 .  ? 7.292   11.816  -0.666  1.00 36.03 ? 66  HOH B O   1 
HETATM 1143 O  O   . HOH K 3 .  ? 13.063  1.910   5.332   1.00 44.78 ? 67  HOH B O   1 
HETATM 1144 O  O   . HOH K 3 .  ? 13.969  12.135  3.485   1.00 41.62 ? 68  HOH B O   1 
HETATM 1145 O  O   . HOH K 3 .  ? 6.078   13.540  14.986  1.00 50.87 ? 69  HOH B O   1 
HETATM 1146 O  O   . HOH K 3 .  ? 3.980   13.758  13.465  1.00 42.94 ? 70  HOH B O   1 
HETATM 1147 O  O   . HOH K 3 .  ? 12.051  17.147  21.745  1.00 44.92 ? 71  HOH B O   1 
HETATM 1148 O  O   . HOH K 3 .  ? 10.833  11.975  -2.386  1.00 47.96 ? 72  HOH B O   1 
HETATM 1149 O  O   . HOH K 3 .  ? 6.819   4.579   -4.528  1.00 37.62 ? 73  HOH B O   1 
HETATM 1150 O  O   . HOH K 3 .  ? 3.567   1.974   19.588  1.00 46.10 ? 74  HOH B O   1 
HETATM 1151 O  O   . HOH K 3 .  ? 4.327   7.251   13.686  1.00 42.83 ? 75  HOH B O   1 
HETATM 1152 O  O   . HOH K 3 .  ? 3.368   9.567   11.922  1.00 41.61 ? 76  HOH B O   1 
HETATM 1153 O  O   . HOH K 3 .  ? 6.258   -11.610 7.521   1.00 53.17 ? 77  HOH B O   1 
HETATM 1154 O  O   . HOH K 3 .  ? 14.419  12.389  8.371   1.00 38.45 ? 78  HOH B O   1 
HETATM 1155 O  O   . HOH K 3 .  ? 15.027  7.714   6.743   1.00 44.03 ? 79  HOH B O   1 
HETATM 1156 O  O   . HOH K 3 .  ? 8.979   -8.683  -0.988  1.00 49.32 ? 80  HOH B O   1 
HETATM 1157 O  O   . HOH K 3 .  ? 11.543  15.514  4.057   1.00 44.97 ? 81  HOH B O   1 
HETATM 1158 O  O   . HOH K 3 .  ? 15.331  13.959  16.040  1.00 35.56 ? 82  HOH B O   1 
HETATM 1159 O  O   . HOH K 3 .  ? 16.067  16.535  16.198  1.00 44.23 ? 83  HOH B O   1 
HETATM 1160 O  O   . HOH K 3 .  ? 3.069   16.028  15.469  1.00 50.37 ? 84  HOH B O   1 
HETATM 1161 O  O   . HOH K 3 .  ? 5.193   -2.144  14.933  1.00 46.69 ? 85  HOH B O   1 
HETATM 1162 O  O   . HOH K 3 .  ? 12.269  2.354   1.789   1.00 47.88 ? 86  HOH B O   1 
HETATM 1163 O  O   . HOH K 3 .  ? 4.317   11.374  -0.334  1.00 42.01 ? 87  HOH B O   1 
HETATM 1164 O  O   . HOH K 3 .  ? 7.504   15.178  -1.339  1.00 54.85 ? 88  HOH B O   1 
HETATM 1165 O  O   . HOH K 3 .  ? 14.473  3.960   1.634   1.00 55.41 ? 89  HOH B O   1 
HETATM 1166 O  O   . HOH L 3 .  ? -4.303  -8.247  -2.588  1.00 49.54 ? 48  HOH C O   1 
HETATM 1167 O  O   . HOH L 3 .  ? -12.163 -10.163 -23.739 1.00 65.85 ? 49  HOH C O   1 
HETATM 1168 O  O   . HOH L 3 .  ? -1.917  -6.680  -22.667 1.00 57.59 ? 50  HOH C O   1 
HETATM 1169 O  O   . HOH L 3 .  ? -12.726 -7.558  -24.944 1.00 69.43 ? 51  HOH C O   1 
HETATM 1170 O  O   . HOH L 3 .  ? -9.117  -25.028 -4.852  1.00 45.76 ? 52  HOH C O   1 
HETATM 1171 O  O   . HOH L 3 .  ? 10.299  -11.903 -7.984  1.00 49.31 ? 53  HOH C O   1 
HETATM 1172 O  O   . HOH L 3 .  ? -0.716  -1.595  -10.404 1.00 56.88 ? 54  HOH C O   1 
HETATM 1173 O  O   . HOH L 3 .  ? 3.096   -21.425 0.225   1.00 54.84 ? 55  HOH C O   1 
HETATM 1174 O  O   . HOH L 3 .  ? 10.569  -10.269 -10.165 1.00 51.16 ? 56  HOH C O   1 
HETATM 1175 O  O   . HOH L 3 .  ? 3.756   -6.057  -12.318 1.00 52.97 ? 57  HOH C O   1 
HETATM 1176 O  O   . HOH L 3 .  ? 4.652   -21.693 -1.921  1.00 57.33 ? 58  HOH C O   1 
HETATM 1177 O  O   . HOH L 3 .  ? 2.404   -8.675  -7.995  1.00 29.94 ? 59  HOH C O   1 
HETATM 1178 O  O   . HOH L 3 .  ? -6.032  -7.413  -10.504 1.00 33.28 ? 60  HOH C O   1 
HETATM 1179 O  O   . HOH L 3 .  ? -5.373  -9.581  -6.768  1.00 28.78 ? 61  HOH C O   1 
HETATM 1180 O  O   . HOH L 3 .  ? 0.741   -22.163 -2.090  1.00 38.44 ? 62  HOH C O   1 
HETATM 1181 O  O   . HOH L 3 .  ? -1.415  -16.069 -14.645 1.00 42.04 ? 63  HOH C O   1 
HETATM 1182 O  O   . HOH L 3 .  ? 1.288   -9.910  -18.342 1.00 39.14 ? 64  HOH C O   1 
HETATM 1183 O  O   . HOH L 3 .  ? -3.753  -8.718  -5.083  1.00 37.15 ? 65  HOH C O   1 
HETATM 1184 O  O   . HOH L 3 .  ? 4.578   -12.256 -0.718  1.00 39.32 ? 66  HOH C O   1 
HETATM 1185 O  O   . HOH L 3 .  ? -9.743  -21.593 -4.274  1.00 42.27 ? 67  HOH C O   1 
HETATM 1186 O  O   . HOH L 3 .  ? -5.089  -5.587  -15.922 1.00 45.58 ? 68  HOH C O   1 
HETATM 1187 O  O   . HOH L 3 .  ? 0.985   -8.994  0.019   1.00 51.58 ? 69  HOH C O   1 
HETATM 1188 O  O   . HOH L 3 .  ? 8.448   -18.125 -6.910  1.00 43.63 ? 70  HOH C O   1 
HETATM 1189 O  O   . HOH L 3 .  ? 5.648   -20.146 -6.739  0.50 20.32 ? 71  HOH C O   1 
HETATM 1190 O  O   . HOH L 3 .  ? 11.765  -16.472 -8.003  1.00 54.33 ? 72  HOH C O   1 
HETATM 1191 O  O   . HOH L 3 .  ? 5.922   -9.633  -11.475 1.00 45.77 ? 73  HOH C O   1 
HETATM 1192 O  O   . HOH L 3 .  ? 7.026   -10.693 -13.796 1.00 47.79 ? 74  HOH C O   1 
HETATM 1193 O  O   . HOH L 3 .  ? -8.240  -6.754  -11.733 1.00 40.69 ? 75  HOH C O   1 
HETATM 1194 O  O   . HOH L 3 .  ? -6.977  -21.951 -11.883 1.00 35.75 ? 76  HOH C O   1 
HETATM 1195 O  O   . HOH L 3 .  ? -3.513  -16.815 -17.693 1.00 49.13 ? 77  HOH C O   1 
HETATM 1196 O  O   . HOH L 3 .  ? 2.284   -12.429 -18.471 1.00 44.60 ? 78  HOH C O   1 
HETATM 1197 O  O   . HOH L 3 .  ? 8.005   -10.146 -4.956  1.00 44.98 ? 79  HOH C O   1 
HETATM 1198 O  O   . HOH L 3 .  ? -1.320  -17.936 4.976   1.00 52.00 ? 80  HOH C O   1 
HETATM 1199 O  O   . HOH L 3 .  ? 5.352   -11.838 -17.577 1.00 46.82 ? 81  HOH C O   1 
HETATM 1200 O  O   . HOH L 3 .  ? -12.693 -21.167 -6.873  1.00 51.20 ? 82  HOH C O   1 
HETATM 1201 O  O   . HOH L 3 .  ? -9.932  -10.021 1.518   1.00 50.29 ? 83  HOH C O   1 
HETATM 1202 O  O   . HOH L 3 .  ? 2.563   -5.285  -7.862  1.00 54.73 ? 84  HOH C O   1 
HETATM 1203 O  O   . HOH L 3 .  ? -10.856 -18.887 1.811   1.00 55.66 ? 85  HOH C O   1 
HETATM 1204 O  O   . HOH L 3 .  ? -2.308  -8.442  -0.830  1.00 49.14 ? 86  HOH C O   1 
HETATM 1205 O  O   . HOH L 3 .  ? -6.012  -11.489 4.738   1.00 49.85 ? 87  HOH C O   1 
HETATM 1206 O  O   . HOH L 3 .  ? 1.043   -5.865  -17.162 1.00 52.96 ? 88  HOH C O   1 
HETATM 1207 O  O   . HOH L 3 .  ? -13.746 -24.555 -8.534  1.00 55.48 ? 89  HOH C O   1 
HETATM 1208 O  O   . HOH L 3 .  ? -5.519  -6.675  -18.811 1.00 51.51 ? 90  HOH C O   1 
HETATM 1209 O  O   . HOH L 3 .  ? -4.634  -9.916  -9.310  1.00 41.13 ? 91  HOH C O   1 
HETATM 1210 O  O   . HOH L 3 .  ? -9.126  -19.849 -18.578 1.00 54.79 ? 92  HOH C O   1 
HETATM 1211 O  O   . HOH L 3 .  ? 7.994   -11.029 -2.398  1.00 54.02 ? 93  HOH C O   1 
HETATM 1212 O  O   . HOH L 3 .  ? -14.279 -26.650 -10.207 1.00 60.32 ? 94  HOH C O   1 
HETATM 1213 O  O   . HOH L 3 .  ? 6.847   -7.702  -5.572  1.00 45.24 ? 95  HOH C O   1 
HETATM 1214 O  O   . HOH L 3 .  ? 6.362   -7.095  -7.938  1.00 50.00 ? 96  HOH C O   1 
HETATM 1215 O  O   . HOH L 3 .  ? -4.768  -10.910 -19.298 1.00 56.38 ? 97  HOH C O   1 
# 
